data_5FVN
#
_entry.id   5FVN
#
_cell.length_a   109.749
_cell.length_b   123.260
_cell.length_c   116.010
_cell.angle_alpha   90.00
_cell.angle_beta   91.01
_cell.angle_gamma   90.00
#
_symmetry.space_group_name_H-M   'P 1 21 1'
#
loop_
_entity.id
_entity.type
_entity.pdbx_description
1 polymer 'OMPC PORIN'
2 branched '3-deoxy-alpha-D-manno-oct-2-ulopyranosonic acid-(2-6)-2-amino-2-deoxy-4-O-phosphono-beta-D-glucopyranose-(1-6)-2-amino-2-deoxy-1-O-phosphono-alpha-D-glucopyranose'
3 branched '3-deoxy-alpha-D-manno-oct-2-ulopyranosonic acid-(2-4)-[L-glycero-alpha-D-manno-heptopyranose-(1-5)]3-deoxy-alpha-D-manno-oct-2-ulopyranosonic acid-(2-6)-2-amino-2-deoxy-4-O-phosphono-beta-D-glucopyranose-(1-6)-2-amino-2-deoxy-1-O-phosphono-alpha-D-glucopyranose'
4 branched '3-deoxy-alpha-D-manno-oct-2-ulopyranosonic acid-(2-4)-3-deoxy-alpha-D-manno-oct-2-ulopyranosonic acid-(2-6)-2-amino-2-deoxy-4-O-phosphono-beta-D-glucopyranose-(1-6)-2-amino-2-deoxy-1-O-phosphono-alpha-D-glucopyranose'
5 non-polymer 'SULFATE ION'
6 non-polymer (HYDROXYETHYLOXY)TRI(ETHYLOXY)OCTANE
7 non-polymer 'PHOSPHATE ION'
8 non-polymer '3-deoxy-alpha-D-manno-oct-2-ulopyranosonic acid'
9 non-polymer '3-HYDROXY-TETRADECANOIC ACID'
10 non-polymer 'MYRISTIC ACID'
11 non-polymer 'LAURIC ACID'
12 non-polymer 'CALCIUM ION'
13 water water
#
_entity_poly.entity_id   1
_entity_poly.type   'polypeptide(L)'
_entity_poly.pdbx_seq_one_letter_code
;AEIYNKDGNKLDLYGKVDGLHYFSDDDSQDGDQTYMRLGFKGETQVNDQLTGYGQWEYQIQGNSGENENNSWTRVAFAGL
KFGDAGSFDYGRNYGVVYDVTSWTDVLPEFGGDTYGSDNFMQQRGNGFATYRNSDFFGLVDGLNFAVQYQGKNGSASGED
QTNNGRTELRQNGDGVGGSITYNLGEGFGIGTAVSSSKRTSSQNDLTYGNGDRAETYTGGLKYDANNIYLAAQYTQTYNA
TRVGNLGWANKAQNFEVVAQYQFDFGLRPSVAYLQSKGKDLENGYGDQDLLKYVDVGATYYFNKNMSTYVDYKINLLDDK
EFTRNAGISTDDIVALGLVYQF
;
_entity_poly.pdbx_strand_id   A,B,C,D,E,F
#
# COMPACT_ATOMS: atom_id res chain seq x y z
N ALA A 1 1.00 -13.01 -5.52
CA ALA A 1 0.92 -12.06 -4.36
C ALA A 1 -0.24 -11.12 -4.63
N GLU A 2 -1.04 -10.83 -3.59
CA GLU A 2 -2.07 -9.80 -3.73
C GLU A 2 -1.38 -8.45 -3.80
N ILE A 3 -1.51 -7.77 -4.93
CA ILE A 3 -0.85 -6.49 -5.15
C ILE A 3 -1.83 -5.33 -5.20
N TYR A 4 -3.12 -5.64 -5.19
CA TYR A 4 -4.19 -4.61 -5.25
C TYR A 4 -5.43 -5.14 -4.58
N ASN A 5 -6.03 -4.28 -3.73
CA ASN A 5 -7.26 -4.63 -3.02
C ASN A 5 -7.88 -3.29 -2.59
N LYS A 6 -8.89 -2.86 -3.34
CA LYS A 6 -9.45 -1.51 -3.15
C LYS A 6 -10.83 -1.45 -3.76
N ASP A 7 -11.78 -0.81 -3.07
CA ASP A 7 -13.10 -0.52 -3.63
C ASP A 7 -13.77 -1.73 -4.29
N GLY A 8 -13.65 -2.89 -3.65
CA GLY A 8 -14.32 -4.10 -4.09
C GLY A 8 -13.59 -4.99 -5.11
N ASN A 9 -12.42 -4.54 -5.58
CA ASN A 9 -11.61 -5.28 -6.64
CA ASN A 9 -11.65 -5.23 -6.58
C ASN A 9 -10.31 -5.68 -6.01
N LYS A 10 -9.91 -6.92 -6.29
CA LYS A 10 -8.61 -7.37 -5.86
C LYS A 10 -7.91 -8.10 -6.98
N LEU A 11 -6.59 -8.03 -6.93
CA LEU A 11 -5.75 -8.63 -7.98
CA LEU A 11 -5.75 -8.64 -7.98
C LEU A 11 -4.54 -9.28 -7.37
N ASP A 12 -4.34 -10.55 -7.70
CA ASP A 12 -3.19 -11.32 -7.28
C ASP A 12 -2.34 -11.50 -8.55
N LEU A 13 -1.12 -10.99 -8.52
CA LEU A 13 -0.16 -11.21 -9.60
C LEU A 13 0.81 -12.22 -9.06
N TYR A 14 0.94 -13.37 -9.74
CA TYR A 14 1.72 -14.46 -9.20
C TYR A 14 2.63 -15.02 -10.28
N GLY A 15 3.61 -15.80 -9.85
CA GLY A 15 4.50 -16.41 -10.81
C GLY A 15 5.55 -17.23 -10.13
N LYS A 16 6.40 -17.83 -10.95
CA LYS A 16 7.48 -18.66 -10.48
C LYS A 16 8.61 -18.66 -11.46
N VAL A 17 9.82 -18.84 -10.96
CA VAL A 17 10.97 -19.15 -11.79
C VAL A 17 11.51 -20.46 -11.27
N ASP A 18 11.57 -21.46 -12.16
CA ASP A 18 12.10 -22.79 -11.84
C ASP A 18 13.42 -22.98 -12.58
N GLY A 19 14.53 -22.88 -11.86
CA GLY A 19 15.84 -23.22 -12.39
C GLY A 19 15.97 -24.73 -12.35
N LEU A 20 15.93 -25.35 -13.52
CA LEU A 20 15.59 -26.77 -13.62
C LEU A 20 16.51 -27.43 -14.63
N HIS A 21 17.08 -28.57 -14.24
CA HIS A 21 17.97 -29.35 -15.13
C HIS A 21 17.54 -30.80 -15.11
N TYR A 22 17.50 -31.41 -16.30
CA TYR A 22 17.22 -32.85 -16.44
C TYR A 22 18.51 -33.59 -16.83
N PHE A 23 18.65 -34.80 -16.29
CA PHE A 23 19.75 -35.71 -16.64
C PHE A 23 19.11 -36.97 -17.17
N SER A 24 19.38 -37.27 -18.45
CA SER A 24 18.75 -38.41 -19.11
C SER A 24 19.56 -38.86 -20.30
N ASP A 25 19.54 -40.17 -20.54
CA ASP A 25 20.05 -40.70 -21.81
C ASP A 25 19.17 -40.31 -23.02
N ASP A 26 17.93 -39.88 -22.79
CA ASP A 26 17.07 -39.39 -23.84
C ASP A 26 17.46 -37.95 -24.12
N ASP A 27 18.11 -37.72 -25.26
CA ASP A 27 18.63 -36.40 -25.62
C ASP A 27 17.52 -35.39 -25.87
N SER A 28 16.29 -35.84 -26.08
CA SER A 28 15.15 -34.92 -26.21
C SER A 28 14.66 -34.41 -24.85
N GLN A 29 15.12 -35.03 -23.76
CA GLN A 29 14.79 -34.60 -22.38
C GLN A 29 15.99 -33.99 -21.66
N ASP A 30 17.19 -34.50 -21.93
CA ASP A 30 18.40 -34.12 -21.22
C ASP A 30 18.68 -32.61 -21.36
N GLY A 31 19.18 -32.03 -20.29
CA GLY A 31 19.72 -30.69 -20.31
C GLY A 31 18.92 -29.64 -19.54
N ASP A 32 19.16 -28.39 -19.90
CA ASP A 32 18.52 -27.27 -19.19
C ASP A 32 17.02 -27.23 -19.52
N GLN A 33 16.20 -27.16 -18.46
CA GLN A 33 14.75 -27.14 -18.57
C GLN A 33 14.13 -25.91 -17.83
N THR A 34 14.95 -24.90 -17.55
CA THR A 34 14.50 -23.70 -16.83
C THR A 34 13.27 -23.09 -17.49
N TYR A 35 12.30 -22.68 -16.67
CA TYR A 35 11.10 -22.03 -17.18
C TYR A 35 10.56 -21.09 -16.11
N MET A 36 9.67 -20.20 -16.55
CA MET A 36 8.93 -19.34 -15.63
C MET A 36 7.45 -19.39 -15.97
N ARG A 37 6.62 -19.06 -14.98
CA ARG A 37 5.21 -18.79 -15.24
C ARG A 37 4.87 -17.42 -14.66
N LEU A 38 3.87 -16.79 -15.26
CA LEU A 38 3.29 -15.56 -14.74
C LEU A 38 1.79 -15.67 -14.87
N GLY A 39 1.07 -15.08 -13.93
CA GLY A 39 -0.37 -15.09 -14.01
C GLY A 39 -1.02 -14.04 -13.15
N PHE A 40 -2.32 -13.88 -13.35
CA PHE A 40 -3.10 -13.10 -12.41
C PHE A 40 -4.40 -13.78 -12.11
N LYS A 41 -4.95 -13.46 -10.92
CA LYS A 41 -6.27 -13.90 -10.52
C LYS A 41 -6.92 -12.65 -9.96
N GLY A 42 -7.99 -12.20 -10.60
CA GLY A 42 -8.72 -11.00 -10.18
C GLY A 42 -10.12 -11.35 -9.76
N GLU A 43 -10.67 -10.55 -8.83
CA GLU A 43 -12.02 -10.77 -8.35
C GLU A 43 -12.64 -9.41 -8.00
N THR A 44 -13.89 -9.23 -8.43
CA THR A 44 -14.62 -7.99 -8.18
C THR A 44 -15.96 -8.32 -7.56
N GLN A 45 -16.26 -7.66 -6.44
CA GLN A 45 -17.55 -7.84 -5.79
C GLN A 45 -18.57 -6.98 -6.55
N VAL A 46 -19.61 -7.59 -7.09
CA VAL A 46 -20.63 -6.87 -7.83
C VAL A 46 -21.73 -6.47 -6.85
N ASN A 47 -22.28 -7.48 -6.18
CA ASN A 47 -23.26 -7.26 -5.13
C ASN A 47 -23.20 -8.40 -4.10
N ASP A 48 -24.13 -8.40 -3.14
CA ASP A 48 -24.16 -9.44 -2.11
C ASP A 48 -24.10 -10.88 -2.59
N GLN A 49 -24.73 -11.15 -3.73
CA GLN A 49 -24.85 -12.51 -4.26
C GLN A 49 -24.13 -12.70 -5.59
N LEU A 50 -23.21 -11.80 -5.93
CA LEU A 50 -22.52 -11.90 -7.19
C LEU A 50 -21.08 -11.37 -7.15
N THR A 51 -20.13 -12.23 -7.54
CA THR A 51 -18.75 -11.84 -7.69
C THR A 51 -18.27 -12.18 -9.10
N GLY A 52 -17.56 -11.27 -9.74
CA GLY A 52 -16.93 -11.57 -11.04
C GLY A 52 -15.48 -11.91 -10.85
N TYR A 53 -14.94 -12.70 -11.77
CA TYR A 53 -13.54 -13.07 -11.67
C TYR A 53 -12.93 -13.34 -13.02
N GLY A 54 -11.60 -13.27 -13.04
CA GLY A 54 -10.82 -13.62 -14.22
C GLY A 54 -9.49 -14.17 -13.80
N GLN A 55 -8.98 -15.11 -14.57
CA GLN A 55 -7.69 -15.67 -14.30
C GLN A 55 -6.96 -15.94 -15.61
N TRP A 56 -5.65 -15.74 -15.57
CA TRP A 56 -4.78 -15.97 -16.72
C TRP A 56 -3.46 -16.48 -16.20
N GLU A 57 -2.90 -17.49 -16.88
CA GLU A 57 -1.60 -18.02 -16.48
C GLU A 57 -0.86 -18.39 -17.76
N TYR A 58 0.40 -18.01 -17.81
CA TYR A 58 1.25 -18.10 -19.01
C TYR A 58 2.57 -18.72 -18.64
N GLN A 59 3.08 -19.59 -19.51
CA GLN A 59 4.42 -20.16 -19.34
C GLN A 59 5.36 -19.65 -20.39
N ILE A 60 6.56 -19.27 -19.96
CA ILE A 60 7.61 -18.84 -20.89
C ILE A 60 8.85 -19.66 -20.59
N GLN A 61 9.28 -20.46 -21.58
CA GLN A 61 10.48 -21.23 -21.38
C GLN A 61 11.70 -20.32 -21.19
N GLY A 62 12.57 -20.72 -20.26
CA GLY A 62 13.81 -19.99 -19.96
C GLY A 62 15.06 -20.71 -20.39
N ASN A 63 14.88 -21.73 -21.23
CA ASN A 63 15.97 -22.58 -21.67
C ASN A 63 16.31 -22.44 -23.15
N SER A 64 15.79 -21.41 -23.83
CA SER A 64 16.13 -21.15 -25.21
C SER A 64 17.04 -19.96 -25.33
N GLY A 65 17.66 -19.84 -26.50
CA GLY A 65 18.38 -18.64 -26.87
C GLY A 65 17.45 -17.53 -27.30
N GLU A 66 18.04 -16.37 -27.55
CA GLU A 66 17.25 -15.13 -27.75
C GLU A 66 16.70 -15.00 -29.15
N ASN A 67 17.10 -15.92 -30.04
CA ASN A 67 16.53 -16.00 -31.37
C ASN A 67 15.21 -16.76 -31.46
N GLU A 68 14.71 -17.27 -30.34
CA GLU A 68 13.41 -17.88 -30.33
C GLU A 68 12.71 -17.67 -29.00
N ASN A 69 11.43 -17.95 -29.01
CA ASN A 69 10.58 -17.81 -27.85
C ASN A 69 9.57 -18.93 -27.87
N ASN A 70 9.56 -19.70 -26.79
CA ASN A 70 8.62 -20.78 -26.61
C ASN A 70 7.76 -20.49 -25.39
N SER A 71 6.53 -20.08 -25.68
CA SER A 71 5.61 -19.65 -24.62
C SER A 71 4.20 -20.04 -24.97
N TRP A 72 3.34 -20.10 -23.96
CA TRP A 72 1.96 -20.48 -24.20
C TRP A 72 1.06 -20.11 -23.03
N THR A 73 -0.21 -19.97 -23.36
CA THR A 73 -1.25 -19.73 -22.36
C THR A 73 -1.68 -21.06 -21.75
N ARG A 74 -1.57 -21.16 -20.43
CA ARG A 74 -2.10 -22.31 -19.70
C ARG A 74 -3.60 -22.19 -19.50
N VAL A 75 -4.01 -21.08 -18.84
CA VAL A 75 -5.45 -20.80 -18.68
C VAL A 75 -5.73 -19.32 -18.98
N ALA A 76 -6.98 -19.06 -19.36
CA ALA A 76 -7.46 -17.67 -19.58
C ALA A 76 -8.96 -17.76 -19.58
N PHE A 77 -9.59 -17.33 -18.47
CA PHE A 77 -11.03 -17.43 -18.36
C PHE A 77 -11.62 -16.32 -17.52
N ALA A 78 -12.90 -16.08 -17.76
CA ALA A 78 -13.70 -15.10 -17.00
C ALA A 78 -14.91 -15.83 -16.47
N GLY A 79 -15.38 -15.38 -15.30
CA GLY A 79 -16.52 -16.04 -14.68
C GLY A 79 -17.31 -15.19 -13.70
N LEU A 80 -18.41 -15.79 -13.26
CA LEU A 80 -19.33 -15.20 -12.27
C LEU A 80 -19.61 -16.26 -11.23
N LYS A 81 -19.60 -15.84 -9.96
CA LYS A 81 -19.97 -16.71 -8.86
C LYS A 81 -21.21 -16.08 -8.18
N PHE A 82 -22.25 -16.90 -8.01
CA PHE A 82 -23.59 -16.45 -7.58
C PHE A 82 -23.86 -17.02 -6.18
N GLY A 83 -23.03 -16.68 -5.20
CA GLY A 83 -23.25 -17.12 -3.82
C GLY A 83 -23.25 -18.64 -3.73
N ASP A 84 -24.37 -19.23 -3.28
CA ASP A 84 -24.46 -20.72 -3.10
C ASP A 84 -25.07 -21.37 -4.35
N ALA A 85 -25.52 -20.59 -5.32
CA ALA A 85 -26.09 -21.11 -6.56
C ALA A 85 -25.04 -21.63 -7.51
N GLY A 86 -23.77 -21.32 -7.24
CA GLY A 86 -22.65 -21.88 -8.02
C GLY A 86 -21.90 -20.84 -8.82
N SER A 87 -20.96 -21.32 -9.63
CA SER A 87 -20.16 -20.45 -10.51
C SER A 87 -20.23 -20.92 -11.96
N PHE A 88 -20.01 -19.96 -12.85
CA PHE A 88 -19.89 -20.24 -14.28
C PHE A 88 -18.68 -19.52 -14.82
N ASP A 89 -17.84 -20.23 -15.56
CA ASP A 89 -16.76 -19.57 -16.27
C ASP A 89 -16.58 -20.12 -17.68
N TYR A 90 -15.95 -19.30 -18.51
CA TYR A 90 -15.69 -19.67 -19.91
C TYR A 90 -14.31 -19.20 -20.30
N GLY A 91 -13.59 -20.07 -21.03
CA GLY A 91 -12.32 -19.70 -21.65
C GLY A 91 -11.42 -20.90 -21.76
N ARG A 92 -10.12 -20.65 -21.76
CA ARG A 92 -9.14 -21.77 -21.67
C ARG A 92 -9.06 -22.15 -20.22
N ASN A 93 -9.32 -23.42 -19.91
CA ASN A 93 -9.40 -23.85 -18.51
C ASN A 93 -9.09 -25.34 -18.43
N TYR A 94 -9.22 -25.92 -17.24
CA TYR A 94 -9.06 -27.36 -17.03
C TYR A 94 -10.37 -28.09 -17.26
N GLY A 95 -10.28 -29.21 -17.97
CA GLY A 95 -11.40 -30.10 -18.10
C GLY A 95 -11.77 -30.72 -16.76
N VAL A 96 -13.06 -31.04 -16.61
CA VAL A 96 -13.55 -31.53 -15.31
C VAL A 96 -13.01 -32.89 -14.90
N VAL A 97 -12.47 -33.66 -15.86
CA VAL A 97 -11.81 -34.93 -15.53
C VAL A 97 -10.68 -34.68 -14.51
N TYR A 98 -9.99 -33.54 -14.66
CA TYR A 98 -8.85 -33.21 -13.83
C TYR A 98 -9.30 -32.87 -12.39
N ASP A 99 -10.60 -32.65 -12.20
CA ASP A 99 -11.11 -32.46 -10.82
C ASP A 99 -10.77 -33.68 -9.95
N VAL A 100 -10.64 -34.85 -10.57
CA VAL A 100 -10.28 -36.08 -9.87
C VAL A 100 -8.84 -36.51 -10.19
N THR A 101 -8.44 -36.51 -11.46
CA THR A 101 -7.09 -36.95 -11.76
C THR A 101 -6.00 -36.04 -11.19
N SER A 102 -6.34 -34.78 -10.87
CA SER A 102 -5.38 -33.91 -10.21
C SER A 102 -4.93 -34.42 -8.86
N TRP A 103 -5.70 -35.32 -8.23
CA TRP A 103 -5.33 -35.80 -6.91
C TRP A 103 -4.00 -36.56 -6.91
N THR A 104 -3.59 -37.11 -8.06
CA THR A 104 -2.28 -37.75 -8.15
C THR A 104 -1.21 -36.91 -8.85
N ASP A 105 -1.58 -35.70 -9.32
CA ASP A 105 -0.66 -34.84 -10.07
C ASP A 105 0.04 -33.93 -9.07
N VAL A 106 0.83 -34.56 -8.20
CA VAL A 106 1.43 -33.89 -7.03
C VAL A 106 2.92 -34.22 -6.86
N LEU A 107 3.55 -34.74 -7.91
CA LEU A 107 4.94 -35.19 -7.79
C LEU A 107 5.87 -33.98 -7.86
N PRO A 108 7.13 -34.12 -7.42
CA PRO A 108 8.03 -32.97 -7.42
C PRO A 108 8.23 -32.34 -8.79
N GLU A 109 8.36 -33.16 -9.84
CA GLU A 109 8.55 -32.70 -11.23
C GLU A 109 7.74 -33.48 -12.26
N PHE A 110 7.75 -34.81 -12.15
CA PHE A 110 7.10 -35.67 -13.15
C PHE A 110 5.63 -35.88 -12.76
N GLY A 111 5.02 -36.97 -13.21
CA GLY A 111 3.63 -37.25 -12.87
C GLY A 111 2.66 -36.51 -13.75
N GLY A 112 1.38 -36.87 -13.59
CA GLY A 112 0.30 -36.17 -14.29
C GLY A 112 0.28 -36.41 -15.77
N ASP A 113 0.86 -37.54 -16.21
CA ASP A 113 1.15 -37.71 -17.63
C ASP A 113 0.59 -39.01 -18.24
N THR A 114 -0.47 -39.57 -17.67
CA THR A 114 -1.29 -40.53 -18.40
C THR A 114 -2.26 -39.83 -19.41
N TYR A 115 -2.22 -38.51 -19.44
CA TYR A 115 -3.02 -37.64 -20.31
C TYR A 115 -2.14 -36.41 -20.52
N GLY A 116 -2.58 -35.52 -21.38
CA GLY A 116 -1.86 -34.26 -21.59
C GLY A 116 -2.79 -33.08 -21.76
N SER A 117 -2.21 -31.99 -22.25
CA SER A 117 -2.97 -30.77 -22.52
CA SER A 117 -2.96 -30.78 -22.53
C SER A 117 -3.61 -30.86 -23.90
N ASP A 118 -4.68 -30.12 -24.11
CA ASP A 118 -5.46 -30.12 -25.35
C ASP A 118 -5.78 -31.55 -25.73
N ASN A 119 -6.24 -32.32 -24.76
CA ASN A 119 -6.43 -33.77 -24.89
C ASN A 119 -7.87 -34.07 -24.48
N PHE A 120 -8.78 -33.66 -25.37
CA PHE A 120 -10.22 -33.67 -25.08
C PHE A 120 -10.48 -32.99 -23.72
N MET A 121 -11.33 -33.55 -22.86
CA MET A 121 -11.69 -32.81 -21.61
C MET A 121 -10.83 -33.28 -20.43
N GLN A 122 -9.62 -33.80 -20.70
CA GLN A 122 -8.83 -34.40 -19.63
C GLN A 122 -7.99 -33.41 -18.79
N GLN A 123 -7.56 -32.30 -19.39
CA GLN A 123 -6.71 -31.35 -18.67
C GLN A 123 -6.92 -29.96 -19.30
N ARG A 124 -5.89 -29.17 -19.54
CA ARG A 124 -6.12 -27.83 -20.05
C ARG A 124 -6.60 -27.92 -21.50
N GLY A 125 -7.46 -26.98 -21.89
CA GLY A 125 -8.01 -26.98 -23.24
C GLY A 125 -8.84 -25.75 -23.53
N ASN A 126 -9.12 -25.49 -24.80
CA ASN A 126 -9.82 -24.29 -25.19
C ASN A 126 -11.33 -24.44 -25.16
N GLY A 127 -12.00 -23.35 -24.80
CA GLY A 127 -13.44 -23.24 -25.02
C GLY A 127 -14.32 -24.00 -24.06
N PHE A 128 -13.87 -24.14 -22.81
CA PHE A 128 -14.67 -24.79 -21.76
C PHE A 128 -15.65 -23.80 -21.13
N ALA A 129 -16.91 -24.19 -21.13
CA ALA A 129 -17.97 -23.53 -20.36
C ALA A 129 -18.23 -24.42 -19.16
N THR A 130 -17.97 -23.91 -17.95
CA THR A 130 -17.93 -24.77 -16.77
C THR A 130 -18.82 -24.23 -15.65
N TYR A 131 -19.80 -25.05 -15.25
CA TYR A 131 -20.63 -24.77 -14.09
C TYR A 131 -20.08 -25.59 -12.91
N ARG A 132 -19.91 -24.93 -11.76
CA ARG A 132 -19.43 -25.58 -10.54
C ARG A 132 -20.34 -25.25 -9.36
N ASN A 133 -20.51 -26.21 -8.46
CA ASN A 133 -21.22 -25.99 -7.22
C ASN A 133 -20.49 -26.68 -6.08
N SER A 134 -20.13 -25.89 -5.05
CA SER A 134 -19.47 -26.40 -3.85
C SER A 134 -20.49 -26.52 -2.72
N ASP A 135 -20.43 -27.62 -2.00
CA ASP A 135 -21.25 -27.87 -0.79
C ASP A 135 -22.75 -27.99 -1.13
N PHE A 136 -23.04 -28.48 -2.33
CA PHE A 136 -24.37 -28.69 -2.89
C PHE A 136 -25.37 -27.63 -2.45
N PHE A 137 -25.16 -26.43 -2.98
CA PHE A 137 -26.08 -25.33 -2.71
C PHE A 137 -26.15 -24.89 -1.23
N GLY A 138 -25.06 -25.10 -0.50
CA GLY A 138 -25.00 -24.84 0.90
C GLY A 138 -25.74 -25.85 1.76
N LEU A 139 -26.22 -26.96 1.16
CA LEU A 139 -27.03 -27.96 1.86
C LEU A 139 -26.23 -29.20 2.26
N VAL A 140 -25.11 -29.50 1.60
CA VAL A 140 -24.38 -30.73 1.92
C VAL A 140 -22.89 -30.38 1.95
N ASP A 141 -22.38 -30.10 3.14
CA ASP A 141 -20.96 -29.77 3.29
C ASP A 141 -20.07 -30.87 2.67
N GLY A 142 -19.10 -30.44 1.85
CA GLY A 142 -18.13 -31.34 1.25
C GLY A 142 -18.51 -32.09 -0.02
N LEU A 143 -19.72 -31.88 -0.54
CA LEU A 143 -20.15 -32.50 -1.76
C LEU A 143 -20.05 -31.41 -2.85
N ASN A 144 -19.14 -31.63 -3.82
CA ASN A 144 -18.94 -30.67 -4.93
C ASN A 144 -19.31 -31.37 -6.22
N PHE A 145 -19.84 -30.63 -7.19
CA PHE A 145 -19.96 -31.19 -8.53
C PHE A 145 -19.73 -30.13 -9.60
N ALA A 146 -19.48 -30.59 -10.83
CA ALA A 146 -19.31 -29.69 -11.93
C ALA A 146 -19.92 -30.32 -13.17
N VAL A 147 -20.37 -29.45 -14.07
CA VAL A 147 -20.87 -29.84 -15.38
C VAL A 147 -20.22 -28.93 -16.40
N GLN A 148 -19.73 -29.51 -17.50
CA GLN A 148 -18.88 -28.76 -18.39
C GLN A 148 -19.21 -29.10 -19.83
N TYR A 149 -19.12 -28.09 -20.69
CA TYR A 149 -19.22 -28.25 -22.15
C TYR A 149 -17.93 -27.73 -22.77
N GLN A 150 -17.47 -28.38 -23.85
CA GLN A 150 -16.38 -27.88 -24.64
C GLN A 150 -16.83 -27.78 -26.09
N GLY A 151 -16.74 -26.60 -26.68
CA GLY A 151 -17.01 -26.44 -28.11
C GLY A 151 -15.89 -27.02 -28.97
N LYS A 152 -16.26 -27.47 -30.16
CA LYS A 152 -15.32 -27.91 -31.19
C LYS A 152 -14.12 -26.95 -31.33
N ASN A 153 -12.92 -27.51 -31.31
CA ASN A 153 -11.69 -26.84 -31.73
C ASN A 153 -11.13 -27.73 -32.83
N GLY A 154 -11.30 -27.28 -34.07
CA GLY A 154 -11.06 -28.11 -35.24
C GLY A 154 -9.77 -27.82 -35.97
N SER A 155 -9.83 -28.01 -37.29
CA SER A 155 -8.66 -27.88 -38.14
C SER A 155 -8.45 -26.45 -38.63
N ALA A 156 -7.27 -26.18 -39.17
CA ALA A 156 -6.95 -24.89 -39.76
C ALA A 156 -7.72 -24.63 -41.04
N SER A 157 -8.08 -25.69 -41.76
CA SER A 157 -8.77 -25.57 -43.03
C SER A 157 -9.60 -26.81 -43.29
N GLY A 158 -10.46 -26.70 -44.29
CA GLY A 158 -11.20 -27.84 -44.79
C GLY A 158 -12.38 -28.18 -43.88
N GLU A 159 -12.71 -29.47 -43.86
CA GLU A 159 -14.00 -29.93 -43.38
C GLU A 159 -14.20 -29.63 -41.88
N ASP A 160 -13.14 -29.76 -41.08
CA ASP A 160 -13.26 -29.54 -39.63
C ASP A 160 -12.95 -28.13 -39.16
N GLN A 161 -12.89 -27.17 -40.07
CA GLN A 161 -12.29 -25.87 -39.72
C GLN A 161 -13.05 -25.14 -38.63
N THR A 162 -12.30 -24.60 -37.69
CA THR A 162 -12.78 -23.54 -36.79
C THR A 162 -11.77 -22.40 -36.86
N ASN A 163 -12.10 -21.25 -36.26
CA ASN A 163 -11.23 -20.09 -36.39
C ASN A 163 -9.84 -20.37 -35.82
N ASN A 164 -9.81 -21.23 -34.80
CA ASN A 164 -8.65 -21.47 -33.97
C ASN A 164 -8.11 -22.86 -34.20
N GLY A 165 -7.99 -23.21 -35.48
CA GLY A 165 -7.64 -24.56 -35.89
C GLY A 165 -6.28 -24.99 -35.43
N ARG A 166 -6.12 -26.31 -35.27
CA ARG A 166 -4.86 -26.88 -34.83
C ARG A 166 -4.72 -28.32 -35.34
N THR A 167 -3.55 -28.88 -35.12
CA THR A 167 -3.21 -30.23 -35.50
C THR A 167 -4.12 -31.24 -34.80
N GLU A 168 -4.28 -32.40 -35.44
CA GLU A 168 -5.26 -33.41 -35.06
C GLU A 168 -5.14 -33.86 -33.59
N LEU A 169 -3.92 -34.01 -33.09
CA LEU A 169 -3.71 -34.49 -31.73
C LEU A 169 -4.22 -33.52 -30.67
N ARG A 170 -4.48 -32.26 -31.07
CA ARG A 170 -4.98 -31.25 -30.14
C ARG A 170 -6.38 -30.73 -30.52
N GLN A 171 -7.08 -31.42 -31.41
CA GLN A 171 -8.44 -31.10 -31.77
C GLN A 171 -9.45 -31.75 -30.85
N ASN A 172 -10.68 -31.25 -30.93
CA ASN A 172 -11.82 -31.91 -30.31
C ASN A 172 -13.08 -31.46 -31.04
N GLY A 173 -14.11 -32.29 -30.97
CA GLY A 173 -15.44 -31.91 -31.34
C GLY A 173 -16.16 -31.43 -30.09
N ASP A 174 -17.46 -31.20 -30.23
CA ASP A 174 -18.28 -30.75 -29.09
C ASP A 174 -18.28 -31.84 -28.01
N GLY A 175 -18.10 -31.42 -26.75
CA GLY A 175 -17.97 -32.36 -25.66
C GLY A 175 -18.75 -31.99 -24.42
N VAL A 176 -19.08 -32.98 -23.62
CA VAL A 176 -19.75 -32.80 -22.32
C VAL A 176 -19.11 -33.69 -21.27
N GLY A 177 -18.97 -33.16 -20.06
CA GLY A 177 -18.48 -33.96 -18.95
C GLY A 177 -18.98 -33.46 -17.61
N GLY A 178 -18.72 -34.23 -16.58
CA GLY A 178 -19.08 -33.87 -15.21
C GLY A 178 -18.19 -34.53 -14.20
N SER A 179 -18.16 -33.95 -13.00
CA SER A 179 -17.45 -34.53 -11.88
C SER A 179 -18.26 -34.40 -10.61
N ILE A 180 -17.99 -35.29 -9.66
CA ILE A 180 -18.54 -35.24 -8.33
C ILE A 180 -17.41 -35.63 -7.38
N THR A 181 -17.22 -34.82 -6.33
CA THR A 181 -16.28 -35.19 -5.27
C THR A 181 -16.98 -35.05 -3.93
N TYR A 182 -16.55 -35.88 -3.00
CA TYR A 182 -17.14 -35.85 -1.65
C TYR A 182 -16.07 -36.01 -0.58
N ASN A 183 -16.14 -35.12 0.42
CA ASN A 183 -15.27 -35.17 1.57
C ASN A 183 -15.92 -36.09 2.58
N LEU A 184 -15.32 -37.26 2.77
CA LEU A 184 -15.82 -38.30 3.68
C LEU A 184 -15.51 -38.01 5.15
N GLY A 185 -14.55 -37.09 5.33
CA GLY A 185 -14.15 -36.62 6.64
C GLY A 185 -12.85 -37.27 7.05
N GLU A 186 -12.22 -36.73 8.09
CA GLU A 186 -11.00 -37.30 8.68
C GLU A 186 -9.85 -37.45 7.66
N GLY A 187 -9.83 -36.60 6.64
CA GLY A 187 -8.80 -36.62 5.60
C GLY A 187 -9.16 -37.35 4.32
N PHE A 188 -10.30 -38.05 4.31
CA PHE A 188 -10.63 -38.93 3.17
C PHE A 188 -11.52 -38.22 2.16
N GLY A 189 -11.22 -38.44 0.87
CA GLY A 189 -12.01 -37.92 -0.22
C GLY A 189 -12.21 -38.99 -1.28
N ILE A 190 -13.36 -38.91 -1.94
CA ILE A 190 -13.69 -39.83 -3.05
C ILE A 190 -14.26 -39.02 -4.20
N GLY A 191 -13.96 -39.43 -5.43
CA GLY A 191 -14.47 -38.68 -6.55
C GLY A 191 -14.63 -39.52 -7.81
N THR A 192 -15.46 -39.00 -8.71
CA THR A 192 -15.66 -39.60 -10.02
C THR A 192 -15.84 -38.50 -11.07
N ALA A 193 -15.43 -38.81 -12.30
CA ALA A 193 -15.66 -37.90 -13.40
C ALA A 193 -15.84 -38.70 -14.69
N VAL A 194 -16.67 -38.16 -15.58
N VAL A 194 -16.68 -38.15 -15.56
CA VAL A 194 -16.94 -38.78 -16.89
CA VAL A 194 -16.98 -38.73 -16.87
C VAL A 194 -16.98 -37.69 -17.93
C VAL A 194 -16.86 -37.63 -17.90
N SER A 195 -16.38 -37.97 -19.10
CA SER A 195 -16.44 -37.04 -20.22
C SER A 195 -16.70 -37.79 -21.52
N SER A 196 -17.30 -37.09 -22.48
CA SER A 196 -17.61 -37.64 -23.80
C SER A 196 -17.54 -36.52 -24.85
N SER A 197 -16.57 -36.62 -25.75
CA SER A 197 -16.33 -35.62 -26.78
C SER A 197 -16.49 -36.23 -28.17
N LYS A 198 -17.21 -35.52 -29.02
CA LYS A 198 -17.16 -35.87 -30.45
C LYS A 198 -15.71 -35.75 -30.93
N ARG A 199 -15.32 -36.66 -31.84
CA ARG A 199 -14.04 -36.61 -32.55
C ARG A 199 -14.26 -36.00 -33.94
N THR A 200 -13.22 -35.37 -34.49
CA THR A 200 -13.34 -34.73 -35.78
C THR A 200 -12.96 -35.69 -36.91
N SER A 201 -13.41 -35.39 -38.13
CA SER A 201 -13.10 -36.23 -39.27
C SER A 201 -11.59 -36.33 -39.52
N SER A 202 -10.82 -35.26 -39.35
CA SER A 202 -9.37 -35.33 -39.53
C SER A 202 -8.70 -36.19 -38.45
N GLN A 203 -9.22 -36.16 -37.21
CA GLN A 203 -8.74 -37.09 -36.19
C GLN A 203 -8.94 -38.53 -36.63
N ASN A 204 -10.10 -38.79 -37.21
CA ASN A 204 -10.45 -40.14 -37.63
C ASN A 204 -9.78 -40.59 -38.94
N ASP A 205 -9.03 -39.70 -39.57
CA ASP A 205 -8.16 -40.10 -40.71
C ASP A 205 -6.77 -40.58 -40.28
N LEU A 206 -6.39 -40.36 -39.00
CA LEU A 206 -5.16 -40.96 -38.46
C LEU A 206 -5.37 -42.47 -38.30
N THR A 207 -4.28 -43.23 -38.28
CA THR A 207 -4.38 -44.68 -38.21
C THR A 207 -4.93 -45.23 -36.87
N TYR A 208 -4.53 -44.58 -35.77
CA TYR A 208 -4.74 -45.16 -34.46
C TYR A 208 -5.92 -44.54 -33.75
N GLY A 209 -6.85 -45.37 -33.33
CA GLY A 209 -7.90 -44.97 -32.40
C GLY A 209 -9.08 -44.25 -33.00
N ASN A 210 -9.55 -44.68 -34.17
CA ASN A 210 -10.71 -44.02 -34.76
C ASN A 210 -11.95 -44.32 -33.94
N GLY A 211 -12.91 -43.40 -33.99
CA GLY A 211 -14.20 -43.61 -33.36
C GLY A 211 -15.00 -42.32 -33.33
N ASP A 212 -16.31 -42.45 -33.13
CA ASP A 212 -17.21 -41.32 -33.10
C ASP A 212 -16.88 -40.38 -31.95
N ARG A 213 -16.60 -40.96 -30.78
CA ARG A 213 -16.38 -40.17 -29.56
C ARG A 213 -15.16 -40.64 -28.79
N ALA A 214 -14.52 -39.66 -28.15
CA ALA A 214 -13.50 -39.89 -27.14
C ALA A 214 -14.22 -39.86 -25.81
N GLU A 215 -14.03 -40.89 -25.00
CA GLU A 215 -14.73 -40.99 -23.72
C GLU A 215 -13.81 -41.39 -22.58
N THR A 216 -14.07 -40.83 -21.40
CA THR A 216 -13.29 -41.12 -20.24
C THR A 216 -14.18 -41.35 -19.00
N TYR A 217 -13.72 -42.26 -18.15
CA TYR A 217 -14.38 -42.65 -16.92
C TYR A 217 -13.33 -42.78 -15.83
N THR A 218 -13.47 -41.99 -14.76
CA THR A 218 -12.46 -41.85 -13.72
C THR A 218 -13.05 -42.06 -12.33
N GLY A 219 -12.32 -42.77 -11.49
CA GLY A 219 -12.55 -42.79 -10.06
C GLY A 219 -11.26 -42.46 -9.34
N GLY A 220 -11.41 -41.77 -8.21
CA GLY A 220 -10.29 -41.40 -7.38
C GLY A 220 -10.56 -41.49 -5.89
N LEU A 221 -9.50 -41.69 -5.14
CA LEU A 221 -9.53 -41.74 -3.68
C LEU A 221 -8.30 -40.99 -3.16
N LYS A 222 -8.46 -40.29 -2.05
CA LYS A 222 -7.32 -39.67 -1.41
C LYS A 222 -7.46 -39.61 0.10
N TYR A 223 -6.31 -39.54 0.73
CA TYR A 223 -6.19 -39.33 2.16
C TYR A 223 -5.20 -38.19 2.34
N ASP A 224 -5.63 -37.15 3.06
CA ASP A 224 -4.85 -35.93 3.22
C ASP A 224 -5.07 -35.39 4.64
N ALA A 225 -4.23 -35.86 5.56
CA ALA A 225 -4.28 -35.50 6.98
C ALA A 225 -3.03 -36.01 7.71
N ASN A 226 -2.72 -35.42 8.87
CA ASN A 226 -1.62 -35.90 9.73
C ASN A 226 -0.26 -36.00 9.00
N ASN A 227 -0.02 -35.03 8.12
CA ASN A 227 1.21 -34.94 7.32
C ASN A 227 1.40 -36.00 6.25
N ILE A 228 0.36 -36.78 6.00
CA ILE A 228 0.42 -37.87 5.05
C ILE A 228 -0.46 -37.49 3.88
N TYR A 229 0.02 -37.77 2.67
CA TYR A 229 -0.81 -37.65 1.47
C TYR A 229 -0.75 -38.96 0.68
N LEU A 230 -1.92 -39.55 0.48
CA LEU A 230 -2.06 -40.76 -0.33
C LEU A 230 -3.14 -40.51 -1.36
N ALA A 231 -2.91 -40.90 -2.61
CA ALA A 231 -3.96 -40.76 -3.59
C ALA A 231 -3.80 -41.79 -4.69
N ALA A 232 -4.94 -42.15 -5.27
CA ALA A 232 -4.96 -43.01 -6.43
C ALA A 232 -6.08 -42.60 -7.37
N GLN A 233 -5.84 -42.77 -8.67
CA GLN A 233 -6.86 -42.53 -9.68
C GLN A 233 -6.77 -43.65 -10.71
N TYR A 234 -7.93 -44.12 -11.13
CA TYR A 234 -8.04 -45.11 -12.21
C TYR A 234 -8.99 -44.54 -13.24
N THR A 235 -8.54 -44.52 -14.50
CA THR A 235 -9.30 -43.98 -15.61
C THR A 235 -9.30 -44.98 -16.75
N GLN A 236 -10.50 -45.24 -17.28
CA GLN A 236 -10.65 -46.02 -18.50
CA GLN A 236 -10.68 -46.05 -18.48
C GLN A 236 -11.08 -45.08 -19.61
N THR A 237 -10.37 -45.16 -20.74
CA THR A 237 -10.63 -44.29 -21.85
C THR A 237 -10.88 -45.07 -23.13
N TYR A 238 -11.56 -44.40 -24.05
CA TYR A 238 -11.92 -44.94 -25.35
C TYR A 238 -11.66 -43.83 -26.37
N ASN A 239 -10.74 -44.10 -27.29
CA ASN A 239 -10.32 -43.16 -28.35
C ASN A 239 -9.89 -41.77 -27.82
N ALA A 240 -9.27 -41.77 -26.65
CA ALA A 240 -8.95 -40.51 -25.94
C ALA A 240 -7.51 -40.37 -25.41
N THR A 241 -6.81 -41.50 -25.21
CA THR A 241 -5.45 -41.51 -24.70
C THR A 241 -4.51 -41.52 -25.88
N ARG A 242 -3.62 -40.54 -25.97
CA ARG A 242 -2.69 -40.46 -27.07
C ARG A 242 -1.71 -41.63 -27.08
N VAL A 243 -1.36 -42.08 -28.29
CA VAL A 243 -0.31 -43.07 -28.50
C VAL A 243 0.83 -42.29 -29.10
N GLY A 244 1.71 -41.81 -28.23
CA GLY A 244 2.81 -40.97 -28.64
C GLY A 244 2.24 -39.84 -29.50
N ASN A 245 2.80 -39.69 -30.69
CA ASN A 245 2.29 -38.73 -31.66
C ASN A 245 1.59 -39.36 -32.87
N LEU A 246 1.06 -40.58 -32.69
CA LEU A 246 0.51 -41.37 -33.79
C LEU A 246 -1.02 -41.33 -33.89
N GLY A 247 -1.69 -40.89 -32.82
CA GLY A 247 -3.13 -41.01 -32.73
C GLY A 247 -3.49 -41.39 -31.32
N TRP A 248 -4.53 -42.23 -31.18
CA TRP A 248 -5.06 -42.62 -29.89
C TRP A 248 -5.22 -44.12 -29.73
N ALA A 249 -5.36 -44.55 -28.48
CA ALA A 249 -5.64 -45.92 -28.13
C ALA A 249 -7.14 -46.20 -28.20
N ASN A 250 -7.52 -47.24 -28.92
CA ASN A 250 -8.94 -47.61 -28.97
C ASN A 250 -9.52 -47.71 -27.57
N LYS A 251 -8.78 -48.34 -26.66
CA LYS A 251 -9.09 -48.37 -25.23
CA LYS A 251 -9.10 -48.32 -25.24
C LYS A 251 -7.79 -48.18 -24.48
N ALA A 252 -7.84 -47.49 -23.33
CA ALA A 252 -6.71 -47.49 -22.44
C ALA A 252 -7.19 -47.57 -21.01
N GLN A 253 -6.31 -48.09 -20.16
CA GLN A 253 -6.56 -48.15 -18.71
C GLN A 253 -5.37 -47.49 -18.03
N ASN A 254 -5.65 -46.40 -17.31
CA ASN A 254 -4.65 -45.58 -16.68
C ASN A 254 -4.77 -45.67 -15.16
N PHE A 255 -3.63 -45.81 -14.50
CA PHE A 255 -3.57 -45.93 -13.05
C PHE A 255 -2.41 -45.11 -12.54
N GLU A 256 -2.69 -44.25 -11.55
CA GLU A 256 -1.67 -43.47 -10.86
C GLU A 256 -1.90 -43.61 -9.38
N VAL A 257 -0.81 -43.76 -8.64
CA VAL A 257 -0.88 -43.84 -7.19
C VAL A 257 0.35 -43.16 -6.59
N VAL A 258 0.12 -42.43 -5.49
CA VAL A 258 1.19 -41.67 -4.87
C VAL A 258 1.09 -41.66 -3.34
N ALA A 259 2.24 -41.68 -2.69
CA ALA A 259 2.34 -41.51 -1.24
C ALA A 259 3.39 -40.47 -0.93
N GLN A 260 3.03 -39.53 -0.04
CA GLN A 260 3.94 -38.48 0.40
C GLN A 260 3.84 -38.27 1.90
N TYR A 261 4.92 -37.75 2.47
CA TYR A 261 4.95 -37.37 3.88
C TYR A 261 5.62 -36.01 4.03
N GLN A 262 5.05 -35.15 4.88
CA GLN A 262 5.58 -33.80 5.11
C GLN A 262 6.21 -33.74 6.51
N PHE A 263 7.53 -33.66 6.54
CA PHE A 263 8.26 -33.43 7.81
C PHE A 263 8.11 -31.98 8.19
N ASP A 264 8.08 -31.70 9.50
CA ASP A 264 7.96 -30.33 10.02
C ASP A 264 9.08 -29.40 9.52
N PHE A 265 10.29 -29.92 9.41
CA PHE A 265 11.46 -29.12 9.01
C PHE A 265 11.52 -28.76 7.52
N GLY A 266 10.60 -29.31 6.72
CA GLY A 266 10.36 -28.84 5.36
C GLY A 266 10.49 -29.88 4.24
N LEU A 267 11.01 -31.06 4.56
CA LEU A 267 11.22 -32.08 3.53
C LEU A 267 9.93 -32.87 3.29
N ARG A 268 9.64 -33.09 2.00
CA ARG A 268 8.46 -33.85 1.56
C ARG A 268 8.90 -34.94 0.57
N PRO A 269 9.26 -36.12 1.08
CA PRO A 269 9.50 -37.24 0.16
C PRO A 269 8.22 -37.70 -0.54
N SER A 270 8.40 -38.32 -1.70
CA SER A 270 7.31 -38.73 -2.55
C SER A 270 7.68 -40.02 -3.28
N VAL A 271 6.75 -40.98 -3.27
CA VAL A 271 6.89 -42.21 -4.04
CA VAL A 271 6.90 -42.18 -4.07
C VAL A 271 5.60 -42.42 -4.85
N ALA A 272 5.74 -42.77 -6.13
CA ALA A 272 4.59 -42.93 -6.99
C ALA A 272 4.80 -44.01 -8.05
N TYR A 273 3.69 -44.46 -8.61
CA TYR A 273 3.70 -45.42 -9.70
C TYR A 273 2.63 -44.98 -10.69
N LEU A 274 2.98 -44.97 -11.98
CA LEU A 274 2.04 -44.62 -13.04
C LEU A 274 2.12 -45.65 -14.15
N GLN A 275 0.96 -46.05 -14.66
CA GLN A 275 0.92 -46.87 -15.87
C GLN A 275 -0.26 -46.50 -16.75
N SER A 276 -0.05 -46.63 -18.05
CA SER A 276 -1.10 -46.46 -19.05
C SER A 276 -0.99 -47.65 -19.99
N LYS A 277 -2.07 -48.41 -20.05
CA LYS A 277 -2.12 -49.67 -20.80
C LYS A 277 -3.04 -49.47 -21.98
N GLY A 278 -2.47 -49.47 -23.18
CA GLY A 278 -3.24 -49.31 -24.40
C GLY A 278 -3.67 -50.67 -24.93
N LYS A 279 -4.88 -50.71 -25.48
CA LYS A 279 -5.49 -51.95 -25.96
C LYS A 279 -5.87 -51.84 -27.42
N ASP A 280 -5.70 -52.94 -28.15
CA ASP A 280 -6.20 -53.06 -29.53
C ASP A 280 -5.64 -52.02 -30.48
N LEU A 281 -4.35 -51.72 -30.34
CA LEU A 281 -3.70 -50.76 -31.23
C LEU A 281 -3.54 -51.39 -32.63
N GLU A 282 -3.66 -50.52 -33.61
CA GLU A 282 -3.57 -50.86 -35.02
C GLU A 282 -2.11 -51.19 -35.40
N ASN A 283 -1.92 -51.52 -36.68
CA ASN A 283 -0.61 -51.88 -37.25
C ASN A 283 0.04 -53.06 -36.54
N GLY A 284 -0.81 -53.96 -36.06
CA GLY A 284 -0.33 -55.16 -35.40
C GLY A 284 0.23 -54.99 -34.00
N TYR A 285 0.12 -53.80 -33.41
CA TYR A 285 0.72 -53.56 -32.09
C TYR A 285 -0.09 -54.15 -30.94
N GLY A 286 -1.40 -54.26 -31.10
CA GLY A 286 -2.25 -54.91 -30.10
C GLY A 286 -2.17 -54.19 -28.76
N ASP A 287 -1.99 -54.95 -27.70
CA ASP A 287 -1.86 -54.36 -26.36
C ASP A 287 -0.43 -53.90 -26.14
N GLN A 288 -0.27 -52.65 -25.72
CA GLN A 288 1.04 -52.07 -25.42
C GLN A 288 0.98 -51.17 -24.20
N ASP A 289 2.05 -51.19 -23.42
CA ASP A 289 2.25 -50.17 -22.39
C ASP A 289 2.58 -48.84 -23.07
N LEU A 290 1.83 -47.79 -22.71
CA LEU A 290 2.09 -46.44 -23.19
C LEU A 290 2.91 -45.61 -22.23
N LEU A 291 2.83 -45.96 -20.96
CA LEU A 291 3.55 -45.29 -19.89
C LEU A 291 3.71 -46.31 -18.76
N LYS A 292 4.86 -46.31 -18.12
CA LYS A 292 5.09 -47.19 -16.97
C LYS A 292 6.33 -46.75 -16.25
N TYR A 293 6.16 -46.16 -15.06
CA TYR A 293 7.30 -45.76 -14.27
C TYR A 293 7.01 -45.69 -12.81
N VAL A 294 8.08 -45.88 -12.03
CA VAL A 294 8.09 -45.56 -10.62
C VAL A 294 8.79 -44.22 -10.49
N ASP A 295 8.26 -43.37 -9.61
CA ASP A 295 8.83 -42.07 -9.35
C ASP A 295 9.21 -41.95 -7.90
N VAL A 296 10.45 -41.57 -7.64
CA VAL A 296 10.91 -41.30 -6.29
CA VAL A 296 10.94 -41.32 -6.29
C VAL A 296 11.57 -39.93 -6.28
N GLY A 297 11.20 -39.11 -5.30
CA GLY A 297 11.74 -37.76 -5.24
C GLY A 297 11.45 -37.12 -3.90
N ALA A 298 11.87 -35.87 -3.79
CA ALA A 298 11.61 -35.11 -2.57
C ALA A 298 11.68 -33.63 -2.89
N THR A 299 10.81 -32.87 -2.24
CA THR A 299 10.88 -31.41 -2.23
C THR A 299 11.22 -30.94 -0.83
N TYR A 300 12.14 -29.97 -0.76
CA TYR A 300 12.45 -29.29 0.49
C TYR A 300 11.87 -27.88 0.33
N TYR A 301 10.90 -27.54 1.20
CA TYR A 301 10.30 -26.20 1.20
C TYR A 301 11.05 -25.33 2.20
N PHE A 302 11.78 -24.34 1.70
CA PHE A 302 12.42 -23.34 2.59
C PHE A 302 11.35 -22.51 3.28
N ASN A 303 10.37 -22.10 2.49
CA ASN A 303 9.16 -21.43 2.98
C ASN A 303 8.13 -21.43 1.84
N LYS A 304 7.07 -20.63 1.93
CA LYS A 304 6.03 -20.58 0.91
C LYS A 304 6.49 -20.00 -0.43
N ASN A 305 7.65 -19.37 -0.46
CA ASN A 305 8.16 -18.68 -1.65
C ASN A 305 9.40 -19.32 -2.27
N MET A 306 9.97 -20.33 -1.64
CA MET A 306 11.24 -20.92 -2.12
C MET A 306 11.31 -22.39 -1.81
N SER A 307 11.66 -23.20 -2.82
CA SER A 307 11.82 -24.64 -2.61
C SER A 307 12.89 -25.18 -3.53
N THR A 308 13.28 -26.42 -3.27
CA THR A 308 14.20 -27.13 -4.14
C THR A 308 13.79 -28.58 -4.17
N TYR A 309 14.09 -29.27 -5.27
CA TYR A 309 13.66 -30.67 -5.37
C TYR A 309 14.56 -31.52 -6.22
N VAL A 310 14.48 -32.82 -5.94
CA VAL A 310 14.99 -33.85 -6.82
C VAL A 310 13.85 -34.78 -7.18
N ASP A 311 13.80 -35.22 -8.44
CA ASP A 311 12.80 -36.20 -8.84
C ASP A 311 13.46 -37.20 -9.76
N TYR A 312 13.15 -38.46 -9.53
CA TYR A 312 13.75 -39.57 -10.27
C TYR A 312 12.65 -40.42 -10.90
N LYS A 313 12.55 -40.32 -12.22
CA LYS A 313 11.68 -41.14 -13.03
C LYS A 313 12.44 -42.42 -13.42
N ILE A 314 12.02 -43.54 -12.84
CA ILE A 314 12.59 -44.85 -13.07
C ILE A 314 11.65 -45.51 -14.09
N ASN A 315 12.08 -45.44 -15.36
CA ASN A 315 11.23 -45.80 -16.48
C ASN A 315 11.28 -47.30 -16.66
N LEU A 316 10.10 -47.90 -16.60
CA LEU A 316 9.99 -49.35 -16.73
C LEU A 316 9.54 -49.80 -18.11
N LEU A 317 9.34 -48.87 -19.05
CA LEU A 317 9.05 -49.25 -20.42
C LEU A 317 10.28 -49.87 -21.08
N ASP A 318 10.07 -50.82 -21.96
CA ASP A 318 11.16 -51.40 -22.74
C ASP A 318 11.36 -50.60 -24.01
N ASP A 319 12.62 -50.37 -24.35
CA ASP A 319 12.99 -49.79 -25.65
C ASP A 319 12.71 -50.84 -26.72
N LYS A 320 11.72 -50.60 -27.57
CA LYS A 320 11.40 -51.55 -28.64
C LYS A 320 10.82 -50.80 -29.83
N GLU A 321 10.57 -51.50 -30.93
CA GLU A 321 10.21 -50.80 -32.15
C GLU A 321 8.94 -49.94 -31.92
N PHE A 322 7.99 -50.46 -31.17
CA PHE A 322 6.76 -49.71 -30.90
C PHE A 322 6.99 -48.33 -30.24
N THR A 323 7.75 -48.32 -29.15
CA THR A 323 8.00 -47.08 -28.43
C THR A 323 8.81 -46.12 -29.28
N ARG A 324 9.78 -46.63 -30.04
CA ARG A 324 10.56 -45.77 -30.94
C ARG A 324 9.68 -45.17 -32.03
N ASN A 325 8.78 -45.99 -32.60
CA ASN A 325 7.87 -45.52 -33.63
C ASN A 325 6.93 -44.44 -33.13
N ALA A 326 6.38 -44.64 -31.92
CA ALA A 326 5.44 -43.71 -31.33
C ALA A 326 6.09 -42.45 -30.75
N GLY A 327 7.41 -42.48 -30.55
CA GLY A 327 8.11 -41.38 -29.91
C GLY A 327 7.95 -41.37 -28.41
N ILE A 328 7.74 -42.54 -27.81
CA ILE A 328 7.56 -42.64 -26.37
C ILE A 328 8.90 -42.91 -25.71
N SER A 329 9.25 -42.06 -24.76
CA SER A 329 10.53 -42.14 -24.09
C SER A 329 10.58 -43.31 -23.12
N THR A 330 11.68 -44.06 -23.19
CA THR A 330 11.86 -45.25 -22.37
C THR A 330 13.02 -45.12 -21.38
N ASP A 331 13.64 -43.93 -21.31
CA ASP A 331 14.80 -43.71 -20.47
C ASP A 331 14.41 -43.11 -19.12
N ASP A 332 15.25 -43.36 -18.14
CA ASP A 332 15.13 -42.72 -16.81
C ASP A 332 15.43 -41.23 -16.96
N ILE A 333 14.90 -40.43 -16.04
CA ILE A 333 15.27 -38.99 -15.96
C ILE A 333 15.46 -38.64 -14.49
N VAL A 334 16.52 -37.89 -14.19
CA VAL A 334 16.66 -37.22 -12.90
C VAL A 334 16.47 -35.73 -13.13
N ALA A 335 15.63 -35.11 -12.30
CA ALA A 335 15.41 -33.66 -12.36
C ALA A 335 15.89 -33.03 -11.07
N LEU A 336 16.61 -31.91 -11.20
CA LEU A 336 16.97 -31.04 -10.10
C LEU A 336 16.38 -29.65 -10.34
N GLY A 337 15.65 -29.13 -9.34
CA GLY A 337 15.01 -27.83 -9.49
C GLY A 337 15.22 -26.93 -8.28
N LEU A 338 15.29 -25.63 -8.56
CA LEU A 338 15.35 -24.58 -7.54
C LEU A 338 14.29 -23.55 -7.93
N VAL A 339 13.31 -23.33 -7.05
CA VAL A 339 12.10 -22.61 -7.40
C VAL A 339 11.85 -21.42 -6.50
N TYR A 340 11.79 -20.24 -7.11
CA TYR A 340 11.33 -19.01 -6.43
C TYR A 340 9.90 -18.75 -6.93
N GLN A 341 8.97 -18.49 -6.02
CA GLN A 341 7.62 -18.14 -6.44
C GLN A 341 7.05 -17.04 -5.59
N PHE A 342 6.07 -16.35 -6.16
CA PHE A 342 5.38 -15.26 -5.46
C PHE A 342 3.91 -15.27 -5.74
N ALA B 1 -5.27 -1.00 -13.17
CA ALA B 1 -5.34 -0.57 -11.74
C ALA B 1 -4.04 0.12 -11.36
N GLU B 2 -4.13 1.21 -10.59
CA GLU B 2 -2.93 1.86 -10.12
C GLU B 2 -2.34 0.99 -9.01
N ILE B 3 -1.16 0.43 -9.25
CA ILE B 3 -0.51 -0.44 -8.29
C ILE B 3 0.71 0.19 -7.62
N TYR B 4 1.08 1.39 -8.05
CA TYR B 4 2.24 2.09 -7.51
C TYR B 4 2.04 3.58 -7.70
N ASN B 5 2.29 4.33 -6.64
CA ASN B 5 2.21 5.78 -6.67
C ASN B 5 3.08 6.27 -5.54
N LYS B 6 4.28 6.77 -5.86
CA LYS B 6 5.29 7.07 -4.84
C LYS B 6 6.33 8.01 -5.41
N ASP B 7 6.67 9.05 -4.66
CA ASP B 7 7.79 9.95 -4.99
C ASP B 7 7.69 10.54 -6.41
N GLY B 8 6.48 10.86 -6.86
CA GLY B 8 6.22 11.44 -8.19
C GLY B 8 6.11 10.48 -9.39
N ASN B 9 6.11 9.18 -9.11
CA ASN B 9 6.06 8.15 -10.16
C ASN B 9 4.84 7.29 -9.90
N LYS B 10 4.06 7.04 -10.94
CA LYS B 10 2.82 6.26 -10.84
C LYS B 10 2.82 5.19 -11.92
N LEU B 11 2.25 4.03 -11.61
CA LEU B 11 2.17 2.93 -12.58
C LEU B 11 0.80 2.26 -12.47
N ASP B 12 0.11 2.22 -13.60
CA ASP B 12 -1.15 1.52 -13.75
C ASP B 12 -0.87 0.25 -14.53
N LEU B 13 -1.14 -0.89 -13.91
CA LEU B 13 -1.03 -2.19 -14.57
C LEU B 13 -2.46 -2.61 -14.83
N TYR B 14 -2.81 -2.86 -16.09
CA TYR B 14 -4.19 -3.09 -16.44
C TYR B 14 -4.30 -4.26 -17.39
N GLY B 15 -5.51 -4.78 -17.49
CA GLY B 15 -5.68 -5.91 -18.40
C GLY B 15 -7.10 -6.38 -18.41
N LYS B 16 -7.33 -7.39 -19.24
CA LYS B 16 -8.67 -7.97 -19.37
C LYS B 16 -8.56 -9.39 -19.79
N VAL B 17 -9.55 -10.16 -19.41
CA VAL B 17 -9.74 -11.52 -20.01
C VAL B 17 -11.14 -11.54 -20.57
N ASP B 18 -11.25 -11.84 -21.87
CA ASP B 18 -12.54 -11.85 -22.54
C ASP B 18 -12.81 -13.30 -22.93
N GLY B 19 -13.70 -13.94 -22.18
CA GLY B 19 -14.20 -15.27 -22.52
C GLY B 19 -15.21 -15.09 -23.63
N LEU B 20 -14.83 -15.46 -24.86
CA LEU B 20 -15.53 -14.99 -26.03
C LEU B 20 -15.77 -16.14 -27.02
N HIS B 21 -16.99 -16.23 -27.53
CA HIS B 21 -17.30 -17.27 -28.52
C HIS B 21 -18.08 -16.66 -29.67
N TYR B 22 -17.70 -17.05 -30.88
CA TYR B 22 -18.39 -16.61 -32.08
C TYR B 22 -19.17 -17.79 -32.68
N PHE B 23 -20.36 -17.47 -33.20
CA PHE B 23 -21.21 -18.42 -33.90
C PHE B 23 -21.35 -17.89 -35.32
N SER B 24 -20.90 -18.66 -36.29
CA SER B 24 -20.92 -18.23 -37.70
C SER B 24 -20.84 -19.38 -38.66
N ASP B 25 -21.49 -19.24 -39.80
CA ASP B 25 -21.30 -20.18 -40.92
C ASP B 25 -19.90 -20.06 -41.52
N ASP B 26 -19.23 -18.92 -41.32
CA ASP B 26 -17.85 -18.76 -41.76
C ASP B 26 -16.94 -19.49 -40.80
N ASP B 27 -16.39 -20.63 -41.24
CA ASP B 27 -15.55 -21.48 -40.37
C ASP B 27 -14.26 -20.80 -39.93
N SER B 28 -13.85 -19.74 -40.64
CA SER B 28 -12.67 -18.97 -40.24
C SER B 28 -12.97 -18.02 -39.08
N GLN B 29 -14.25 -17.81 -38.78
CA GLN B 29 -14.70 -16.96 -37.67
C GLN B 29 -15.30 -17.75 -36.53
N ASP B 30 -16.04 -18.83 -36.85
CA ASP B 30 -16.77 -19.64 -35.86
C ASP B 30 -15.85 -20.20 -34.77
N GLY B 31 -16.37 -20.25 -33.55
CA GLY B 31 -15.71 -20.95 -32.49
C GLY B 31 -15.16 -20.10 -31.37
N ASP B 32 -14.27 -20.70 -30.60
CA ASP B 32 -13.70 -20.02 -29.43
C ASP B 32 -12.80 -18.89 -29.85
N GLN B 33 -13.03 -17.70 -29.25
CA GLN B 33 -12.30 -16.48 -29.58
C GLN B 33 -11.75 -15.81 -28.32
N THR B 34 -11.63 -16.57 -27.23
CA THR B 34 -11.08 -16.07 -25.96
C THR B 34 -9.72 -15.39 -26.13
N TYR B 35 -9.53 -14.24 -25.48
CA TYR B 35 -8.25 -13.55 -25.52
C TYR B 35 -8.07 -12.76 -24.24
N MET B 36 -6.84 -12.31 -24.03
CA MET B 36 -6.54 -11.39 -22.92
C MET B 36 -5.70 -10.25 -23.45
N ARG B 37 -5.73 -9.15 -22.73
CA ARG B 37 -4.74 -8.11 -22.90
C ARG B 37 -4.09 -7.77 -21.57
N LEU B 38 -2.88 -7.27 -21.66
CA LEU B 38 -2.14 -6.77 -20.50
C LEU B 38 -1.44 -5.50 -20.94
N GLY B 39 -1.35 -4.52 -20.04
CA GLY B 39 -0.64 -3.31 -20.36
C GLY B 39 -0.21 -2.56 -19.14
N PHE B 40 0.62 -1.55 -19.36
CA PHE B 40 0.87 -0.56 -18.31
C PHE B 40 0.84 0.84 -18.88
N LYS B 41 0.53 1.79 -17.98
CA LYS B 41 0.62 3.22 -18.26
C LYS B 41 1.37 3.79 -17.06
N GLY B 42 2.57 4.33 -17.32
CA GLY B 42 3.37 4.95 -16.27
C GLY B 42 3.55 6.43 -16.52
N GLU B 43 3.69 7.19 -15.43
CA GLU B 43 3.85 8.63 -15.51
C GLU B 43 4.81 9.07 -14.42
N THR B 44 5.73 9.98 -14.76
CA THR B 44 6.69 10.49 -13.79
C THR B 44 6.73 12.01 -13.85
N GLN B 45 6.55 12.65 -12.68
CA GLN B 45 6.67 14.10 -12.62
C GLN B 45 8.11 14.51 -12.67
N VAL B 46 8.49 15.25 -13.68
CA VAL B 46 9.86 15.72 -13.80
C VAL B 46 9.98 17.06 -13.07
N ASN B 47 9.12 18.00 -13.44
CA ASN B 47 9.08 19.30 -12.79
C ASN B 47 7.68 19.89 -12.96
N ASP B 48 7.49 21.13 -12.54
CA ASP B 48 6.15 21.77 -12.59
C ASP B 48 5.51 21.83 -13.97
N GLN B 49 6.32 21.87 -15.03
CA GLN B 49 5.81 21.99 -16.38
C GLN B 49 6.12 20.78 -17.24
N LEU B 50 6.57 19.66 -16.64
CA LEU B 50 7.01 18.51 -17.44
C LEU B 50 6.71 17.17 -16.75
N THR B 51 5.98 16.31 -17.47
CA THR B 51 5.73 14.95 -17.04
C THR B 51 6.21 14.01 -18.13
N GLY B 52 6.87 12.92 -17.74
CA GLY B 52 7.24 11.86 -18.67
C GLY B 52 6.25 10.73 -18.58
N TYR B 53 6.09 9.98 -19.66
CA TYR B 53 5.16 8.87 -19.60
C TYR B 53 5.59 7.78 -20.56
N GLY B 54 5.04 6.59 -20.30
CA GLY B 54 5.23 5.44 -21.17
C GLY B 54 4.00 4.58 -21.09
N GLN B 55 3.66 3.95 -22.22
CA GLN B 55 2.51 3.07 -22.25
C GLN B 55 2.82 1.87 -23.16
N TRP B 56 2.34 0.71 -22.73
CA TRP B 56 2.51 -0.53 -23.47
C TRP B 56 1.25 -1.36 -23.32
N GLU B 57 0.82 -2.00 -24.41
CA GLU B 57 -0.35 -2.86 -24.35
C GLU B 57 -0.13 -4.02 -25.31
N TYR B 58 -0.46 -5.21 -24.84
CA TYR B 58 -0.13 -6.49 -25.50
C TYR B 58 -1.37 -7.36 -25.50
N GLN B 59 -1.58 -8.11 -26.59
CA GLN B 59 -2.69 -9.04 -26.67
C GLN B 59 -2.13 -10.44 -26.78
N ILE B 60 -2.73 -11.36 -26.02
CA ILE B 60 -2.37 -12.78 -26.11
C ILE B 60 -3.63 -13.58 -26.32
N GLN B 61 -3.72 -14.28 -27.44
CA GLN B 61 -4.89 -15.07 -27.70
C GLN B 61 -4.95 -16.21 -26.69
N GLY B 62 -6.18 -16.52 -26.27
CA GLY B 62 -6.45 -17.55 -25.28
C GLY B 62 -7.21 -18.72 -25.87
N ASN B 63 -7.24 -18.78 -27.20
CA ASN B 63 -8.03 -19.77 -27.93
C ASN B 63 -7.17 -20.78 -28.72
N SER B 64 -5.87 -20.78 -28.47
CA SER B 64 -5.00 -21.81 -29.08
C SER B 64 -4.56 -22.85 -28.09
N GLY B 65 -4.07 -23.95 -28.63
CA GLY B 65 -3.38 -24.94 -27.82
C GLY B 65 -2.00 -24.51 -27.41
N GLU B 66 -1.39 -25.32 -26.55
CA GLU B 66 -0.11 -24.97 -25.92
C GLU B 66 1.11 -25.15 -26.84
N ASN B 67 0.88 -25.72 -28.03
CA ASN B 67 1.92 -25.81 -29.04
C ASN B 67 2.07 -24.56 -29.91
N GLU B 68 1.28 -23.52 -29.64
CA GLU B 68 1.47 -22.28 -30.37
CA GLU B 68 1.17 -22.31 -30.44
C GLU B 68 1.08 -21.11 -29.50
N ASN B 69 1.55 -19.96 -29.95
CA ASN B 69 1.30 -18.71 -29.24
C ASN B 69 1.07 -17.62 -30.27
N ASN B 70 -0.09 -17.00 -30.18
CA ASN B 70 -0.46 -15.89 -31.04
C ASN B 70 -0.63 -14.64 -30.17
N SER B 71 0.36 -13.78 -30.25
CA SER B 71 0.40 -12.56 -29.42
C SER B 71 1.00 -11.41 -30.19
N TRP B 72 0.73 -10.20 -29.75
CA TRP B 72 1.28 -9.05 -30.44
C TRP B 72 1.22 -7.79 -29.57
N THR B 73 2.09 -6.85 -29.91
CA THR B 73 2.06 -5.52 -29.28
C THR B 73 1.04 -4.63 -29.97
N ARG B 74 0.08 -4.13 -29.20
CA ARG B 74 -0.85 -3.12 -29.70
C ARG B 74 -0.20 -1.74 -29.72
N VAL B 75 0.29 -1.28 -28.54
CA VAL B 75 1.03 -0.01 -28.49
C VAL B 75 2.28 -0.14 -27.61
N ALA B 76 3.26 0.73 -27.86
CA ALA B 76 4.48 0.81 -27.08
C ALA B 76 5.11 2.15 -27.38
N PHE B 77 4.92 3.13 -26.47
CA PHE B 77 5.46 4.46 -26.74
C PHE B 77 5.90 5.16 -25.47
N ALA B 78 6.77 6.15 -25.67
CA ALA B 78 7.26 6.99 -24.58
C ALA B 78 7.03 8.42 -24.97
N GLY B 79 6.78 9.29 -23.98
CA GLY B 79 6.47 10.67 -24.29
C GLY B 79 6.76 11.66 -23.18
N LEU B 80 6.58 12.94 -23.54
CA LEU B 80 6.72 14.05 -22.61
C LEU B 80 5.49 14.92 -22.76
N LYS B 81 4.94 15.34 -21.63
CA LYS B 81 3.81 16.26 -21.58
C LYS B 81 4.33 17.56 -20.95
N PHE B 82 4.12 18.67 -21.66
CA PHE B 82 4.68 19.99 -21.29
C PHE B 82 3.55 20.91 -20.85
N GLY B 83 2.74 20.46 -19.89
CA GLY B 83 1.55 21.20 -19.46
C GLY B 83 0.72 21.69 -20.65
N ASP B 84 0.52 23.02 -20.73
CA ASP B 84 -0.31 23.57 -21.81
C ASP B 84 0.35 23.65 -23.20
N ALA B 85 1.68 23.48 -23.24
CA ALA B 85 2.39 23.55 -24.53
C ALA B 85 2.17 22.30 -25.41
N GLY B 86 1.60 21.23 -24.84
CA GLY B 86 1.24 19.99 -25.56
C GLY B 86 1.98 18.76 -25.05
N SER B 87 1.86 17.68 -25.86
CA SER B 87 2.65 16.46 -25.61
C SER B 87 3.34 16.00 -26.87
N PHE B 88 4.42 15.24 -26.69
CA PHE B 88 5.08 14.57 -27.79
C PHE B 88 5.34 13.14 -27.39
N ASP B 89 5.02 12.17 -28.26
CA ASP B 89 5.40 10.80 -28.01
C ASP B 89 5.86 10.12 -29.29
N TYR B 90 6.63 9.05 -29.08
CA TYR B 90 7.14 8.24 -30.19
C TYR B 90 7.07 6.78 -29.86
N GLY B 91 6.65 5.98 -30.86
CA GLY B 91 6.72 4.53 -30.77
C GLY B 91 5.62 3.91 -31.58
N ARG B 92 5.14 2.75 -31.14
CA ARG B 92 3.99 2.11 -31.76
C ARG B 92 2.77 2.74 -31.12
N ASN B 93 1.92 3.36 -31.92
CA ASN B 93 0.80 4.13 -31.36
C ASN B 93 -0.33 4.16 -32.37
N TYR B 94 -1.38 4.91 -32.09
CA TYR B 94 -2.50 5.12 -33.02
C TYR B 94 -2.24 6.28 -33.96
N GLY B 95 -2.51 6.06 -35.24
CA GLY B 95 -2.52 7.14 -36.20
C GLY B 95 -3.57 8.19 -35.88
N VAL B 96 -3.28 9.43 -36.23
CA VAL B 96 -4.19 10.53 -35.86
C VAL B 96 -5.54 10.48 -36.55
N VAL B 97 -5.66 9.74 -37.65
CA VAL B 97 -6.96 9.51 -38.27
C VAL B 97 -7.95 8.97 -37.24
N TYR B 98 -7.47 8.07 -36.37
CA TYR B 98 -8.28 7.42 -35.35
C TYR B 98 -8.77 8.40 -34.28
N ASP B 99 -8.17 9.59 -34.19
CA ASP B 99 -8.70 10.65 -33.33
C ASP B 99 -10.15 10.95 -33.67
N VAL B 100 -10.54 10.78 -34.94
CA VAL B 100 -11.93 10.96 -35.35
C VAL B 100 -12.65 9.65 -35.61
N THR B 101 -12.03 8.70 -36.32
CA THR B 101 -12.77 7.48 -36.63
C THR B 101 -13.05 6.65 -35.36
N SER B 102 -12.30 6.86 -34.28
CA SER B 102 -12.59 6.17 -33.03
C SER B 102 -13.97 6.46 -32.48
N TRP B 103 -14.56 7.57 -32.90
CA TRP B 103 -15.88 7.93 -32.39
C TRP B 103 -16.96 6.91 -32.68
N THR B 104 -16.78 6.12 -33.75
CA THR B 104 -17.73 5.06 -34.06
C THR B 104 -17.25 3.66 -33.66
N ASP B 105 -16.02 3.58 -33.11
CA ASP B 105 -15.43 2.29 -32.72
C ASP B 105 -15.80 1.95 -31.29
N VAL B 106 -17.10 1.76 -31.08
CA VAL B 106 -17.68 1.62 -29.75
C VAL B 106 -18.65 0.47 -29.64
N LEU B 107 -18.57 -0.51 -30.57
CA LEU B 107 -19.58 -1.55 -30.57
C LEU B 107 -19.23 -2.61 -29.52
N PRO B 108 -20.21 -3.47 -29.16
CA PRO B 108 -19.90 -4.44 -28.11
C PRO B 108 -18.73 -5.36 -28.44
N GLU B 109 -18.63 -5.81 -29.71
CA GLU B 109 -17.55 -6.69 -30.19
C GLU B 109 -17.02 -6.32 -31.58
N PHE B 110 -17.92 -6.05 -32.53
CA PHE B 110 -17.52 -5.81 -33.91
C PHE B 110 -17.18 -4.33 -34.09
N GLY B 111 -17.31 -3.80 -35.31
CA GLY B 111 -17.04 -2.41 -35.58
C GLY B 111 -15.57 -2.09 -35.75
N GLY B 112 -15.30 -0.83 -36.09
CA GLY B 112 -13.96 -0.32 -36.23
C GLY B 112 -13.15 -0.93 -37.34
N ASP B 113 -13.83 -1.47 -38.36
CA ASP B 113 -13.19 -2.33 -39.35
C ASP B 113 -13.35 -1.88 -40.79
N THR B 114 -13.61 -0.60 -41.03
CA THR B 114 -13.40 -0.04 -42.39
C THR B 114 -11.91 0.23 -42.68
N TYR B 115 -11.04 -0.06 -41.70
CA TYR B 115 -9.60 0.11 -41.76
C TYR B 115 -9.08 -0.95 -40.81
N GLY B 116 -7.77 -1.11 -40.78
CA GLY B 116 -7.15 -2.08 -39.87
C GLY B 116 -5.91 -1.55 -39.21
N SER B 117 -5.19 -2.46 -38.56
CA SER B 117 -3.90 -2.13 -37.97
CA SER B 117 -3.90 -2.11 -37.98
C SER B 117 -2.81 -2.16 -39.04
N ASP B 118 -1.73 -1.45 -38.80
CA ASP B 118 -0.62 -1.33 -39.75
C ASP B 118 -1.11 -0.94 -41.13
N ASN B 119 -2.02 0.02 -41.16
CA ASN B 119 -2.79 0.38 -42.37
C ASN B 119 -2.58 1.88 -42.60
N PHE B 120 -1.36 2.20 -43.02
CA PHE B 120 -0.89 3.58 -43.12
C PHE B 120 -1.20 4.29 -41.80
N MET B 121 -1.72 5.53 -41.82
CA MET B 121 -1.90 6.26 -40.56
C MET B 121 -3.31 6.13 -40.00
N GLN B 122 -4.01 5.04 -40.28
CA GLN B 122 -5.42 4.92 -39.94
C GLN B 122 -5.69 4.40 -38.54
N GLN B 123 -4.82 3.56 -38.02
CA GLN B 123 -5.03 3.01 -36.68
C GLN B 123 -3.66 2.68 -36.07
N ARG B 124 -3.47 1.54 -35.43
CA ARG B 124 -2.20 1.28 -34.79
C ARG B 124 -1.12 1.05 -35.84
N GLY B 125 0.09 1.46 -35.54
CA GLY B 125 1.19 1.36 -36.49
C GLY B 125 2.51 1.72 -35.86
N ASN B 126 3.61 1.35 -36.52
CA ASN B 126 4.94 1.57 -35.99
C ASN B 126 5.52 2.94 -36.34
N GLY B 127 6.30 3.48 -35.40
CA GLY B 127 7.16 4.61 -35.71
C GLY B 127 6.44 5.93 -35.86
N PHE B 128 5.33 6.13 -35.11
CA PHE B 128 4.65 7.42 -35.07
C PHE B 128 5.33 8.38 -34.11
N ALA B 129 5.61 9.57 -34.61
CA ALA B 129 6.02 10.73 -33.82
C ALA B 129 4.81 11.65 -33.79
N THR B 130 4.25 11.88 -32.59
CA THR B 130 2.93 12.53 -32.48
C THR B 130 2.99 13.72 -31.52
N TYR B 131 2.63 14.90 -32.04
CA TYR B 131 2.47 16.11 -31.25
C TYR B 131 0.99 16.34 -31.05
N ARG B 132 0.59 16.61 -29.81
CA ARG B 132 -0.81 16.89 -29.48
C ARG B 132 -0.91 18.14 -28.62
N ASN B 133 -2.00 18.84 -28.85
CA ASN B 133 -2.31 20.03 -28.05
C ASN B 133 -3.81 20.11 -27.71
N SER B 134 -4.09 20.22 -26.41
CA SER B 134 -5.45 20.13 -25.85
C SER B 134 -5.85 21.57 -25.48
N ASP B 135 -7.06 21.97 -25.80
CA ASP B 135 -7.63 23.29 -25.47
C ASP B 135 -6.83 24.43 -26.08
N PHE B 136 -6.26 24.14 -27.25
CA PHE B 136 -5.42 25.04 -28.02
C PHE B 136 -4.58 25.97 -27.14
N PHE B 137 -3.52 25.43 -26.57
CA PHE B 137 -2.59 26.18 -25.71
C PHE B 137 -3.20 26.83 -24.46
N GLY B 138 -4.36 26.35 -24.03
CA GLY B 138 -5.14 27.01 -23.01
C GLY B 138 -5.90 28.27 -23.46
N LEU B 139 -5.97 28.50 -24.77
CA LEU B 139 -6.66 29.67 -25.36
C LEU B 139 -8.09 29.35 -25.80
N VAL B 140 -8.33 28.16 -26.37
CA VAL B 140 -9.66 27.81 -26.87
C VAL B 140 -10.12 26.51 -26.23
N ASP B 141 -10.93 26.62 -25.18
CA ASP B 141 -11.46 25.43 -24.51
C ASP B 141 -12.18 24.53 -25.53
N GLY B 142 -11.86 23.23 -25.47
CA GLY B 142 -12.50 22.23 -26.32
C GLY B 142 -11.95 22.03 -27.73
N LEU B 143 -10.94 22.80 -28.12
CA LEU B 143 -10.33 22.70 -29.46
C LEU B 143 -9.03 21.97 -29.30
N ASN B 144 -8.94 20.77 -29.88
CA ASN B 144 -7.75 19.95 -29.79
C ASN B 144 -7.21 19.71 -31.18
N PHE B 145 -5.89 19.60 -31.30
CA PHE B 145 -5.31 19.19 -32.58
C PHE B 145 -4.09 18.31 -32.34
N ALA B 146 -3.73 17.63 -33.41
CA ALA B 146 -2.55 16.79 -33.43
C ALA B 146 -1.89 16.85 -34.79
N VAL B 147 -0.57 16.71 -34.78
CA VAL B 147 0.24 16.63 -36.00
C VAL B 147 1.17 15.43 -35.80
N GLN B 148 1.26 14.59 -36.84
CA GLN B 148 1.94 13.32 -36.71
C GLN B 148 2.76 12.98 -37.93
N TYR B 149 3.90 12.34 -37.67
CA TYR B 149 4.78 11.81 -38.70
C TYR B 149 4.94 10.32 -38.48
N GLN B 150 5.03 9.57 -39.59
CA GLN B 150 5.34 8.15 -39.54
C GLN B 150 6.49 7.86 -40.49
N GLY B 151 7.57 7.29 -39.95
CA GLY B 151 8.69 6.88 -40.78
C GLY B 151 8.36 5.62 -41.57
N LYS B 152 9.00 5.48 -42.72
CA LYS B 152 8.93 4.26 -43.53
C LYS B 152 9.10 3.00 -42.68
N ASN B 153 8.18 2.05 -42.88
CA ASN B 153 8.30 0.68 -42.39
C ASN B 153 8.19 -0.17 -43.66
N GLY B 154 9.34 -0.67 -44.09
CA GLY B 154 9.50 -1.24 -45.41
C GLY B 154 9.50 -2.74 -45.46
N SER B 155 10.22 -3.28 -46.45
CA SER B 155 10.30 -4.72 -46.67
C SER B 155 11.42 -5.36 -45.87
N ALA B 156 11.41 -6.68 -45.82
CA ALA B 156 12.45 -7.44 -45.12
C ALA B 156 13.79 -7.42 -45.86
N SER B 157 13.75 -7.27 -47.18
CA SER B 157 14.96 -7.22 -47.99
C SER B 157 14.71 -6.42 -49.27
N GLY B 158 15.78 -6.19 -50.02
CA GLY B 158 15.66 -5.57 -51.32
C GLY B 158 15.43 -4.09 -51.23
N GLU B 159 14.83 -3.53 -52.27
CA GLU B 159 14.79 -2.08 -52.46
C GLU B 159 14.12 -1.30 -51.33
N ASP B 160 13.03 -1.84 -50.76
CA ASP B 160 12.30 -1.12 -49.70
C ASP B 160 12.76 -1.41 -48.28
N GLN B 161 13.94 -2.02 -48.10
CA GLN B 161 14.24 -2.60 -46.81
C GLN B 161 14.37 -1.57 -45.70
N THR B 162 13.78 -1.90 -44.55
CA THR B 162 14.10 -1.26 -43.27
C THR B 162 14.37 -2.37 -42.28
N ASN B 163 14.88 -2.01 -41.11
CA ASN B 163 15.27 -3.02 -40.12
C ASN B 163 14.11 -3.92 -39.71
N ASN B 164 12.91 -3.34 -39.74
CA ASN B 164 11.70 -3.93 -39.22
C ASN B 164 10.72 -4.26 -40.33
N GLY B 165 11.27 -4.88 -41.37
CA GLY B 165 10.54 -5.18 -42.58
C GLY B 165 9.36 -6.08 -42.38
N ARG B 166 8.36 -5.90 -43.23
CA ARG B 166 7.16 -6.71 -43.16
C ARG B 166 6.50 -6.79 -44.52
N THR B 167 5.47 -7.65 -44.60
CA THR B 167 4.71 -7.86 -45.82
C THR B 167 4.05 -6.55 -46.33
N GLU B 168 3.81 -6.51 -47.63
CA GLU B 168 3.35 -5.30 -48.33
C GLU B 168 2.11 -4.67 -47.71
N LEU B 169 1.17 -5.49 -47.29
CA LEU B 169 -0.10 -4.98 -46.77
C LEU B 169 0.05 -4.22 -45.45
N ARG B 170 1.20 -4.39 -44.81
CA ARG B 170 1.50 -3.70 -43.52
C ARG B 170 2.69 -2.74 -43.60
N GLN B 171 3.15 -2.44 -44.83
CA GLN B 171 4.22 -1.47 -45.05
C GLN B 171 3.68 -0.05 -45.14
N ASN B 172 4.58 0.92 -45.04
CA ASN B 172 4.28 2.30 -45.36
C ASN B 172 5.56 3.00 -45.70
N GLY B 173 5.47 4.07 -46.50
CA GLY B 173 6.55 5.02 -46.65
C GLY B 173 6.38 6.13 -45.61
N ASP B 174 7.21 7.16 -45.75
CA ASP B 174 7.15 8.29 -44.84
C ASP B 174 5.79 8.98 -44.98
N GLY B 175 5.15 9.32 -43.86
CA GLY B 175 3.82 9.89 -43.88
C GLY B 175 3.63 11.03 -42.90
N VAL B 176 2.62 11.85 -43.19
CA VAL B 176 2.28 12.99 -42.36
C VAL B 176 0.73 13.06 -42.25
N GLY B 177 0.25 13.41 -41.07
CA GLY B 177 -1.17 13.55 -40.85
C GLY B 177 -1.48 14.55 -39.76
N GLY B 178 -2.75 14.92 -39.70
CA GLY B 178 -3.23 15.80 -38.66
C GLY B 178 -4.68 15.58 -38.34
N SER B 179 -5.07 16.02 -37.15
CA SER B 179 -6.47 15.99 -36.73
C SER B 179 -6.84 17.23 -35.95
N ILE B 180 -8.12 17.57 -36.02
CA ILE B 180 -8.71 18.68 -35.25
C ILE B 180 -10.04 18.18 -34.73
N THR B 181 -10.28 18.36 -33.42
CA THR B 181 -11.61 18.10 -32.86
C THR B 181 -12.05 19.33 -32.06
N TYR B 182 -13.35 19.52 -32.03
CA TYR B 182 -13.93 20.68 -31.36
C TYR B 182 -15.19 20.30 -30.62
N ASN B 183 -15.25 20.69 -29.34
CA ASN B 183 -16.44 20.56 -28.52
C ASN B 183 -17.36 21.76 -28.86
N LEU B 184 -18.49 21.44 -29.51
CA LEU B 184 -19.44 22.49 -29.87
C LEU B 184 -20.21 22.92 -28.62
N GLY B 185 -20.28 22.02 -27.63
CA GLY B 185 -20.99 22.26 -26.38
C GLY B 185 -22.28 21.48 -26.33
N GLU B 186 -22.84 21.34 -25.13
CA GLU B 186 -24.09 20.63 -24.91
C GLU B 186 -24.03 19.16 -25.40
N GLY B 187 -22.87 18.52 -25.36
CA GLY B 187 -22.70 17.14 -25.79
C GLY B 187 -22.22 16.90 -27.21
N PHE B 188 -22.24 17.91 -28.08
CA PHE B 188 -21.90 17.72 -29.50
C PHE B 188 -20.41 17.94 -29.74
N GLY B 189 -19.84 17.08 -30.58
CA GLY B 189 -18.47 17.23 -31.05
C GLY B 189 -18.38 17.08 -32.56
N ILE B 190 -17.40 17.76 -33.14
CA ILE B 190 -17.12 17.71 -34.57
C ILE B 190 -15.61 17.55 -34.76
N GLY B 191 -15.22 16.76 -35.76
CA GLY B 191 -13.82 16.48 -35.98
C GLY B 191 -13.48 16.22 -37.43
N THR B 192 -12.22 16.45 -37.76
CA THR B 192 -11.70 16.12 -39.07
C THR B 192 -10.28 15.64 -38.94
N ALA B 193 -9.86 14.80 -39.90
CA ALA B 193 -8.49 14.31 -39.95
C ALA B 193 -8.07 14.04 -41.39
N VAL B 194 -6.78 14.26 -41.65
CA VAL B 194 -6.22 14.02 -42.98
C VAL B 194 -4.88 13.33 -42.79
N SER B 195 -4.60 12.37 -43.68
CA SER B 195 -3.26 11.78 -43.71
C SER B 195 -2.79 11.55 -45.13
N SER B 196 -1.47 11.52 -45.27
CA SER B 196 -0.87 11.30 -46.59
C SER B 196 0.44 10.57 -46.40
N SER B 197 0.48 9.33 -46.89
CA SER B 197 1.66 8.47 -46.72
C SER B 197 2.25 8.12 -48.07
N LYS B 198 3.57 8.22 -48.20
CA LYS B 198 4.23 7.57 -49.33
C LYS B 198 3.97 6.07 -49.31
N ARG B 199 3.78 5.51 -50.49
CA ARG B 199 3.69 4.05 -50.65
C ARG B 199 5.05 3.51 -51.11
N THR B 200 5.31 2.24 -50.82
CA THR B 200 6.60 1.66 -51.20
C THR B 200 6.55 0.98 -52.57
N SER B 201 7.72 0.73 -53.14
CA SER B 201 7.78 0.13 -54.48
C SER B 201 7.17 -1.29 -54.46
N SER B 202 7.40 -2.05 -53.40
CA SER B 202 6.82 -3.41 -53.30
C SER B 202 5.30 -3.32 -53.16
N GLN B 203 4.78 -2.32 -52.45
CA GLN B 203 3.33 -2.13 -52.43
C GLN B 203 2.78 -1.91 -53.83
N ASN B 204 3.49 -1.10 -54.60
CA ASN B 204 3.08 -0.75 -55.96
C ASN B 204 3.31 -1.84 -57.01
N ASP B 205 3.91 -2.96 -56.60
CA ASP B 205 4.01 -4.15 -57.48
C ASP B 205 2.80 -5.09 -57.31
N LEU B 206 1.97 -4.89 -56.28
CA LEU B 206 0.70 -5.64 -56.19
C LEU B 206 -0.26 -5.14 -57.26
N THR B 207 -1.25 -5.95 -57.59
CA THR B 207 -2.16 -5.59 -58.68
C THR B 207 -3.09 -4.43 -58.34
N TYR B 208 -3.55 -4.39 -57.10
CA TYR B 208 -4.63 -3.51 -56.74
C TYR B 208 -4.17 -2.23 -56.00
N GLY B 209 -4.53 -1.07 -56.55
CA GLY B 209 -4.39 0.17 -55.77
C GLY B 209 -3.04 0.83 -55.80
N ASN B 210 -2.36 0.74 -56.95
CA ASN B 210 -1.07 1.41 -57.10
C ASN B 210 -1.21 2.92 -57.02
N GLY B 211 -0.19 3.58 -56.49
CA GLY B 211 -0.11 5.03 -56.53
C GLY B 211 1.05 5.52 -55.71
N ASP B 212 1.40 6.78 -55.90
CA ASP B 212 2.50 7.39 -55.17
C ASP B 212 2.21 7.47 -53.67
N ARG B 213 0.99 7.87 -53.32
CA ARG B 213 0.61 8.10 -51.92
C ARG B 213 -0.72 7.45 -51.56
N ALA B 214 -0.82 7.08 -50.29
CA ALA B 214 -2.05 6.62 -49.66
C ALA B 214 -2.57 7.81 -48.88
N GLU B 215 -3.79 8.23 -49.17
CA GLU B 215 -4.34 9.44 -48.52
C GLU B 215 -5.72 9.19 -47.96
N THR B 216 -6.00 9.83 -46.83
CA THR B 216 -7.29 9.72 -46.18
C THR B 216 -7.80 11.08 -45.75
N TYR B 217 -9.12 11.23 -45.83
CA TYR B 217 -9.84 12.46 -45.45
C TYR B 217 -11.10 12.06 -44.70
N THR B 218 -11.22 12.53 -43.45
CA THR B 218 -12.26 12.08 -42.51
C THR B 218 -12.99 13.26 -41.91
N GLY B 219 -14.31 13.13 -41.82
CA GLY B 219 -15.16 13.99 -40.99
C GLY B 219 -15.94 13.14 -40.00
N GLY B 220 -16.15 13.70 -38.79
CA GLY B 220 -16.93 13.04 -37.78
C GLY B 220 -17.81 13.98 -36.98
N LEU B 221 -18.87 13.39 -36.45
CA LEU B 221 -19.84 14.10 -35.61
C LEU B 221 -20.28 13.18 -34.50
N LYS B 222 -20.47 13.72 -33.30
CA LYS B 222 -21.02 12.92 -32.24
C LYS B 222 -21.83 13.72 -31.24
N TYR B 223 -22.70 13.00 -30.58
CA TYR B 223 -23.45 13.49 -29.42
C TYR B 223 -23.19 12.52 -28.29
N ASP B 224 -22.69 13.03 -27.17
CA ASP B 224 -22.28 12.20 -26.05
C ASP B 224 -22.68 12.91 -24.73
N ALA B 225 -23.94 12.69 -24.31
CA ALA B 225 -24.51 13.32 -23.10
C ALA B 225 -25.85 12.68 -22.79
N ASN B 226 -26.31 12.85 -21.54
CA ASN B 226 -27.65 12.42 -21.15
C ASN B 226 -27.95 10.95 -21.43
N ASN B 227 -26.93 10.11 -21.23
CA ASN B 227 -27.01 8.66 -21.47
C ASN B 227 -27.15 8.21 -22.93
N ILE B 228 -27.06 9.17 -23.86
CA ILE B 228 -27.19 8.91 -25.29
C ILE B 228 -25.82 9.02 -25.91
N TYR B 229 -25.51 8.10 -26.82
CA TYR B 229 -24.30 8.22 -27.62
C TYR B 229 -24.70 8.00 -29.10
N LEU B 230 -24.46 9.03 -29.91
CA LEU B 230 -24.68 8.98 -31.35
C LEU B 230 -23.38 9.42 -32.02
N ALA B 231 -22.93 8.71 -33.06
CA ALA B 231 -21.76 9.17 -33.77
C ALA B 231 -21.77 8.68 -35.20
N ALA B 232 -21.12 9.45 -36.05
CA ALA B 232 -20.93 9.06 -37.45
C ALA B 232 -19.56 9.53 -37.90
N GLN B 233 -18.96 8.74 -38.81
CA GLN B 233 -17.72 9.14 -39.44
C GLN B 233 -17.84 8.79 -40.93
N TYR B 234 -17.33 9.69 -41.76
CA TYR B 234 -17.22 9.47 -43.19
C TYR B 234 -15.78 9.72 -43.58
N THR B 235 -15.20 8.74 -44.28
CA THR B 235 -13.80 8.81 -44.72
C THR B 235 -13.70 8.46 -46.21
N GLN B 236 -13.03 9.33 -46.94
CA GLN B 236 -12.67 9.06 -48.33
C GLN B 236 -11.17 8.73 -48.36
N THR B 237 -10.82 7.62 -49.01
CA THR B 237 -9.45 7.18 -49.11
C THR B 237 -9.01 6.99 -50.54
N TYR B 238 -7.71 7.10 -50.72
CA TYR B 238 -7.04 6.89 -52.02
C TYR B 238 -5.83 5.98 -51.79
N ASN B 239 -5.87 4.81 -52.42
CA ASN B 239 -4.77 3.84 -52.32
C ASN B 239 -4.42 3.44 -50.88
N ALA B 240 -5.44 3.43 -50.01
CA ALA B 240 -5.25 3.26 -48.56
C ALA B 240 -6.11 2.20 -47.88
N THR B 241 -7.24 1.86 -48.48
CA THR B 241 -8.17 0.89 -47.90
C THR B 241 -7.84 -0.47 -48.50
N ARG B 242 -7.57 -1.44 -47.64
CA ARG B 242 -7.20 -2.79 -48.10
C ARG B 242 -8.38 -3.44 -48.83
N VAL B 243 -8.06 -4.19 -49.90
CA VAL B 243 -9.04 -5.03 -50.58
C VAL B 243 -8.72 -6.45 -50.16
N GLY B 244 -9.35 -6.88 -49.08
CA GLY B 244 -9.00 -8.15 -48.44
C GLY B 244 -7.50 -8.24 -48.27
N ASN B 245 -6.90 -9.29 -48.79
CA ASN B 245 -5.45 -9.43 -48.73
C ASN B 245 -4.80 -9.30 -50.13
N LEU B 246 -5.46 -8.60 -51.04
CA LEU B 246 -4.99 -8.47 -52.42
C LEU B 246 -4.27 -7.18 -52.76
N GLY B 247 -4.39 -6.16 -51.91
CA GLY B 247 -3.83 -4.84 -52.23
C GLY B 247 -4.78 -3.80 -51.68
N TRP B 248 -4.98 -2.71 -52.41
CA TRP B 248 -5.79 -1.57 -51.95
C TRP B 248 -6.77 -1.12 -53.01
N ALA B 249 -7.77 -0.36 -52.58
CA ALA B 249 -8.75 0.26 -53.45
C ALA B 249 -8.20 1.57 -53.97
N ASN B 250 -8.26 1.79 -55.28
CA ASN B 250 -7.80 3.08 -55.81
C ASN B 250 -8.51 4.23 -55.12
N LYS B 251 -9.81 4.08 -54.92
CA LYS B 251 -10.57 4.99 -54.05
C LYS B 251 -11.51 4.16 -53.19
N ALA B 252 -11.81 4.64 -51.98
CA ALA B 252 -12.89 4.06 -51.20
C ALA B 252 -13.64 5.15 -50.44
N GLN B 253 -14.90 4.84 -50.14
CA GLN B 253 -15.75 5.71 -49.34
C GLN B 253 -16.26 4.86 -48.20
N ASN B 254 -15.89 5.25 -46.98
CA ASN B 254 -16.22 4.51 -45.78
C ASN B 254 -17.19 5.32 -44.92
N PHE B 255 -18.19 4.64 -44.40
CA PHE B 255 -19.18 5.28 -43.54
C PHE B 255 -19.52 4.37 -42.38
N GLU B 256 -19.52 4.96 -41.18
CA GLU B 256 -19.91 4.26 -39.97
C GLU B 256 -20.83 5.16 -39.16
N VAL B 257 -21.88 4.57 -38.61
CA VAL B 257 -22.81 5.29 -37.74
C VAL B 257 -23.30 4.37 -36.64
N VAL B 258 -23.48 4.94 -35.44
CA VAL B 258 -23.87 4.19 -34.28
C VAL B 258 -24.78 5.00 -33.34
N ALA B 259 -25.70 4.28 -32.73
CA ALA B 259 -26.57 4.83 -31.68
C ALA B 259 -26.56 3.88 -30.51
N GLN B 260 -26.37 4.43 -29.30
CA GLN B 260 -26.39 3.66 -28.06
C GLN B 260 -27.10 4.46 -26.98
N TYR B 261 -27.59 3.73 -26.00
CA TYR B 261 -28.20 4.31 -24.82
C TYR B 261 -27.72 3.55 -23.61
N GLN B 262 -27.37 4.27 -22.54
CA GLN B 262 -26.94 3.65 -21.30
C GLN B 262 -28.08 3.72 -20.28
N PHE B 263 -28.64 2.56 -19.95
CA PHE B 263 -29.59 2.48 -18.84
C PHE B 263 -28.82 2.54 -17.51
N ASP B 264 -29.44 3.16 -16.50
CA ASP B 264 -28.78 3.27 -15.19
CA ASP B 264 -28.83 3.27 -15.17
C ASP B 264 -28.50 1.92 -14.53
N PHE B 265 -29.33 0.91 -14.83
CA PHE B 265 -29.15 -0.45 -14.27
C PHE B 265 -28.04 -1.27 -14.93
N GLY B 266 -27.40 -0.74 -15.97
CA GLY B 266 -26.20 -1.37 -16.53
C GLY B 266 -26.23 -1.75 -18.00
N LEU B 267 -27.43 -1.84 -18.58
CA LEU B 267 -27.55 -2.30 -19.96
C LEU B 267 -27.31 -1.17 -20.96
N ARG B 268 -26.55 -1.48 -22.01
CA ARG B 268 -26.23 -0.51 -23.04
C ARG B 268 -26.48 -1.14 -24.41
N PRO B 269 -27.71 -1.03 -24.93
CA PRO B 269 -27.96 -1.46 -26.30
C PRO B 269 -27.23 -0.59 -27.32
N SER B 270 -26.99 -1.18 -28.48
CA SER B 270 -26.21 -0.56 -29.55
C SER B 270 -26.78 -0.99 -30.91
N VAL B 271 -26.95 -0.02 -31.79
CA VAL B 271 -27.32 -0.27 -33.19
C VAL B 271 -26.37 0.52 -34.07
N ALA B 272 -25.84 -0.13 -35.10
CA ALA B 272 -24.85 0.49 -35.98
C ALA B 272 -24.92 0.00 -37.41
N TYR B 273 -24.34 0.78 -38.29
CA TYR B 273 -24.20 0.42 -39.70
C TYR B 273 -22.81 0.84 -40.17
N LEU B 274 -22.13 -0.07 -40.86
CA LEU B 274 -20.83 0.20 -41.46
C LEU B 274 -20.80 -0.23 -42.90
N GLN B 275 -20.14 0.56 -43.73
CA GLN B 275 -19.81 0.12 -45.09
C GLN B 275 -18.51 0.72 -45.57
N SER B 276 -17.89 0.00 -46.50
CA SER B 276 -16.70 0.47 -47.19
C SER B 276 -16.95 0.13 -48.66
N LYS B 277 -16.95 1.17 -49.48
CA LYS B 277 -17.27 1.06 -50.90
C LYS B 277 -16.01 1.32 -51.70
N GLY B 278 -15.48 0.27 -52.35
CA GLY B 278 -14.27 0.40 -53.14
C GLY B 278 -14.60 0.82 -54.56
N LYS B 279 -13.74 1.64 -55.16
CA LYS B 279 -13.96 2.18 -56.49
C LYS B 279 -12.79 1.87 -57.41
N ASP B 280 -13.12 1.56 -58.66
CA ASP B 280 -12.14 1.43 -59.74
C ASP B 280 -11.12 0.33 -59.49
N LEU B 281 -11.57 -0.79 -58.93
CA LEU B 281 -10.68 -1.93 -58.70
C LEU B 281 -10.27 -2.56 -60.05
N GLU B 282 -9.02 -2.99 -60.05
CA GLU B 282 -8.40 -3.69 -61.16
C GLU B 282 -9.04 -5.06 -61.43
N ASN B 283 -8.54 -5.73 -62.46
CA ASN B 283 -9.02 -7.05 -62.91
C ASN B 283 -10.51 -7.09 -63.20
N GLY B 284 -11.03 -5.97 -63.71
CA GLY B 284 -12.43 -5.88 -64.10
C GLY B 284 -13.43 -5.79 -62.97
N TYR B 285 -12.96 -5.66 -61.72
CA TYR B 285 -13.88 -5.66 -60.58
C TYR B 285 -14.62 -4.33 -60.41
N GLY B 286 -14.00 -3.23 -60.81
CA GLY B 286 -14.65 -1.93 -60.77
C GLY B 286 -15.07 -1.57 -59.36
N ASP B 287 -16.32 -1.15 -59.21
CA ASP B 287 -16.85 -0.79 -57.89
C ASP B 287 -17.30 -2.06 -57.19
N GLN B 288 -16.83 -2.23 -55.94
CA GLN B 288 -17.21 -3.38 -55.11
C GLN B 288 -17.39 -2.96 -53.67
N ASP B 289 -18.38 -3.56 -53.01
CA ASP B 289 -18.51 -3.43 -51.56
C ASP B 289 -17.41 -4.23 -50.88
N LEU B 290 -16.65 -3.57 -50.00
CA LEU B 290 -15.60 -4.24 -49.23
C LEU B 290 -16.06 -4.66 -47.85
N LEU B 291 -17.06 -3.96 -47.33
CA LEU B 291 -17.59 -4.18 -46.00
C LEU B 291 -19.00 -3.65 -46.04
N LYS B 292 -19.96 -4.38 -45.47
CA LYS B 292 -21.34 -3.88 -45.41
C LYS B 292 -22.13 -4.67 -44.40
N TYR B 293 -22.42 -4.06 -43.25
CA TYR B 293 -23.20 -4.74 -42.24
C TYR B 293 -23.94 -3.84 -41.28
N VAL B 294 -25.07 -4.36 -40.81
CA VAL B 294 -25.78 -3.77 -39.68
C VAL B 294 -25.31 -4.53 -38.46
N ASP B 295 -25.16 -3.82 -37.33
CA ASP B 295 -24.76 -4.45 -36.09
C ASP B 295 -25.77 -4.09 -35.01
N VAL B 296 -26.30 -5.13 -34.36
CA VAL B 296 -27.17 -4.94 -33.19
CA VAL B 296 -27.17 -4.95 -33.18
C VAL B 296 -26.61 -5.76 -32.03
N GLY B 297 -26.51 -5.13 -30.85
CA GLY B 297 -25.97 -5.79 -29.70
C GLY B 297 -26.25 -5.05 -28.41
N ALA B 298 -25.71 -5.57 -27.33
CA ALA B 298 -25.87 -4.94 -26.03
C ALA B 298 -24.78 -5.43 -25.11
N THR B 299 -24.29 -4.50 -24.27
CA THR B 299 -23.38 -4.84 -23.20
C THR B 299 -24.11 -4.60 -21.89
N TYR B 300 -23.98 -5.55 -20.97
CA TYR B 300 -24.47 -5.34 -19.59
C TYR B 300 -23.23 -5.17 -18.71
N TYR B 301 -23.08 -3.99 -18.08
CA TYR B 301 -21.98 -3.71 -17.20
C TYR B 301 -22.37 -4.04 -15.78
N PHE B 302 -21.77 -5.07 -15.21
CA PHE B 302 -22.01 -5.40 -13.79
C PHE B 302 -21.44 -4.30 -12.89
N ASN B 303 -20.25 -3.85 -13.25
CA ASN B 303 -19.56 -2.72 -12.61
C ASN B 303 -18.38 -2.36 -13.53
N LYS B 304 -17.44 -1.53 -13.09
CA LYS B 304 -16.31 -1.12 -13.94
C LYS B 304 -15.29 -2.25 -14.22
N ASN B 305 -15.44 -3.39 -13.54
CA ASN B 305 -14.51 -4.51 -13.66
C ASN B 305 -15.10 -5.75 -14.35
N MET B 306 -16.40 -5.77 -14.61
CA MET B 306 -17.02 -6.96 -15.12
C MET B 306 -18.18 -6.62 -16.04
N SER B 307 -18.25 -7.27 -17.20
CA SER B 307 -19.33 -7.05 -18.13
C SER B 307 -19.58 -8.30 -18.96
N THR B 308 -20.70 -8.30 -19.64
CA THR B 308 -21.04 -9.38 -20.57
C THR B 308 -21.76 -8.76 -21.76
N TYR B 309 -21.64 -9.37 -22.93
CA TYR B 309 -22.27 -8.82 -24.11
C TYR B 309 -22.70 -9.85 -25.14
N VAL B 310 -23.67 -9.44 -25.96
CA VAL B 310 -24.04 -10.11 -27.20
C VAL B 310 -23.86 -9.10 -28.32
N ASP B 311 -23.30 -9.53 -29.45
CA ASP B 311 -23.22 -8.67 -30.62
C ASP B 311 -23.55 -9.49 -31.85
N TYR B 312 -24.32 -8.89 -32.73
CA TYR B 312 -24.85 -9.56 -33.93
C TYR B 312 -24.49 -8.75 -35.16
N LYS B 313 -23.53 -9.29 -35.93
CA LYS B 313 -23.11 -8.74 -37.19
C LYS B 313 -24.01 -9.37 -38.25
N ILE B 314 -24.88 -8.53 -38.81
CA ILE B 314 -25.79 -8.93 -39.85
C ILE B 314 -25.15 -8.50 -41.16
N ASN B 315 -24.51 -9.47 -41.82
CA ASN B 315 -23.63 -9.18 -42.93
C ASN B 315 -24.42 -9.08 -44.22
N LEU B 316 -24.33 -7.92 -44.85
CA LEU B 316 -25.13 -7.61 -46.04
C LEU B 316 -24.36 -7.79 -47.35
N LEU B 317 -23.09 -8.18 -47.25
CA LEU B 317 -22.31 -8.51 -48.44
C LEU B 317 -22.84 -9.78 -49.09
N ASP B 318 -22.80 -9.80 -50.42
CA ASP B 318 -23.15 -11.00 -51.17
C ASP B 318 -21.92 -11.89 -51.33
N ASP B 319 -22.12 -13.19 -51.16
CA ASP B 319 -21.11 -14.20 -51.45
C ASP B 319 -20.99 -14.26 -52.97
N LYS B 320 -19.83 -13.85 -53.48
CA LYS B 320 -19.56 -13.88 -54.92
C LYS B 320 -18.08 -14.06 -55.18
N GLU B 321 -17.70 -14.27 -56.45
CA GLU B 321 -16.31 -14.59 -56.74
C GLU B 321 -15.35 -13.52 -56.17
N PHE B 322 -15.72 -12.25 -56.28
CA PHE B 322 -14.87 -11.18 -55.78
C PHE B 322 -14.57 -11.33 -54.28
N THR B 323 -15.60 -11.54 -53.47
CA THR B 323 -15.39 -11.61 -52.03
C THR B 323 -14.62 -12.87 -51.67
N ARG B 324 -14.89 -13.97 -52.39
CA ARG B 324 -14.10 -15.18 -52.18
C ARG B 324 -12.64 -14.98 -52.54
N ASN B 325 -12.38 -14.36 -53.68
CA ASN B 325 -10.99 -14.13 -54.11
C ASN B 325 -10.24 -13.24 -53.11
N ALA B 326 -10.90 -12.20 -52.65
CA ALA B 326 -10.30 -11.23 -51.70
C ALA B 326 -10.21 -11.76 -50.27
N GLY B 327 -10.95 -12.82 -49.95
CA GLY B 327 -10.99 -13.37 -48.59
C GLY B 327 -11.84 -12.54 -47.63
N ILE B 328 -12.86 -11.89 -48.17
CA ILE B 328 -13.73 -11.05 -47.35
C ILE B 328 -14.92 -11.90 -46.90
N SER B 329 -15.16 -11.93 -45.58
CA SER B 329 -16.22 -12.73 -45.01
C SER B 329 -17.58 -12.12 -45.31
N THR B 330 -18.52 -12.96 -45.74
CA THR B 330 -19.86 -12.50 -46.11
C THR B 330 -20.95 -13.05 -45.19
N ASP B 331 -20.55 -13.80 -44.15
CA ASP B 331 -21.51 -14.44 -43.25
C ASP B 331 -21.79 -13.62 -42.01
N ASP B 332 -22.98 -13.83 -41.44
CA ASP B 332 -23.34 -13.24 -40.15
C ASP B 332 -22.45 -13.83 -39.06
N ILE B 333 -22.26 -13.07 -37.99
CA ILE B 333 -21.61 -13.60 -36.77
C ILE B 333 -22.43 -13.14 -35.55
N VAL B 334 -22.64 -14.08 -34.62
CA VAL B 334 -23.11 -13.74 -33.27
C VAL B 334 -21.95 -13.94 -32.30
N ALA B 335 -21.66 -12.93 -31.49
CA ALA B 335 -20.63 -13.06 -30.46
C ALA B 335 -21.24 -13.01 -29.08
N LEU B 336 -20.77 -13.87 -28.19
CA LEU B 336 -21.11 -13.80 -26.78
C LEU B 336 -19.82 -13.68 -25.99
N GLY B 337 -19.76 -12.66 -25.12
CA GLY B 337 -18.56 -12.40 -24.35
C GLY B 337 -18.83 -12.18 -22.88
N LEU B 338 -17.88 -12.59 -22.06
CA LEU B 338 -17.87 -12.35 -20.61
C LEU B 338 -16.48 -11.83 -20.27
N VAL B 339 -16.42 -10.61 -19.69
CA VAL B 339 -15.19 -9.86 -19.57
C VAL B 339 -14.89 -9.46 -18.13
N TYR B 340 -13.75 -9.90 -17.63
CA TYR B 340 -13.17 -9.38 -16.41
C TYR B 340 -12.06 -8.42 -16.78
N GLN B 341 -12.01 -7.24 -16.16
CA GLN B 341 -10.90 -6.33 -16.40
C GLN B 341 -10.48 -5.61 -15.14
N PHE B 342 -9.24 -5.15 -15.14
CA PHE B 342 -8.67 -4.42 -14.00
C PHE B 342 -7.81 -3.26 -14.43
N ALA C 1 9.98 -1.13 -10.07
CA ALA C 1 9.37 -0.51 -8.85
C ALA C 1 8.98 -1.60 -7.86
N GLU C 2 9.24 -1.38 -6.57
CA GLU C 2 8.83 -2.34 -5.55
C GLU C 2 7.32 -2.21 -5.41
N ILE C 3 6.60 -3.27 -5.75
CA ILE C 3 5.14 -3.28 -5.69
C ILE C 3 4.59 -4.13 -4.57
N TYR C 4 5.45 -4.85 -3.86
CA TYR C 4 5.04 -5.73 -2.80
C TYR C 4 6.20 -5.88 -1.84
N ASN C 5 5.89 -5.79 -0.53
CA ASN C 5 6.86 -5.97 0.54
C ASN C 5 6.06 -6.27 1.78
N LYS C 6 6.01 -7.54 2.16
CA LYS C 6 5.15 -8.00 3.21
C LYS C 6 5.69 -9.32 3.76
N ASP C 7 5.74 -9.42 5.10
CA ASP C 7 6.06 -10.68 5.78
C ASP C 7 7.36 -11.35 5.29
N GLY C 8 8.39 -10.55 4.98
CA GLY C 8 9.69 -11.06 4.52
C GLY C 8 9.86 -11.35 3.02
N ASN C 9 8.85 -11.01 2.24
CA ASN C 9 8.82 -11.27 0.79
C ASN C 9 8.64 -9.96 0.06
N LYS C 10 9.50 -9.71 -0.93
CA LYS C 10 9.46 -8.46 -1.68
C LYS C 10 9.45 -8.78 -3.17
N LEU C 11 8.79 -7.92 -3.96
CA LEU C 11 8.74 -8.11 -5.42
C LEU C 11 8.86 -6.75 -6.09
N ASP C 12 9.82 -6.63 -7.00
CA ASP C 12 10.02 -5.45 -7.82
C ASP C 12 9.60 -5.82 -9.20
N LEU C 13 8.57 -5.17 -9.71
CA LEU C 13 8.16 -5.27 -11.10
C LEU C 13 8.71 -4.07 -11.84
N TYR C 14 9.54 -4.27 -12.86
CA TYR C 14 10.23 -3.21 -13.50
C TYR C 14 10.10 -3.31 -15.02
N GLY C 15 10.39 -2.23 -15.69
CA GLY C 15 10.35 -2.24 -17.15
C GLY C 15 10.73 -0.94 -17.75
N LYS C 16 10.71 -0.90 -19.06
CA LYS C 16 11.05 0.29 -19.83
C LYS C 16 10.36 0.23 -21.16
N VAL C 17 10.05 1.41 -21.68
CA VAL C 17 9.65 1.57 -23.07
C VAL C 17 10.64 2.54 -23.68
N ASP C 18 11.32 2.11 -24.74
CA ASP C 18 12.31 2.91 -25.43
C ASP C 18 11.77 3.24 -26.81
N GLY C 19 11.30 4.48 -27.01
CA GLY C 19 10.88 4.95 -28.32
C GLY C 19 12.15 5.34 -29.03
N LEU C 20 12.53 4.54 -30.04
CA LEU C 20 13.89 4.52 -30.52
C LEU C 20 13.88 4.49 -32.05
N HIS C 21 14.70 5.33 -32.65
CA HIS C 21 14.81 5.38 -34.11
C HIS C 21 16.27 5.42 -34.52
N TYR C 22 16.63 4.59 -35.50
CA TYR C 22 17.97 4.57 -36.10
C TYR C 22 17.97 5.22 -37.49
N PHE C 23 19.03 5.96 -37.77
CA PHE C 23 19.27 6.54 -39.08
C PHE C 23 20.57 5.92 -39.61
N SER C 24 20.48 5.19 -40.71
CA SER C 24 21.65 4.54 -41.27
C SER C 24 21.48 4.23 -42.75
N ASP C 25 22.61 4.25 -43.46
CA ASP C 25 22.67 3.75 -44.83
C ASP C 25 22.51 2.23 -44.88
N ASP C 26 22.72 1.54 -43.75
CA ASP C 26 22.51 0.10 -43.67
C ASP C 26 21.02 -0.11 -43.45
N ASP C 27 20.34 -0.57 -44.48
CA ASP C 27 18.87 -0.77 -44.44
C ASP C 27 18.45 -1.85 -43.44
N SER C 28 19.37 -2.71 -43.02
CA SER C 28 19.09 -3.71 -41.98
C SER C 28 19.06 -3.10 -40.56
N GLN C 29 19.56 -1.87 -40.42
CA GLN C 29 19.59 -1.13 -39.15
C GLN C 29 18.64 0.06 -39.16
N ASP C 30 18.51 0.73 -40.30
CA ASP C 30 17.72 1.97 -40.42
C ASP C 30 16.26 1.76 -40.02
N GLY C 31 15.70 2.79 -39.38
CA GLY C 31 14.28 2.86 -39.12
C GLY C 31 13.88 2.72 -37.67
N ASP C 32 12.62 2.35 -37.49
CA ASP C 32 12.05 2.27 -36.14
C ASP C 32 12.62 1.08 -35.38
N GLN C 33 13.12 1.35 -34.16
CA GLN C 33 13.74 0.35 -33.29
C GLN C 33 13.10 0.28 -31.91
N THR C 34 11.89 0.82 -31.81
CA THR C 34 11.14 0.84 -30.54
C THR C 34 11.05 -0.55 -29.91
N TYR C 35 11.30 -0.61 -28.61
CA TYR C 35 11.17 -1.86 -27.86
C TYR C 35 10.81 -1.59 -26.42
N MET C 36 10.38 -2.64 -25.74
CA MET C 36 10.12 -2.58 -24.31
C MET C 36 10.74 -3.77 -23.61
N ARG C 37 11.03 -3.62 -22.32
CA ARG C 37 11.35 -4.76 -21.47
C ARG C 37 10.44 -4.77 -20.28
N LEU C 38 10.22 -5.94 -19.72
CA LEU C 38 9.46 -6.12 -18.48
C LEU C 38 10.23 -7.17 -17.68
N GLY C 39 10.24 -7.05 -16.38
CA GLY C 39 10.90 -8.05 -15.56
C GLY C 39 10.42 -8.03 -14.13
N PHE C 40 10.79 -9.04 -13.36
CA PHE C 40 10.66 -8.94 -11.91
C PHE C 40 11.91 -9.42 -11.21
N LYS C 41 12.12 -8.90 -9.99
CA LYS C 41 13.14 -9.37 -9.08
C LYS C 41 12.45 -9.61 -7.75
N GLY C 42 12.42 -10.84 -7.29
CA GLY C 42 11.77 -11.20 -6.04
C GLY C 42 12.78 -11.73 -5.06
N GLU C 43 12.53 -11.52 -3.75
CA GLU C 43 13.40 -11.99 -2.72
C GLU C 43 12.52 -12.42 -1.54
N THR C 44 12.90 -13.51 -0.88
CA THR C 44 12.20 -14.02 0.29
C THR C 44 13.20 -14.33 1.38
N GLN C 45 13.02 -13.75 2.58
CA GLN C 45 13.84 -14.08 3.69
C GLN C 45 13.42 -15.45 4.25
N VAL C 46 14.36 -16.40 4.29
CA VAL C 46 14.06 -17.73 4.81
C VAL C 46 14.42 -17.78 6.30
N ASN C 47 15.65 -17.37 6.61
CA ASN C 47 16.11 -17.32 8.00
C ASN C 47 17.27 -16.30 8.10
N ASP C 48 17.91 -16.21 9.26
CA ASP C 48 18.98 -15.22 9.50
C ASP C 48 20.12 -15.22 8.48
N GLN C 49 20.45 -16.40 7.97
CA GLN C 49 21.59 -16.56 7.07
C GLN C 49 21.17 -17.02 5.68
N LEU C 50 19.90 -16.90 5.34
CA LEU C 50 19.42 -17.43 4.05
C LEU C 50 18.28 -16.61 3.45
N THR C 51 18.50 -16.12 2.23
CA THR C 51 17.48 -15.46 1.44
C THR C 51 17.35 -16.18 0.10
N GLY C 52 16.12 -16.40 -0.32
CA GLY C 52 15.84 -16.94 -1.67
C GLY C 52 15.51 -15.81 -2.63
N TYR C 53 15.82 -16.00 -3.91
CA TYR C 53 15.51 -14.98 -4.87
C TYR C 53 15.22 -15.56 -6.25
N GLY C 54 14.60 -14.77 -7.07
CA GLY C 54 14.26 -15.12 -8.44
C GLY C 54 14.24 -13.86 -9.26
N GLN C 55 14.70 -13.95 -10.50
CA GLN C 55 14.65 -12.81 -11.40
C GLN C 55 14.31 -13.26 -12.81
N TRP C 56 13.53 -12.47 -13.51
CA TRP C 56 13.13 -12.71 -14.89
C TRP C 56 13.09 -11.39 -15.62
N GLU C 57 13.59 -11.36 -16.85
CA GLU C 57 13.56 -10.17 -17.67
C GLU C 57 13.29 -10.59 -19.11
N TYR C 58 12.39 -9.87 -19.75
CA TYR C 58 11.86 -10.23 -21.05
C TYR C 58 11.87 -9.00 -21.95
N GLN C 59 12.21 -9.16 -23.23
CA GLN C 59 12.17 -8.07 -24.20
C GLN C 59 11.12 -8.36 -25.22
N ILE C 60 10.31 -7.35 -25.55
CA ILE C 60 9.33 -7.46 -26.60
C ILE C 60 9.55 -6.31 -27.56
N GLN C 61 9.88 -6.61 -28.82
CA GLN C 61 10.03 -5.56 -29.78
C GLN C 61 8.71 -4.82 -30.01
N GLY C 62 8.83 -3.51 -30.18
CA GLY C 62 7.71 -2.59 -30.38
C GLY C 62 7.70 -2.01 -31.78
N ASN C 63 8.50 -2.58 -32.68
CA ASN C 63 8.70 -2.04 -34.01
C ASN C 63 8.17 -2.98 -35.11
N SER C 64 7.41 -4.00 -34.71
CA SER C 64 6.77 -4.87 -35.71
C SER C 64 5.29 -4.61 -35.82
N GLY C 65 4.70 -5.11 -36.90
CA GLY C 65 3.25 -5.14 -37.04
C GLY C 65 2.61 -6.25 -36.23
N GLU C 66 1.28 -6.25 -36.21
CA GLU C 66 0.52 -7.14 -35.31
C GLU C 66 0.39 -8.56 -35.81
N ASN C 67 0.89 -8.79 -37.03
CA ASN C 67 0.98 -10.12 -37.60
C ASN C 67 2.21 -10.92 -37.15
N GLU C 68 3.07 -10.30 -36.34
CA GLU C 68 4.18 -11.00 -35.83
C GLU C 68 4.55 -10.54 -34.44
N ASN C 69 5.42 -11.30 -33.80
CA ASN C 69 5.88 -11.02 -32.44
C ASN C 69 7.30 -11.46 -32.31
N ASN C 70 8.18 -10.52 -31.96
CA ASN C 70 9.59 -10.76 -31.73
C ASN C 70 9.90 -10.45 -30.30
N SER C 71 10.02 -11.50 -29.51
CA SER C 71 10.24 -11.38 -28.07
C SER C 71 11.15 -12.49 -27.59
N TRP C 72 11.78 -12.28 -26.45
CA TRP C 72 12.69 -13.27 -25.90
C TRP C 72 12.97 -13.03 -24.44
N THR C 73 13.39 -14.09 -23.77
CA THR C 73 13.83 -14.04 -22.37
C THR C 73 15.28 -13.64 -22.33
N ARG C 74 15.57 -12.56 -21.60
CA ARG C 74 16.92 -12.15 -21.34
C ARG C 74 17.53 -12.95 -20.20
N VAL C 75 16.88 -12.93 -19.03
CA VAL C 75 17.32 -13.77 -17.91
C VAL C 75 16.12 -14.45 -17.24
N ALA C 76 16.38 -15.58 -16.58
CA ALA C 76 15.36 -16.29 -15.81
C ALA C 76 16.09 -17.23 -14.89
N PHE C 77 16.27 -16.85 -13.63
CA PHE C 77 17.02 -17.67 -12.70
C PHE C 77 16.48 -17.62 -11.30
N ALA C 78 16.80 -18.65 -10.54
CA ALA C 78 16.44 -18.73 -9.13
C ALA C 78 17.72 -18.97 -8.35
N GLY C 79 17.76 -18.48 -7.10
CA GLY C 79 18.95 -18.62 -6.31
C GLY C 79 18.76 -18.51 -4.79
N LEU C 80 19.86 -18.76 -4.09
CA LEU C 80 19.91 -18.66 -2.63
C LEU C 80 21.15 -17.84 -2.28
N LYS C 81 21.00 -16.95 -1.31
CA LYS C 81 22.11 -16.15 -0.80
C LYS C 81 22.30 -16.54 0.68
N PHE C 82 23.53 -16.84 1.06
CA PHE C 82 23.88 -17.46 2.33
C PHE C 82 24.84 -16.59 3.15
N GLY C 83 24.56 -15.31 3.31
CA GLY C 83 25.38 -14.47 4.21
C GLY C 83 26.72 -14.15 3.58
N ASP C 84 27.81 -14.32 4.32
CA ASP C 84 29.16 -14.16 3.75
C ASP C 84 29.70 -15.43 3.05
N ALA C 85 28.96 -16.54 3.13
CA ALA C 85 29.37 -17.79 2.46
C ALA C 85 29.16 -17.76 0.94
N GLY C 86 28.38 -16.78 0.46
CA GLY C 86 28.20 -16.60 -0.99
C GLY C 86 26.75 -16.72 -1.44
N SER C 87 26.54 -16.66 -2.75
CA SER C 87 25.24 -16.96 -3.38
C SER C 87 25.40 -18.03 -4.44
N PHE C 88 24.29 -18.72 -4.72
CA PHE C 88 24.23 -19.68 -5.84
C PHE C 88 22.94 -19.46 -6.60
N ASP C 89 23.03 -19.38 -7.92
CA ASP C 89 21.83 -19.36 -8.74
C ASP C 89 22.00 -20.20 -9.99
N TYR C 90 20.85 -20.58 -10.53
CA TYR C 90 20.80 -21.38 -11.76
C TYR C 90 19.68 -20.90 -12.67
N GLY C 91 19.99 -20.82 -13.97
CA GLY C 91 18.98 -20.58 -15.01
C GLY C 91 19.60 -19.89 -16.19
N ARG C 92 18.80 -19.07 -16.88
CA ARG C 92 19.34 -18.22 -17.94
C ARG C 92 19.90 -17.01 -17.23
N ASN C 93 21.17 -16.71 -17.44
CA ASN C 93 21.81 -15.62 -16.70
C ASN C 93 22.98 -15.11 -17.53
N TYR C 94 23.76 -14.22 -16.95
CA TYR C 94 24.95 -13.69 -17.57
C TYR C 94 26.17 -14.55 -17.25
N GLY C 95 26.95 -14.83 -18.29
CA GLY C 95 28.25 -15.46 -18.08
C GLY C 95 29.20 -14.60 -17.25
N VAL C 96 30.09 -15.25 -16.51
CA VAL C 96 30.97 -14.50 -15.58
C VAL C 96 31.97 -13.62 -16.30
N VAL C 97 32.20 -13.84 -17.59
CA VAL C 97 33.05 -12.94 -18.38
C VAL C 97 32.52 -11.51 -18.30
N TYR C 98 31.19 -11.39 -18.31
CA TYR C 98 30.52 -10.11 -18.28
C TYR C 98 30.68 -9.38 -16.92
N ASP C 99 31.09 -10.09 -15.89
CA ASP C 99 31.45 -9.43 -14.63
C ASP C 99 32.50 -8.34 -14.85
N VAL C 100 33.36 -8.51 -15.87
CA VAL C 100 34.37 -7.50 -16.19
C VAL C 100 34.06 -6.77 -17.49
N THR C 101 33.66 -7.49 -18.53
CA THR C 101 33.38 -6.78 -19.78
C THR C 101 32.19 -5.83 -19.69
N SER C 102 31.29 -6.04 -18.71
CA SER C 102 30.20 -5.09 -18.49
C SER C 102 30.67 -3.68 -18.15
N TRP C 103 31.89 -3.55 -17.66
CA TRP C 103 32.39 -2.22 -17.27
C TRP C 103 32.43 -1.22 -18.42
N THR C 104 32.54 -1.70 -19.67
CA THR C 104 32.50 -0.81 -20.85
C THR C 104 31.16 -0.83 -21.57
N ASP C 105 30.20 -1.64 -21.11
CA ASP C 105 28.89 -1.76 -21.74
C ASP C 105 27.93 -0.74 -21.15
N VAL C 106 28.26 0.53 -21.38
CA VAL C 106 27.58 1.67 -20.73
C VAL C 106 27.23 2.80 -21.68
N LEU C 107 27.24 2.53 -22.98
CA LEU C 107 27.02 3.58 -23.97
C LEU C 107 25.53 3.91 -24.04
N PRO C 108 25.21 5.08 -24.60
CA PRO C 108 23.80 5.45 -24.62
C PRO C 108 22.90 4.47 -25.38
N GLU C 109 23.40 3.89 -26.47
CA GLU C 109 22.65 2.91 -27.27
C GLU C 109 23.51 1.74 -27.79
N PHE C 110 24.67 2.07 -28.33
CA PHE C 110 25.55 1.07 -28.94
C PHE C 110 26.46 0.45 -27.88
N GLY C 111 27.61 -0.08 -28.29
CA GLY C 111 28.52 -0.70 -27.34
C GLY C 111 28.18 -2.13 -26.98
N GLY C 112 29.08 -2.73 -26.19
CA GLY C 112 28.89 -4.07 -25.66
C GLY C 112 28.83 -5.15 -26.72
N ASP C 113 29.45 -4.90 -27.87
CA ASP C 113 29.23 -5.73 -29.05
C ASP C 113 30.49 -6.33 -29.67
N THR C 114 31.56 -6.48 -28.89
CA THR C 114 32.65 -7.38 -29.29
C THR C 114 32.29 -8.85 -29.03
N TYR C 115 31.09 -9.09 -28.45
CA TYR C 115 30.56 -10.41 -28.11
C TYR C 115 29.05 -10.26 -28.22
N GLY C 116 28.31 -11.34 -28.06
CA GLY C 116 26.85 -11.27 -28.07
C GLY C 116 26.21 -12.22 -27.11
N SER C 117 24.90 -12.41 -27.27
CA SER C 117 24.15 -13.33 -26.43
CA SER C 117 24.15 -13.34 -26.43
C SER C 117 24.29 -14.76 -26.95
N ASP C 118 24.09 -15.72 -26.08
CA ASP C 118 24.23 -17.15 -26.39
C ASP C 118 25.57 -17.38 -27.07
N ASN C 119 26.62 -16.82 -26.51
CA ASN C 119 27.93 -16.76 -27.17
C ASN C 119 28.93 -17.31 -26.16
N PHE C 120 28.83 -18.62 -25.96
CA PHE C 120 29.57 -19.32 -24.89
C PHE C 120 29.36 -18.59 -23.56
N MET C 121 30.38 -18.39 -22.73
CA MET C 121 30.14 -17.83 -21.40
C MET C 121 30.34 -16.31 -21.37
N GLN C 122 30.15 -15.65 -22.50
CA GLN C 122 30.51 -14.23 -22.63
C GLN C 122 29.44 -13.27 -22.14
N GLN C 123 28.18 -13.62 -22.32
CA GLN C 123 27.08 -12.71 -21.94
C GLN C 123 25.88 -13.57 -21.58
N ARG C 124 24.66 -13.22 -21.98
CA ARG C 124 23.52 -14.01 -21.57
C ARG C 124 23.55 -15.40 -22.22
N GLY C 125 23.05 -16.39 -21.49
CA GLY C 125 23.06 -17.76 -21.99
C GLY C 125 22.31 -18.70 -21.11
N ASN C 126 21.99 -19.90 -21.62
CA ASN C 126 21.18 -20.85 -20.86
C ASN C 126 22.00 -21.75 -19.97
N GLY C 127 21.42 -22.11 -18.83
CA GLY C 127 21.95 -23.23 -18.03
C GLY C 127 23.18 -22.90 -17.24
N PHE C 128 23.31 -21.64 -16.77
CA PHE C 128 24.42 -21.27 -15.93
C PHE C 128 24.14 -21.60 -14.48
N ALA C 129 25.11 -22.28 -13.85
CA ALA C 129 25.14 -22.51 -12.40
C ALA C 129 26.25 -21.61 -11.91
N THR C 130 25.90 -20.63 -11.06
CA THR C 130 26.84 -19.55 -10.73
C THR C 130 26.98 -19.37 -9.21
N TYR C 131 28.22 -19.53 -8.73
CA TYR C 131 28.58 -19.28 -7.33
C TYR C 131 29.28 -17.93 -7.27
N ARG C 132 28.86 -17.08 -6.32
CA ARG C 132 29.45 -15.76 -6.14
C ARG C 132 29.77 -15.51 -4.69
N ASN C 133 30.83 -14.74 -4.50
CA ASN C 133 31.26 -14.37 -3.17
C ASN C 133 31.77 -12.94 -3.15
N SER C 134 31.15 -12.09 -2.31
CA SER C 134 31.51 -10.68 -2.19
C SER C 134 32.38 -10.48 -0.96
N ASP C 135 33.38 -9.61 -1.09
CA ASP C 135 34.27 -9.23 0.00
C ASP C 135 34.94 -10.45 0.63
N PHE C 136 35.30 -11.40 -0.23
CA PHE C 136 35.99 -12.63 0.11
C PHE C 136 35.65 -13.14 1.50
N PHE C 137 34.46 -13.73 1.62
CA PHE C 137 34.00 -14.38 2.84
C PHE C 137 33.89 -13.43 4.04
N GLY C 138 33.74 -12.13 3.77
CA GLY C 138 33.81 -11.10 4.82
C GLY C 138 35.21 -10.81 5.37
N LEU C 139 36.24 -11.37 4.76
CA LEU C 139 37.63 -11.26 5.21
C LEU C 139 38.44 -10.20 4.47
N VAL C 140 38.14 -9.97 3.18
CA VAL C 140 38.88 -8.96 2.40
C VAL C 140 37.83 -8.06 1.71
N ASP C 141 37.62 -6.87 2.28
CA ASP C 141 36.68 -5.92 1.71
C ASP C 141 37.09 -5.58 0.29
N GLY C 142 36.12 -5.61 -0.61
CA GLY C 142 36.32 -5.22 -2.00
C GLY C 142 36.87 -6.29 -2.93
N LEU C 143 37.15 -7.49 -2.43
CA LEU C 143 37.61 -8.62 -3.26
C LEU C 143 36.43 -9.55 -3.48
N ASN C 144 35.98 -9.65 -4.73
CA ASN C 144 34.83 -10.48 -5.10
C ASN C 144 35.31 -11.52 -6.10
N PHE C 145 34.71 -12.70 -6.06
CA PHE C 145 34.99 -13.69 -7.10
C PHE C 145 33.75 -14.49 -7.42
N ALA C 146 33.79 -15.15 -8.57
CA ALA C 146 32.72 -16.02 -9.01
C ALA C 146 33.29 -17.22 -9.70
N VAL C 147 32.59 -18.34 -9.56
CA VAL C 147 32.89 -19.57 -10.29
C VAL C 147 31.59 -20.01 -10.95
N GLN C 148 31.68 -20.41 -12.23
CA GLN C 148 30.48 -20.69 -13.01
C GLN C 148 30.65 -21.92 -13.87
N TYR C 149 29.55 -22.66 -14.00
CA TYR C 149 29.48 -23.82 -14.89
C TYR C 149 28.32 -23.59 -15.87
N GLN C 150 28.48 -24.02 -17.12
CA GLN C 150 27.39 -24.01 -18.09
C GLN C 150 27.25 -25.39 -18.72
N GLY C 151 26.10 -26.01 -18.60
CA GLY C 151 25.85 -27.28 -19.28
C GLY C 151 25.69 -27.10 -20.78
N LYS C 152 26.00 -28.16 -21.52
CA LYS C 152 25.80 -28.22 -22.96
C LYS C 152 24.39 -27.73 -23.34
N ASN C 153 24.33 -26.85 -24.35
CA ASN C 153 23.10 -26.50 -25.06
C ASN C 153 23.41 -26.80 -26.52
N GLY C 154 22.87 -27.92 -26.99
CA GLY C 154 23.26 -28.49 -28.26
C GLY C 154 22.31 -28.25 -29.40
N SER C 155 22.25 -29.25 -30.30
CA SER C 155 21.43 -29.18 -31.50
C SER C 155 20.01 -29.65 -31.26
N ALA C 156 19.14 -29.39 -32.23
CA ALA C 156 17.76 -29.85 -32.18
C ALA C 156 17.63 -31.36 -32.37
N SER C 157 18.58 -31.95 -33.10
CA SER C 157 18.55 -33.38 -33.44
C SER C 157 19.97 -33.84 -33.67
N GLY C 158 20.13 -35.15 -33.77
CA GLY C 158 21.42 -35.68 -34.18
C GLY C 158 22.40 -35.77 -33.02
N GLU C 159 23.68 -35.80 -33.38
CA GLU C 159 24.73 -36.18 -32.45
C GLU C 159 24.85 -35.21 -31.26
N ASP C 160 24.58 -33.92 -31.48
CA ASP C 160 24.73 -32.93 -30.41
C ASP C 160 23.46 -32.65 -29.65
N GLN C 161 22.43 -33.47 -29.80
CA GLN C 161 21.10 -33.09 -29.33
C GLN C 161 21.03 -32.89 -27.82
N THR C 162 20.36 -31.78 -27.44
CA THR C 162 19.83 -31.60 -26.10
C THR C 162 18.36 -31.22 -26.23
N ASN C 163 17.63 -31.18 -25.12
CA ASN C 163 16.20 -30.92 -25.17
C ASN C 163 15.90 -29.55 -25.80
N ASN C 164 16.82 -28.62 -25.57
CA ASN C 164 16.64 -27.21 -25.88
C ASN C 164 17.54 -26.80 -27.02
N GLY C 165 17.57 -27.61 -28.08
CA GLY C 165 18.52 -27.44 -29.15
C GLY C 165 18.36 -26.15 -29.92
N ARG C 166 19.45 -25.70 -30.52
CA ARG C 166 19.46 -24.46 -31.29
C ARG C 166 20.56 -24.49 -32.34
N THR C 167 20.54 -23.47 -33.19
CA THR C 167 21.49 -23.31 -34.26
C THR C 167 22.93 -23.19 -33.73
N GLU C 168 23.87 -23.59 -34.57
CA GLU C 168 25.27 -23.72 -34.18
C GLU C 168 25.88 -22.46 -33.53
N LEU C 169 25.54 -21.28 -34.06
CA LEU C 169 26.11 -20.05 -33.54
C LEU C 169 25.69 -19.72 -32.11
N ARG C 170 24.67 -20.43 -31.63
CA ARG C 170 24.15 -20.25 -30.27
C ARG C 170 24.27 -21.49 -29.39
N GLN C 171 25.01 -22.51 -29.85
CA GLN C 171 25.28 -23.70 -29.07
C GLN C 171 26.47 -23.53 -28.14
N ASN C 172 26.60 -24.46 -27.21
CA ASN C 172 27.82 -24.61 -26.42
C ASN C 172 27.87 -26.04 -25.88
N GLY C 173 29.07 -26.49 -25.59
CA GLY C 173 29.29 -27.65 -24.76
C GLY C 173 29.45 -27.27 -23.30
N ASP C 174 29.82 -28.25 -22.48
CA ASP C 174 30.02 -28.01 -21.06
C ASP C 174 31.14 -27.00 -20.89
N GLY C 175 30.92 -26.01 -20.01
CA GLY C 175 31.87 -24.92 -19.81
C GLY C 175 32.09 -24.55 -18.36
N VAL C 176 33.27 -24.00 -18.11
CA VAL C 176 33.63 -23.51 -16.79
C VAL C 176 34.32 -22.16 -16.91
N GLY C 177 34.04 -21.27 -15.95
CA GLY C 177 34.70 -19.98 -15.95
C GLY C 177 34.70 -19.38 -14.55
N GLY C 178 35.41 -18.27 -14.44
CA GLY C 178 35.45 -17.54 -13.19
C GLY C 178 35.82 -16.10 -13.40
N SER C 179 35.59 -15.31 -12.34
CA SER C 179 36.01 -13.90 -12.33
C SER C 179 36.53 -13.52 -10.98
N ILE C 180 37.34 -12.46 -10.97
CA ILE C 180 37.83 -11.83 -9.74
C ILE C 180 37.79 -10.34 -9.97
N THR C 181 37.22 -9.57 -9.04
CA THR C 181 37.33 -8.12 -9.07
C THR C 181 37.84 -7.61 -7.73
N TYR C 182 38.50 -6.46 -7.79
CA TYR C 182 39.05 -5.83 -6.59
C TYR C 182 38.87 -4.32 -6.64
N ASN C 183 38.35 -3.79 -5.54
CA ASN C 183 38.23 -2.36 -5.33
C ASN C 183 39.58 -1.83 -4.82
N LEU C 184 40.28 -1.10 -5.68
CA LEU C 184 41.58 -0.51 -5.31
C LEU C 184 41.44 0.73 -4.46
N GLY C 185 40.22 1.26 -4.38
CA GLY C 185 39.94 2.47 -3.60
C GLY C 185 40.01 3.72 -4.46
N GLU C 186 39.48 4.81 -3.91
CA GLU C 186 39.49 6.12 -4.56
C GLU C 186 38.77 6.11 -5.93
N GLY C 187 37.79 5.22 -6.10
CA GLY C 187 37.05 5.06 -7.36
C GLY C 187 37.58 4.04 -8.38
N PHE C 188 38.74 3.46 -8.12
CA PHE C 188 39.38 2.52 -9.04
C PHE C 188 39.02 1.05 -8.78
N GLY C 189 38.76 0.34 -9.86
CA GLY C 189 38.49 -1.10 -9.81
C GLY C 189 39.31 -1.81 -10.87
N ILE C 190 39.71 -3.04 -10.56
CA ILE C 190 40.48 -3.90 -11.47
C ILE C 190 39.82 -5.28 -11.47
N GLY C 191 39.79 -5.93 -12.62
CA GLY C 191 39.15 -7.23 -12.71
C GLY C 191 39.72 -8.12 -13.79
N THR C 192 39.47 -9.41 -13.63
CA THR C 192 39.83 -10.40 -14.64
C THR C 192 38.78 -11.49 -14.68
N ALA C 193 38.65 -12.13 -15.85
CA ALA C 193 37.73 -13.24 -16.00
C ALA C 193 38.27 -14.18 -17.03
N VAL C 194 37.97 -15.48 -16.84
CA VAL C 194 38.40 -16.54 -17.77
C VAL C 194 37.24 -17.48 -18.01
N SER C 195 37.11 -17.97 -19.25
CA SER C 195 36.15 -19.03 -19.52
C SER C 195 36.70 -20.03 -20.50
N SER C 196 36.18 -21.24 -20.39
CA SER C 196 36.59 -22.35 -21.26
C SER C 196 35.40 -23.26 -21.49
N SER C 197 34.93 -23.30 -22.73
CA SER C 197 33.74 -24.05 -23.10
C SER C 197 34.09 -25.11 -24.12
N LYS C 198 33.63 -26.33 -23.89
CA LYS C 198 33.62 -27.28 -24.99
C LYS C 198 32.79 -26.75 -26.13
N ARG C 199 33.25 -27.01 -27.37
CA ARG C 199 32.48 -26.76 -28.57
C ARG C 199 31.82 -28.04 -29.02
N THR C 200 30.75 -27.92 -29.80
CA THR C 200 30.03 -29.12 -30.26
C THR C 200 30.49 -29.55 -31.65
N SER C 201 30.18 -30.80 -32.00
CA SER C 201 30.58 -31.32 -33.31
C SER C 201 29.96 -30.50 -34.48
N SER C 202 28.70 -30.08 -34.34
CA SER C 202 28.07 -29.30 -35.40
C SER C 202 28.73 -27.92 -35.51
N GLN C 203 29.17 -27.35 -34.39
CA GLN C 203 29.91 -26.07 -34.49
C GLN C 203 31.18 -26.23 -35.30
N ASN C 204 31.87 -27.35 -35.07
CA ASN C 204 33.10 -27.67 -35.76
C ASN C 204 32.94 -28.16 -37.20
N ASP C 205 31.71 -28.29 -37.66
CA ASP C 205 31.44 -28.55 -39.10
C ASP C 205 31.29 -27.26 -39.91
N LEU C 206 31.14 -26.11 -39.23
CA LEU C 206 31.26 -24.81 -39.91
C LEU C 206 32.71 -24.58 -40.33
N THR C 207 32.88 -23.73 -41.34
CA THR C 207 34.20 -23.50 -41.93
C THR C 207 35.12 -22.70 -40.97
N TYR C 208 34.55 -21.78 -40.22
CA TYR C 208 35.35 -20.79 -39.50
C TYR C 208 35.44 -21.06 -38.02
N GLY C 209 36.67 -21.21 -37.54
CA GLY C 209 36.92 -21.20 -36.11
C GLY C 209 36.78 -22.53 -35.42
N ASN C 210 37.27 -23.61 -36.05
CA ASN C 210 37.22 -24.93 -35.45
C ASN C 210 38.14 -25.05 -34.23
N GLY C 211 37.73 -25.92 -33.31
CA GLY C 211 38.56 -26.28 -32.17
C GLY C 211 37.73 -26.97 -31.11
N ASP C 212 38.42 -27.70 -30.24
CA ASP C 212 37.72 -28.46 -29.22
C ASP C 212 37.08 -27.54 -28.18
N ARG C 213 37.70 -26.39 -27.93
CA ARG C 213 37.19 -25.45 -26.91
C ARG C 213 37.17 -24.01 -27.39
N ALA C 214 36.17 -23.29 -26.89
CA ALA C 214 36.10 -21.84 -27.00
C ALA C 214 36.65 -21.30 -25.69
N GLU C 215 37.61 -20.36 -25.75
CA GLU C 215 38.29 -19.84 -24.55
CA GLU C 215 38.19 -19.83 -24.52
C GLU C 215 38.30 -18.30 -24.57
N THR C 216 38.16 -17.69 -23.40
CA THR C 216 38.26 -16.24 -23.29
C THR C 216 39.06 -15.84 -22.06
N TYR C 217 39.83 -14.76 -22.21
CA TYR C 217 40.70 -14.23 -21.16
C TYR C 217 40.56 -12.72 -21.17
N THR C 218 40.12 -12.16 -20.04
CA THR C 218 39.76 -10.74 -19.94
C THR C 218 40.47 -10.06 -18.79
N GLY C 219 40.91 -8.83 -19.06
CA GLY C 219 41.29 -7.90 -18.00
C GLY C 219 40.54 -6.60 -18.16
N GLY C 220 40.21 -5.98 -17.03
CA GLY C 220 39.54 -4.69 -17.06
C GLY C 220 39.96 -3.75 -15.96
N LEU C 221 39.71 -2.46 -16.22
CA LEU C 221 39.97 -1.39 -15.27
CA LEU C 221 40.01 -1.37 -15.31
C LEU C 221 38.85 -0.37 -15.37
N LYS C 222 38.52 0.23 -14.24
CA LYS C 222 37.55 1.28 -14.24
C LYS C 222 37.83 2.33 -13.17
N TYR C 223 37.36 3.53 -13.45
CA TYR C 223 37.39 4.65 -12.52
C TYR C 223 35.97 5.20 -12.46
N ASP C 224 35.41 5.27 -11.25
CA ASP C 224 34.01 5.64 -11.06
C ASP C 224 33.92 6.50 -9.81
N ALA C 225 34.12 7.81 -9.99
CA ALA C 225 34.06 8.77 -8.88
C ALA C 225 34.04 10.19 -9.43
N ASN C 226 33.58 11.14 -8.61
CA ASN C 226 33.66 12.58 -8.95
C ASN C 226 32.97 12.90 -10.28
N ASN C 227 31.86 12.20 -10.52
CA ASN C 227 31.04 12.35 -11.72
C ASN C 227 31.70 11.91 -13.03
N ILE C 228 32.82 11.19 -12.91
CA ILE C 228 33.58 10.74 -14.03
C ILE C 228 33.43 9.23 -14.08
N TYR C 229 33.26 8.70 -15.28
CA TYR C 229 33.33 7.24 -15.46
C TYR C 229 34.29 6.92 -16.59
N LEU C 230 35.32 6.15 -16.28
CA LEU C 230 36.28 5.68 -17.28
C LEU C 230 36.36 4.18 -17.16
N ALA C 231 36.44 3.49 -18.29
CA ALA C 231 36.67 2.05 -18.23
C ALA C 231 37.28 1.51 -19.50
N ALA C 232 38.01 0.40 -19.35
CA ALA C 232 38.59 -0.31 -20.47
C ALA C 232 38.55 -1.80 -20.19
N GLN C 233 38.36 -2.58 -21.25
CA GLN C 233 38.46 -4.04 -21.15
C GLN C 233 39.22 -4.56 -22.35
N TYR C 234 40.10 -5.53 -22.10
CA TYR C 234 40.78 -6.26 -23.15
C TYR C 234 40.44 -7.73 -22.99
N THR C 235 40.04 -8.37 -24.10
CA THR C 235 39.67 -9.79 -24.07
C THR C 235 40.32 -10.48 -25.26
N GLN C 236 41.04 -11.56 -24.98
CA GLN C 236 41.59 -12.43 -26.02
C GLN C 236 40.75 -13.69 -26.06
N THR C 237 40.34 -14.08 -27.26
CA THR C 237 39.46 -15.20 -27.43
C THR C 237 40.03 -16.22 -28.43
N TYR C 238 39.57 -17.45 -28.25
CA TYR C 238 39.91 -18.57 -29.12
C TYR C 238 38.64 -19.32 -29.52
N ASN C 239 38.35 -19.38 -30.83
CA ASN C 239 37.16 -20.07 -31.34
C ASN C 239 35.85 -19.64 -30.65
N ALA C 240 35.79 -18.36 -30.27
CA ALA C 240 34.69 -17.86 -29.42
C ALA C 240 34.00 -16.58 -29.89
N THR C 241 34.72 -15.77 -30.68
CA THR C 241 34.18 -14.53 -31.23
C THR C 241 33.55 -14.80 -32.58
N ARG C 242 32.26 -14.52 -32.70
CA ARG C 242 31.56 -14.77 -33.95
C ARG C 242 32.09 -13.89 -35.08
N VAL C 243 32.18 -14.49 -36.28
CA VAL C 243 32.55 -13.79 -37.50
C VAL C 243 31.26 -13.65 -38.27
N GLY C 244 30.56 -12.55 -38.04
CA GLY C 244 29.25 -12.36 -38.62
C GLY C 244 28.39 -13.57 -38.31
N ASN C 245 27.81 -14.17 -39.36
CA ASN C 245 27.02 -15.37 -39.18
C ASN C 245 27.70 -16.58 -39.85
N LEU C 246 29.02 -16.53 -39.97
CA LEU C 246 29.78 -17.59 -40.67
C LEU C 246 30.41 -18.64 -39.76
N GLY C 247 30.54 -18.33 -38.47
CA GLY C 247 31.31 -19.17 -37.56
C GLY C 247 32.06 -18.27 -36.59
N TRP C 248 33.28 -18.64 -36.24
CA TRP C 248 34.05 -17.90 -35.24
C TRP C 248 35.46 -17.61 -35.74
N ALA C 249 36.12 -16.66 -35.07
CA ALA C 249 37.51 -16.34 -35.32
C ALA C 249 38.39 -17.31 -34.57
N ASN C 250 39.36 -17.92 -35.25
CA ASN C 250 40.29 -18.78 -34.53
C ASN C 250 40.88 -18.10 -33.32
N LYS C 251 41.29 -16.85 -33.50
CA LYS C 251 41.68 -16.00 -32.36
C LYS C 251 41.11 -14.63 -32.61
N ALA C 252 40.74 -13.93 -31.55
CA ALA C 252 40.43 -12.51 -31.65
C ALA C 252 40.97 -11.75 -30.46
N GLN C 253 41.21 -10.47 -30.71
CA GLN C 253 41.66 -9.54 -29.69
C GLN C 253 40.67 -8.40 -29.67
N ASN C 254 39.99 -8.26 -28.55
CA ASN C 254 38.91 -7.30 -28.37
C ASN C 254 39.31 -6.24 -27.38
N PHE C 255 39.01 -5.01 -27.70
CA PHE C 255 39.34 -3.90 -26.85
C PHE C 255 38.20 -2.88 -26.87
N GLU C 256 37.77 -2.44 -25.68
CA GLU C 256 36.74 -1.42 -25.56
C GLU C 256 37.21 -0.41 -24.52
N VAL C 257 36.99 0.87 -24.79
CA VAL C 257 37.33 1.92 -23.84
C VAL C 257 36.28 3.02 -23.91
N VAL C 258 35.94 3.59 -22.75
CA VAL C 258 34.88 4.58 -22.65
C VAL C 258 35.21 5.63 -21.59
N ALA C 259 34.79 6.86 -21.88
CA ALA C 259 34.85 7.96 -20.93
C ALA C 259 33.51 8.69 -20.92
N GLN C 260 33.00 8.96 -19.72
CA GLN C 260 31.74 9.67 -19.53
C GLN C 260 31.86 10.68 -18.40
N TYR C 261 31.01 11.71 -18.46
CA TYR C 261 30.92 12.70 -17.39
C TYR C 261 29.45 13.03 -17.15
N GLN C 262 29.06 13.08 -15.87
CA GLN C 262 27.71 13.42 -15.49
C GLN C 262 27.71 14.89 -15.00
N PHE C 263 27.14 15.77 -15.82
CA PHE C 263 26.89 17.17 -15.42
C PHE C 263 25.72 17.18 -14.46
N ASP C 264 25.78 18.08 -13.47
CA ASP C 264 24.70 18.15 -12.47
C ASP C 264 23.33 18.49 -13.07
N PHE C 265 23.32 19.19 -14.22
CA PHE C 265 22.05 19.57 -14.88
C PHE C 265 21.36 18.44 -15.65
N GLY C 266 22.01 17.28 -15.72
CA GLY C 266 21.37 16.07 -16.21
C GLY C 266 22.01 15.40 -17.42
N LEU C 267 22.90 16.12 -18.10
CA LEU C 267 23.54 15.62 -19.32
C LEU C 267 24.74 14.76 -18.99
N ARG C 268 24.84 13.64 -19.70
CA ARG C 268 25.93 12.67 -19.57
C ARG C 268 26.49 12.40 -20.95
N PRO C 269 27.46 13.20 -21.40
CA PRO C 269 28.17 12.83 -22.62
C PRO C 269 29.03 11.57 -22.45
N SER C 270 29.26 10.92 -23.59
CA SER C 270 29.99 9.68 -23.65
C SER C 270 30.81 9.60 -24.93
N VAL C 271 32.07 9.17 -24.79
CA VAL C 271 32.92 8.90 -25.94
CA VAL C 271 32.95 8.92 -25.93
C VAL C 271 33.55 7.52 -25.73
N ALA C 272 33.59 6.72 -26.79
CA ALA C 272 34.11 5.37 -26.68
C ALA C 272 34.77 4.91 -27.97
N TYR C 273 35.60 3.87 -27.84
CA TYR C 273 36.23 3.22 -28.98
C TYR C 273 36.15 1.73 -28.77
N LEU C 274 35.74 1.01 -29.82
CA LEU C 274 35.69 -0.46 -29.77
C LEU C 274 36.36 -1.05 -30.97
N GLN C 275 37.10 -2.13 -30.75
CA GLN C 275 37.61 -2.92 -31.88
C GLN C 275 37.68 -4.39 -31.54
N SER C 276 37.53 -5.20 -32.59
CA SER C 276 37.70 -6.65 -32.50
C SER C 276 38.54 -7.04 -33.71
N LYS C 277 39.70 -7.61 -33.44
CA LYS C 277 40.65 -8.00 -34.45
C LYS C 277 40.71 -9.52 -34.52
N GLY C 278 40.25 -10.08 -35.64
CA GLY C 278 40.22 -11.52 -35.84
C GLY C 278 41.52 -11.99 -36.51
N LYS C 279 41.98 -13.16 -36.10
CA LYS C 279 43.25 -13.71 -36.61
C LYS C 279 43.03 -15.10 -37.18
N ASP C 280 43.80 -15.40 -38.23
CA ASP C 280 43.88 -16.75 -38.80
C ASP C 280 42.54 -17.25 -39.33
N LEU C 281 41.72 -16.36 -39.90
CA LEU C 281 40.46 -16.81 -40.50
C LEU C 281 40.72 -17.69 -41.73
N GLU C 282 39.85 -18.68 -41.88
CA GLU C 282 39.87 -19.64 -42.98
C GLU C 282 39.48 -18.96 -44.29
N ASN C 283 39.53 -19.73 -45.36
CA ASN C 283 39.20 -19.27 -46.72
C ASN C 283 40.05 -18.10 -47.18
N GLY C 284 41.30 -18.08 -46.73
CA GLY C 284 42.26 -17.07 -47.16
C GLY C 284 42.07 -15.70 -46.55
N TYR C 285 41.17 -15.56 -45.57
CA TYR C 285 40.86 -14.24 -45.04
C TYR C 285 41.91 -13.77 -44.04
N GLY C 286 42.54 -14.71 -43.32
CA GLY C 286 43.65 -14.36 -42.43
C GLY C 286 43.23 -13.40 -41.35
N ASP C 287 43.97 -12.31 -41.20
CA ASP C 287 43.65 -11.29 -40.22
C ASP C 287 42.60 -10.33 -40.78
N GLN C 288 41.53 -10.08 -40.02
CA GLN C 288 40.49 -9.15 -40.44
C GLN C 288 39.96 -8.41 -39.23
N ASP C 289 39.64 -7.13 -39.42
CA ASP C 289 38.88 -6.39 -38.44
C ASP C 289 37.43 -6.88 -38.45
N LEU C 290 36.91 -7.27 -37.28
CA LEU C 290 35.52 -7.72 -37.16
C LEU C 290 34.60 -6.62 -36.68
N LEU C 291 35.17 -5.64 -35.96
CA LEU C 291 34.43 -4.52 -35.40
C LEU C 291 35.41 -3.38 -35.20
N LYS C 292 35.02 -2.16 -35.54
CA LYS C 292 35.89 -1.00 -35.35
C LYS C 292 35.06 0.27 -35.45
N TYR C 293 34.83 0.91 -34.31
CA TYR C 293 34.11 2.17 -34.34
C TYR C 293 34.40 3.08 -33.17
N VAL C 294 34.23 4.38 -33.44
CA VAL C 294 34.18 5.37 -32.41
C VAL C 294 32.71 5.64 -32.13
N ASP C 295 32.39 5.83 -30.86
CA ASP C 295 31.03 6.16 -30.46
C ASP C 295 31.02 7.48 -29.70
N VAL C 296 30.19 8.42 -30.16
CA VAL C 296 29.99 9.70 -29.49
CA VAL C 296 29.99 9.67 -29.45
C VAL C 296 28.49 9.85 -29.25
N GLY C 297 28.11 10.19 -28.03
CA GLY C 297 26.70 10.38 -27.74
C GLY C 297 26.50 11.08 -26.41
N ALA C 298 25.22 11.21 -26.03
CA ALA C 298 24.90 11.80 -24.75
C ALA C 298 23.51 11.38 -24.33
N THR C 299 23.34 11.19 -23.03
CA THR C 299 22.01 10.97 -22.43
C THR C 299 21.68 12.17 -21.56
N TYR C 300 20.45 12.62 -21.65
CA TYR C 300 19.91 13.64 -20.73
C TYR C 300 18.92 12.91 -19.85
N TYR C 301 19.21 12.91 -18.55
CA TYR C 301 18.35 12.27 -17.57
C TYR C 301 17.40 13.33 -17.01
N PHE C 302 16.12 13.22 -17.35
CA PHE C 302 15.12 14.11 -16.75
C PHE C 302 14.98 13.80 -15.26
N ASN C 303 14.94 12.51 -14.94
CA ASN C 303 14.99 12.00 -13.58
C ASN C 303 15.30 10.49 -13.70
N LYS C 304 15.15 9.72 -12.63
CA LYS C 304 15.43 8.27 -12.65
C LYS C 304 14.43 7.40 -13.47
N ASN C 305 13.33 8.02 -13.88
CA ASN C 305 12.28 7.35 -14.67
C ASN C 305 12.18 7.79 -16.13
N MET C 306 12.89 8.84 -16.53
CA MET C 306 12.74 9.38 -17.87
C MET C 306 14.06 9.94 -18.38
N SER C 307 14.41 9.55 -19.61
CA SER C 307 15.63 10.03 -20.23
C SER C 307 15.46 10.11 -21.74
N THR C 308 16.39 10.82 -22.36
CA THR C 308 16.48 10.87 -23.83
C THR C 308 17.93 10.85 -24.23
N TYR C 309 18.22 10.29 -25.41
CA TYR C 309 19.60 10.24 -25.84
C TYR C 309 19.81 10.32 -27.33
N VAL C 310 21.03 10.69 -27.68
CA VAL C 310 21.53 10.53 -29.04
C VAL C 310 22.81 9.70 -28.94
N ASP C 311 23.00 8.82 -29.91
CA ASP C 311 24.23 8.06 -29.97
C ASP C 311 24.66 7.95 -31.43
N TYR C 312 25.96 8.15 -31.68
CA TYR C 312 26.50 8.15 -33.03
C TYR C 312 27.62 7.14 -33.14
N LYS C 313 27.34 6.05 -33.87
CA LYS C 313 28.33 5.04 -34.20
C LYS C 313 29.04 5.48 -35.49
N ILE C 314 30.31 5.83 -35.36
CA ILE C 314 31.16 6.25 -36.47
C ILE C 314 31.97 5.01 -36.82
N ASN C 315 31.49 4.32 -37.84
CA ASN C 315 32.00 3.01 -38.18
C ASN C 315 33.27 3.15 -39.02
N LEU C 316 34.37 2.60 -38.52
CA LEU C 316 35.66 2.70 -39.19
C LEU C 316 36.01 1.49 -40.00
N LEU C 317 35.14 0.48 -40.04
CA LEU C 317 35.38 -0.67 -40.92
C LEU C 317 35.22 -0.26 -42.37
N ASP C 318 36.07 -0.81 -43.22
CA ASP C 318 35.94 -0.62 -44.66
C ASP C 318 34.96 -1.64 -45.24
N ASP C 319 34.10 -1.15 -46.12
CA ASP C 319 33.25 -2.00 -46.95
C ASP C 319 34.16 -2.80 -47.92
N LYS C 320 34.13 -4.12 -47.76
CA LYS C 320 34.99 -5.01 -48.56
C LYS C 320 34.30 -6.37 -48.68
N GLU C 321 34.81 -7.20 -49.58
CA GLU C 321 34.16 -8.49 -49.83
C GLU C 321 33.99 -9.29 -48.53
N PHE C 322 35.02 -9.28 -47.69
CA PHE C 322 34.95 -9.98 -46.39
C PHE C 322 33.74 -9.56 -45.53
N THR C 323 33.59 -8.25 -45.29
CA THR C 323 32.48 -7.79 -44.44
C THR C 323 31.13 -8.07 -45.09
N ARG C 324 31.06 -7.94 -46.42
CA ARG C 324 29.80 -8.27 -47.10
C ARG C 324 29.49 -9.75 -46.97
N ASN C 325 30.48 -10.62 -47.18
CA ASN C 325 30.27 -12.06 -47.06
C ASN C 325 29.81 -12.45 -45.64
N ALA C 326 30.44 -11.87 -44.63
CA ALA C 326 30.13 -12.17 -43.24
C ALA C 326 28.86 -11.51 -42.74
N GLY C 327 28.36 -10.50 -43.45
CA GLY C 327 27.20 -9.72 -43.00
C GLY C 327 27.50 -8.73 -41.87
N ILE C 328 28.73 -8.25 -41.83
CA ILE C 328 29.17 -7.29 -40.82
C ILE C 328 28.88 -5.90 -41.36
N SER C 329 28.17 -5.09 -40.58
CA SER C 329 27.80 -3.75 -40.99
C SER C 329 29.00 -2.80 -40.96
N THR C 330 29.19 -2.06 -42.05
CA THR C 330 30.27 -1.09 -42.15
C THR C 330 29.77 0.36 -42.17
N ASP C 331 28.47 0.56 -42.01
CA ASP C 331 27.89 1.91 -42.05
C ASP C 331 27.75 2.57 -40.68
N ASP C 332 27.74 3.90 -40.69
CA ASP C 332 27.47 4.68 -39.48
C ASP C 332 26.01 4.52 -39.07
N ILE C 333 25.72 4.74 -37.80
CA ILE C 333 24.32 4.79 -37.32
C ILE C 333 24.18 5.96 -36.35
N VAL C 334 23.10 6.71 -36.47
CA VAL C 334 22.69 7.64 -35.44
C VAL C 334 21.40 7.10 -34.83
N ALA C 335 21.38 7.04 -33.51
CA ALA C 335 20.21 6.65 -32.75
C ALA C 335 19.66 7.82 -31.94
N LEU C 336 18.33 7.93 -31.92
CA LEU C 336 17.62 8.86 -31.08
C LEU C 336 16.62 8.07 -30.25
N GLY C 337 16.67 8.24 -28.93
CA GLY C 337 15.81 7.50 -28.03
C GLY C 337 15.14 8.37 -26.97
N LEU C 338 13.94 7.96 -26.61
CA LEU C 338 13.18 8.57 -25.52
C LEU C 338 12.67 7.42 -24.65
N VAL C 339 13.07 7.42 -23.38
CA VAL C 339 12.90 6.23 -22.53
C VAL C 339 12.14 6.54 -21.24
N TYR C 340 11.04 5.85 -21.05
CA TYR C 340 10.31 5.82 -19.78
C TYR C 340 10.65 4.49 -19.10
N GLN C 341 10.99 4.52 -17.83
CA GLN C 341 11.26 3.30 -17.09
C GLN C 341 10.73 3.35 -15.69
N PHE C 342 10.46 2.18 -15.12
CA PHE C 342 9.92 2.09 -13.76
C PHE C 342 10.52 0.91 -13.02
N ALA D 1 -6.16 11.81 5.13
CA ALA D 1 -5.63 10.95 4.03
C ALA D 1 -6.17 9.55 4.21
N GLU D 2 -6.59 8.92 3.11
CA GLU D 2 -7.01 7.52 3.16
C GLU D 2 -5.77 6.68 3.34
N ILE D 3 -5.67 5.98 4.47
CA ILE D 3 -4.50 5.18 4.80
C ILE D 3 -4.79 3.68 4.75
N TYR D 4 -6.06 3.32 4.57
CA TYR D 4 -6.46 1.91 4.55
C TYR D 4 -7.72 1.78 3.71
N ASN D 5 -7.73 0.77 2.83
CA ASN D 5 -8.88 0.49 1.98
C ASN D 5 -8.70 -0.96 1.54
N LYS D 6 -9.46 -1.86 2.16
CA LYS D 6 -9.27 -3.30 1.95
C LYS D 6 -10.52 -4.05 2.38
N ASP D 7 -10.97 -4.96 1.50
CA ASP D 7 -12.13 -5.85 1.81
C ASP D 7 -13.37 -5.12 2.32
N GLY D 8 -13.65 -3.96 1.70
CA GLY D 8 -14.85 -3.19 1.97
C GLY D 8 -14.78 -2.22 3.14
N ASN D 9 -13.60 -2.09 3.73
CA ASN D 9 -13.38 -1.24 4.93
C ASN D 9 -12.35 -0.19 4.58
N LYS D 10 -12.66 1.08 4.90
CA LYS D 10 -11.76 2.17 4.58
C LYS D 10 -11.57 3.05 5.80
N LEU D 11 -10.38 3.62 5.92
CA LEU D 11 -10.06 4.55 7.04
C LEU D 11 -9.27 5.72 6.53
N ASP D 12 -9.78 6.93 6.83
CA ASP D 12 -9.11 8.18 6.53
C ASP D 12 -8.62 8.73 7.87
N LEU D 13 -7.32 8.89 8.00
CA LEU D 13 -6.70 9.52 9.17
C LEU D 13 -6.29 10.90 8.71
N TYR D 14 -6.81 11.94 9.38
CA TYR D 14 -6.63 13.29 8.88
C TYR D 14 -6.24 14.21 10.04
N GLY D 15 -5.70 15.36 9.68
CA GLY D 15 -5.25 16.28 10.73
C GLY D 15 -4.71 17.55 10.15
N LYS D 16 -4.41 18.48 11.05
CA LYS D 16 -3.82 19.76 10.66
C LYS D 16 -2.97 20.28 11.80
N VAL D 17 -1.94 21.03 11.44
CA VAL D 17 -1.18 21.82 12.39
C VAL D 17 -1.31 23.25 11.88
N ASP D 18 -1.81 24.12 12.77
CA ASP D 18 -2.02 25.54 12.46
C ASP D 18 -1.05 26.34 13.33
N GLY D 19 0.05 26.79 12.75
CA GLY D 19 0.96 27.72 13.42
C GLY D 19 0.32 29.09 13.33
N LEU D 20 -0.16 29.59 14.47
CA LEU D 20 -1.14 30.66 14.50
C LEU D 20 -0.77 31.65 15.58
N HIS D 21 -0.83 32.94 15.22
CA HIS D 21 -0.54 34.01 16.18
C HIS D 21 -1.60 35.09 16.07
N TYR D 22 -2.06 35.57 17.25
CA TYR D 22 -3.05 36.67 17.30
C TYR D 22 -2.35 37.92 17.84
N PHE D 23 -2.75 39.06 17.27
CA PHE D 23 -2.30 40.36 17.73
C PHE D 23 -3.55 41.11 18.19
N SER D 24 -3.62 41.44 19.48
CA SER D 24 -4.79 42.15 20.03
C SER D 24 -4.45 42.90 21.29
N ASP D 25 -5.15 44.01 21.50
CA ASP D 25 -5.11 44.70 22.79
C ASP D 25 -5.79 43.88 23.88
N ASP D 26 -6.61 42.90 23.51
CA ASP D 26 -7.24 42.02 24.49
C ASP D 26 -6.22 40.96 24.88
N ASP D 27 -5.70 41.04 26.09
CA ASP D 27 -4.65 40.12 26.54
C ASP D 27 -5.13 38.67 26.66
N SER D 28 -6.43 38.45 26.71
CA SER D 28 -6.97 37.07 26.72
C SER D 28 -6.97 36.44 25.33
N GLN D 29 -6.77 37.24 24.29
CA GLN D 29 -6.68 36.77 22.89
C GLN D 29 -5.26 36.87 22.33
N ASP D 30 -4.48 37.87 22.71
CA ASP D 30 -3.17 38.15 22.17
C ASP D 30 -2.21 37.00 22.40
N GLY D 31 -1.38 36.75 21.40
CA GLY D 31 -0.25 35.85 21.54
C GLY D 31 -0.33 34.59 20.69
N ASP D 32 0.46 33.61 21.07
CA ASP D 32 0.53 32.36 20.34
C ASP D 32 -0.76 31.56 20.50
N GLN D 33 -1.31 31.11 19.37
CA GLN D 33 -2.59 30.40 19.32
C GLN D 33 -2.46 29.07 18.54
N THR D 34 -1.23 28.60 18.41
CA THR D 34 -0.94 27.35 17.68
C THR D 34 -1.79 26.19 18.20
N TYR D 35 -2.33 25.40 17.27
CA TYR D 35 -3.09 24.21 17.65
C TYR D 35 -2.96 23.16 16.56
N MET D 36 -3.40 21.95 16.93
CA MET D 36 -3.52 20.88 15.94
C MET D 36 -4.84 20.17 16.11
N ARG D 37 -5.29 19.50 15.06
CA ARG D 37 -6.37 18.53 15.15
C ARG D 37 -5.93 17.22 14.54
N LEU D 38 -6.52 16.17 15.07
CA LEU D 38 -6.35 14.80 14.53
C LEU D 38 -7.75 14.17 14.49
N GLY D 39 -8.02 13.35 13.49
CA GLY D 39 -9.30 12.66 13.43
C GLY D 39 -9.24 11.45 12.55
N PHE D 40 -10.28 10.64 12.59
CA PHE D 40 -10.46 9.60 11.57
C PHE D 40 -11.91 9.54 11.12
N LYS D 41 -12.10 9.07 9.89
CA LYS D 41 -13.41 8.80 9.32
C LYS D 41 -13.28 7.40 8.75
N GLY D 42 -14.02 6.46 9.28
CA GLY D 42 -13.98 5.07 8.78
C GLY D 42 -15.32 4.66 8.24
N GLU D 43 -15.30 3.77 7.24
CA GLU D 43 -16.55 3.21 6.74
C GLU D 43 -16.37 1.75 6.38
N THR D 44 -17.42 1.00 6.59
CA THR D 44 -17.42 -0.43 6.34
C THR D 44 -18.67 -0.81 5.54
N GLN D 45 -18.48 -1.47 4.40
CA GLN D 45 -19.61 -1.95 3.62
C GLN D 45 -20.16 -3.19 4.31
N VAL D 46 -21.43 -3.16 4.65
CA VAL D 46 -22.08 -4.30 5.29
C VAL D 46 -22.76 -5.14 4.24
N ASN D 47 -23.63 -4.49 3.47
CA ASN D 47 -24.27 -5.13 2.32
C ASN D 47 -24.64 -4.06 1.28
N ASP D 48 -25.37 -4.48 0.23
CA ASP D 48 -25.76 -3.57 -0.87
C ASP D 48 -26.45 -2.30 -0.46
N GLN D 49 -27.22 -2.36 0.62
CA GLN D 49 -28.01 -1.23 1.05
C GLN D 49 -27.64 -0.74 2.45
N LEU D 50 -26.44 -1.05 2.92
CA LEU D 50 -26.04 -0.66 4.26
C LEU D 50 -24.52 -0.50 4.40
N THR D 51 -24.11 0.67 4.90
CA THR D 51 -22.72 0.93 5.20
C THR D 51 -22.67 1.45 6.64
N GLY D 52 -21.71 0.95 7.38
CA GLY D 52 -21.45 1.46 8.73
C GLY D 52 -20.37 2.49 8.69
N TYR D 53 -20.42 3.45 9.62
CA TYR D 53 -19.38 4.47 9.67
C TYR D 53 -19.14 4.97 11.10
N GLY D 54 -17.96 5.56 11.27
CA GLY D 54 -17.58 6.19 12.52
C GLY D 54 -16.64 7.32 12.25
N GLN D 55 -16.77 8.39 13.03
CA GLN D 55 -15.88 9.53 12.89
CA GLN D 55 -15.92 9.55 12.88
C GLN D 55 -15.55 10.11 14.26
N TRP D 56 -14.33 10.59 14.36
CA TRP D 56 -13.80 11.16 15.59
C TRP D 56 -12.86 12.27 15.21
N GLU D 57 -12.92 13.40 15.93
CA GLU D 57 -12.03 14.50 15.67
C GLU D 57 -11.72 15.17 17.03
N TYR D 58 -10.45 15.47 17.21
CA TYR D 58 -9.88 15.87 18.50
C TYR D 58 -8.99 17.08 18.26
N GLN D 59 -9.05 18.05 19.19
CA GLN D 59 -8.17 19.22 19.12
C GLN D 59 -7.22 19.20 20.29
N ILE D 60 -5.95 19.49 20.01
CA ILE D 60 -4.94 19.59 21.06
C ILE D 60 -4.23 20.91 20.88
N GLN D 61 -4.36 21.80 21.88
CA GLN D 61 -3.69 23.07 21.77
C GLN D 61 -2.18 22.88 21.75
N GLY D 62 -1.52 23.69 20.93
CA GLY D 62 -0.08 23.65 20.79
C GLY D 62 0.62 24.88 21.33
N ASN D 63 -0.12 25.66 22.14
CA ASN D 63 0.35 26.94 22.66
C ASN D 63 0.55 26.93 24.17
N SER D 64 0.52 25.76 24.80
CA SER D 64 0.80 25.66 26.24
C SER D 64 2.15 25.05 26.48
N GLY D 65 2.64 25.20 27.69
CA GLY D 65 3.84 24.50 28.14
C GLY D 65 3.53 23.08 28.50
N GLU D 66 4.58 22.34 28.85
CA GLU D 66 4.48 20.89 29.02
C GLU D 66 3.91 20.46 30.35
N ASN D 67 3.68 21.42 31.24
CA ASN D 67 3.00 21.16 32.50
C ASN D 67 1.48 21.18 32.42
N GLU D 68 0.92 21.42 31.23
CA GLU D 68 -0.50 21.34 31.09
C GLU D 68 -0.85 20.84 29.70
N ASN D 69 -2.10 20.45 29.57
CA ASN D 69 -2.64 19.94 28.31
C ASN D 69 -4.05 20.42 28.18
N ASN D 70 -4.33 21.14 27.09
CA ASN D 70 -5.66 21.64 26.78
C ASN D 70 -6.11 20.97 25.49
N SER D 71 -6.99 19.99 25.65
CA SER D 71 -7.45 19.19 24.52
C SER D 71 -8.92 18.84 24.70
N TRP D 72 -9.59 18.51 23.60
CA TRP D 72 -11.00 18.14 23.67
C TRP D 72 -11.45 17.41 22.43
N THR D 73 -12.53 16.66 22.60
CA THR D 73 -13.20 15.97 21.50
C THR D 73 -14.18 16.94 20.80
N ARG D 74 -13.98 17.15 19.50
CA ARG D 74 -14.94 17.89 18.70
C ARG D 74 -16.13 17.04 18.35
N VAL D 75 -15.88 15.89 17.70
CA VAL D 75 -16.95 14.95 17.38
C VAL D 75 -16.51 13.51 17.67
N ALA D 76 -17.50 12.67 17.90
CA ALA D 76 -17.29 11.24 18.14
C ALA D 76 -18.64 10.57 17.96
N PHE D 77 -18.83 9.94 16.80
CA PHE D 77 -20.11 9.30 16.52
C PHE D 77 -19.98 8.06 15.64
N ALA D 78 -20.99 7.23 15.76
CA ALA D 78 -21.11 6.01 14.96
C ALA D 78 -22.44 6.04 14.26
N GLY D 79 -22.49 5.45 13.06
CA GLY D 79 -23.72 5.51 12.29
C GLY D 79 -23.89 4.42 11.23
N LEU D 80 -25.08 4.44 10.63
CA LEU D 80 -25.45 3.52 9.55
C LEU D 80 -26.09 4.34 8.44
N LYS D 81 -25.69 4.03 7.21
CA LYS D 81 -26.16 4.69 6.02
C LYS D 81 -26.89 3.62 5.20
N PHE D 82 -28.13 3.89 4.81
CA PHE D 82 -28.99 2.88 4.21
C PHE D 82 -28.98 3.10 2.70
N GLY D 83 -30.10 2.92 2.00
CA GLY D 83 -30.10 2.98 0.54
C GLY D 83 -29.95 4.41 0.16
N ASP D 84 -31.06 5.02 -0.25
CA ASP D 84 -31.41 6.31 0.22
C ASP D 84 -32.51 6.52 1.11
N ALA D 85 -32.78 5.48 1.89
CA ALA D 85 -33.68 5.58 3.04
C ALA D 85 -33.08 6.50 4.10
N GLY D 86 -31.77 6.78 4.01
CA GLY D 86 -31.14 7.86 4.78
C GLY D 86 -29.95 7.41 5.59
N SER D 87 -29.58 8.20 6.60
CA SER D 87 -28.55 7.79 7.56
C SER D 87 -29.04 8.08 8.98
N PHE D 88 -28.50 7.31 9.91
CA PHE D 88 -28.68 7.56 11.35
C PHE D 88 -27.32 7.48 12.03
N ASP D 89 -27.04 8.45 12.89
CA ASP D 89 -25.86 8.37 13.73
C ASP D 89 -26.13 8.90 15.14
N TYR D 90 -25.28 8.46 16.04
CA TYR D 90 -25.39 8.88 17.46
C TYR D 90 -24.01 9.12 18.04
N GLY D 91 -23.90 10.20 18.83
CA GLY D 91 -22.69 10.49 19.55
C GLY D 91 -22.52 11.99 19.77
N ARG D 92 -21.27 12.42 19.90
CA ARG D 92 -20.99 13.85 19.88
C ARG D 92 -20.92 14.29 18.44
N ASN D 93 -21.75 15.25 18.06
CA ASN D 93 -21.87 15.65 16.67
C ASN D 93 -22.33 17.09 16.57
N TYR D 94 -22.61 17.57 15.37
CA TYR D 94 -23.15 18.91 15.13
C TYR D 94 -24.67 18.92 15.18
N GLY D 95 -25.22 19.90 15.88
CA GLY D 95 -26.66 20.15 15.84
C GLY D 95 -27.12 20.51 14.45
N VAL D 96 -28.36 20.18 14.14
CA VAL D 96 -28.90 20.38 12.78
C VAL D 96 -29.05 21.86 12.41
N VAL D 97 -29.08 22.76 13.41
CA VAL D 97 -29.06 24.20 13.14
C VAL D 97 -27.83 24.55 12.27
N TYR D 98 -26.71 23.90 12.55
CA TYR D 98 -25.46 24.15 11.82
C TYR D 98 -25.53 23.68 10.36
N ASP D 99 -26.50 22.86 10.01
CA ASP D 99 -26.74 22.50 8.61
C ASP D 99 -26.98 23.74 7.73
N VAL D 100 -27.50 24.81 8.33
CA VAL D 100 -27.66 26.08 7.63
C VAL D 100 -26.68 27.14 8.11
N THR D 101 -26.50 27.30 9.42
CA THR D 101 -25.58 28.35 9.84
C THR D 101 -24.13 28.11 9.44
N SER D 102 -23.76 26.86 9.15
CA SER D 102 -22.44 26.59 8.62
C SER D 102 -22.12 27.30 7.30
N TRP D 103 -23.14 27.73 6.57
CA TRP D 103 -22.92 28.39 5.28
C TRP D 103 -22.12 29.68 5.39
N THR D 104 -22.16 30.33 6.54
CA THR D 104 -21.36 31.53 6.77
C THR D 104 -20.10 31.30 7.61
N ASP D 105 -19.89 30.06 8.05
CA ASP D 105 -18.76 29.75 8.94
C ASP D 105 -17.58 29.30 8.06
N VAL D 106 -17.12 30.26 7.25
CA VAL D 106 -16.13 30.02 6.20
C VAL D 106 -14.99 31.04 6.20
N LEU D 107 -14.83 31.79 7.28
CA LEU D 107 -13.83 32.85 7.32
C LEU D 107 -12.44 32.26 7.55
N PRO D 108 -11.38 33.04 7.25
CA PRO D 108 -10.06 32.46 7.35
C PRO D 108 -9.71 31.97 8.75
N GLU D 109 -10.12 32.74 9.76
CA GLU D 109 -9.87 32.40 11.18
C GLU D 109 -11.06 32.64 12.10
N PHE D 110 -11.68 33.80 11.98
CA PHE D 110 -12.79 34.18 12.84
C PHE D 110 -14.13 33.65 12.31
N GLY D 111 -15.24 34.29 12.67
CA GLY D 111 -16.56 33.89 12.17
C GLY D 111 -17.17 32.75 12.97
N GLY D 112 -18.41 32.39 12.64
CA GLY D 112 -19.06 31.23 13.24
C GLY D 112 -19.36 31.41 14.71
N ASP D 113 -19.43 32.66 15.16
CA ASP D 113 -19.44 32.90 16.62
C ASP D 113 -20.62 33.72 17.12
N THR D 114 -21.75 33.70 16.40
CA THR D 114 -23.02 34.13 17.02
C THR D 114 -23.61 33.04 17.92
N TYR D 115 -22.93 31.89 17.98
CA TYR D 115 -23.30 30.72 18.78
C TYR D 115 -21.96 30.06 19.14
N GLY D 116 -21.98 29.04 19.98
CA GLY D 116 -20.78 28.30 20.31
C GLY D 116 -21.02 26.82 20.41
N SER D 117 -20.02 26.14 20.95
CA SER D 117 -20.12 24.70 21.18
CA SER D 117 -20.11 24.71 21.19
C SER D 117 -20.87 24.43 22.48
N ASP D 118 -21.43 23.24 22.57
CA ASP D 118 -22.27 22.83 23.71
C ASP D 118 -23.31 23.90 24.03
N ASN D 119 -23.96 24.40 22.99
CA ASN D 119 -24.87 25.55 23.05
C ASN D 119 -26.21 25.10 22.48
N PHE D 120 -26.90 24.28 23.28
CA PHE D 120 -28.12 23.60 22.84
C PHE D 120 -27.86 22.92 21.49
N MET D 121 -28.77 23.04 20.53
CA MET D 121 -28.61 22.26 19.26
C MET D 121 -27.98 23.10 18.16
N GLN D 122 -27.18 24.11 18.53
CA GLN D 122 -26.68 25.07 17.55
C GLN D 122 -25.39 24.66 16.86
N GLN D 123 -24.55 23.90 17.54
CA GLN D 123 -23.27 23.50 16.95
C GLN D 123 -22.86 22.16 17.58
N ARG D 124 -21.58 21.96 17.93
CA ARG D 124 -21.19 20.66 18.47
C ARG D 124 -21.80 20.45 19.85
N GLY D 125 -22.13 19.21 20.17
CA GLY D 125 -22.77 18.90 21.44
C GLY D 125 -22.85 17.43 21.69
N ASN D 126 -23.09 17.02 22.92
CA ASN D 126 -23.17 15.60 23.26
C ASN D 126 -24.54 14.99 23.03
N GLY D 127 -24.55 13.71 22.63
CA GLY D 127 -25.77 12.92 22.68
C GLY D 127 -26.82 13.23 21.63
N PHE D 128 -26.38 13.59 20.43
CA PHE D 128 -27.27 13.79 19.27
C PHE D 128 -27.55 12.45 18.57
N ALA D 129 -28.84 12.18 18.39
CA ALA D 129 -29.32 11.11 17.55
C ALA D 129 -29.85 11.81 16.31
N THR D 130 -29.24 11.54 15.14
CA THR D 130 -29.51 12.34 13.96
C THR D 130 -29.91 11.46 12.77
N TYR D 131 -31.10 11.70 12.24
CA TYR D 131 -31.59 11.10 11.02
C TYR D 131 -31.43 12.11 9.89
N ARG D 132 -30.87 11.64 8.76
CA ARG D 132 -30.70 12.48 7.58
C ARG D 132 -31.19 11.77 6.34
N ASN D 133 -31.74 12.57 5.43
CA ASN D 133 -32.23 12.07 4.18
C ASN D 133 -31.81 13.02 3.07
N SER D 134 -31.02 12.51 2.09
CA SER D 134 -30.50 13.31 0.97
C SER D 134 -31.18 12.95 -0.34
N ASP D 135 -31.35 13.97 -1.16
CA ASP D 135 -32.10 13.96 -2.43
C ASP D 135 -33.50 13.45 -2.20
N PHE D 136 -34.00 13.81 -1.03
CA PHE D 136 -35.22 13.31 -0.43
C PHE D 136 -35.01 11.79 -0.39
N PHE D 137 -36.05 11.02 -0.67
CA PHE D 137 -35.92 9.59 -0.81
C PHE D 137 -35.59 9.23 -2.24
N GLY D 138 -34.89 10.08 -2.96
CA GLY D 138 -34.80 9.99 -4.40
C GLY D 138 -35.92 10.65 -5.21
N LEU D 139 -37.03 11.02 -4.57
CA LEU D 139 -38.18 11.64 -5.27
C LEU D 139 -37.97 13.10 -5.65
N VAL D 140 -37.11 13.79 -4.90
CA VAL D 140 -36.81 15.21 -5.16
C VAL D 140 -35.30 15.42 -4.98
N ASP D 141 -34.57 15.30 -6.10
CA ASP D 141 -33.16 15.71 -6.21
C ASP D 141 -32.86 17.09 -5.62
N GLY D 142 -31.87 17.16 -4.73
CA GLY D 142 -31.42 18.40 -4.12
C GLY D 142 -32.18 18.91 -2.90
N LEU D 143 -33.25 18.21 -2.51
CA LEU D 143 -34.01 18.51 -1.31
C LEU D 143 -33.50 17.55 -0.22
N ASN D 144 -32.76 18.10 0.78
CA ASN D 144 -32.31 17.27 1.94
C ASN D 144 -33.03 17.71 3.20
N PHE D 145 -33.26 16.78 4.11
CA PHE D 145 -33.75 17.14 5.45
C PHE D 145 -33.11 16.28 6.52
N ALA D 146 -33.20 16.77 7.76
CA ALA D 146 -32.68 16.05 8.92
C ALA D 146 -33.63 16.28 10.07
N VAL D 147 -33.74 15.24 10.90
CA VAL D 147 -34.47 15.31 12.16
C VAL D 147 -33.51 14.85 13.25
N GLN D 148 -33.47 15.58 14.37
CA GLN D 148 -32.49 15.31 15.40
C GLN D 148 -33.09 15.39 16.80
N TYR D 149 -32.61 14.51 17.68
CA TYR D 149 -32.94 14.51 19.10
C TYR D 149 -31.64 14.68 19.87
N GLN D 150 -31.66 15.46 20.96
CA GLN D 150 -30.55 15.51 21.90
C GLN D 150 -31.05 15.19 23.30
N GLY D 151 -30.45 14.19 23.94
CA GLY D 151 -30.77 13.88 25.32
C GLY D 151 -30.17 14.89 26.28
N LYS D 152 -30.84 15.07 27.42
CA LYS D 152 -30.35 15.89 28.52
C LYS D 152 -28.87 15.62 28.83
N ASN D 153 -28.10 16.70 28.92
CA ASN D 153 -26.76 16.70 29.47
C ASN D 153 -26.82 17.71 30.62
N GLY D 154 -26.88 17.18 31.83
CA GLY D 154 -27.23 17.97 33.01
C GLY D 154 -26.06 18.37 33.86
N SER D 155 -26.33 18.47 35.17
CA SER D 155 -25.34 18.92 36.15
C SER D 155 -24.52 17.75 36.70
N ALA D 156 -23.45 18.08 37.40
CA ALA D 156 -22.60 17.08 38.04
C ALA D 156 -23.24 16.44 39.26
N SER D 157 -24.15 17.16 39.92
CA SER D 157 -24.83 16.64 41.08
C SER D 157 -26.18 17.32 41.19
N GLY D 158 -26.98 16.84 42.12
CA GLY D 158 -28.22 17.51 42.44
C GLY D 158 -29.32 17.18 41.45
N GLU D 159 -30.27 18.11 41.39
CA GLU D 159 -31.56 17.88 40.72
C GLU D 159 -31.41 17.58 39.21
N ASP D 160 -30.46 18.26 38.55
CA ASP D 160 -30.28 18.05 37.11
C ASP D 160 -29.28 16.99 36.70
N GLN D 161 -28.83 16.16 37.66
CA GLN D 161 -27.65 15.33 37.42
C GLN D 161 -27.84 14.34 36.27
N THR D 162 -26.82 14.27 35.42
CA THR D 162 -26.61 13.14 34.51
C THR D 162 -25.19 12.64 34.71
N ASN D 163 -24.85 11.50 34.10
CA ASN D 163 -23.53 10.93 34.34
C ASN D 163 -22.42 11.88 33.90
N ASN D 164 -22.70 12.67 32.87
CA ASN D 164 -21.72 13.48 32.18
C ASN D 164 -21.98 14.96 32.43
N GLY D 165 -22.20 15.27 33.70
CA GLY D 165 -22.58 16.60 34.12
C GLY D 165 -21.56 17.66 33.82
N ARG D 166 -22.06 18.89 33.64
CA ARG D 166 -21.20 20.01 33.32
C ARG D 166 -21.85 21.30 33.77
N THR D 167 -21.09 22.37 33.65
CA THR D 167 -21.52 23.72 34.05
C THR D 167 -22.73 24.18 33.24
N GLU D 168 -23.52 25.09 33.82
CA GLU D 168 -24.83 25.48 33.31
C GLU D 168 -24.81 25.96 31.87
N LEU D 169 -23.78 26.71 31.51
CA LEU D 169 -23.68 27.28 30.15
C LEU D 169 -23.48 26.22 29.07
N ARG D 170 -23.12 25.00 29.48
CA ARG D 170 -22.96 23.86 28.55
C ARG D 170 -23.95 22.71 28.74
N GLN D 171 -25.00 22.95 29.52
CA GLN D 171 -26.04 21.96 29.76
C GLN D 171 -27.14 22.07 28.72
N ASN D 172 -27.97 21.06 28.67
CA ASN D 172 -29.20 21.10 27.90
C ASN D 172 -30.14 20.07 28.48
N GLY D 173 -31.43 20.31 28.32
CA GLY D 173 -32.45 19.30 28.52
C GLY D 173 -32.71 18.57 27.22
N ASP D 174 -33.72 17.69 27.24
CA ASP D 174 -34.06 16.93 26.02
C ASP D 174 -34.49 17.91 24.92
N GLY D 175 -33.96 17.73 23.71
CA GLY D 175 -34.28 18.63 22.62
C GLY D 175 -34.59 17.94 21.31
N VAL D 176 -35.28 18.68 20.42
CA VAL D 176 -35.62 18.23 19.08
C VAL D 176 -35.38 19.34 18.09
N GLY D 177 -34.84 18.99 16.91
CA GLY D 177 -34.67 19.96 15.86
C GLY D 177 -34.74 19.34 14.48
N GLY D 178 -34.80 20.20 13.48
CA GLY D 178 -34.80 19.74 12.10
C GLY D 178 -34.25 20.80 11.17
N SER D 179 -33.80 20.32 9.99
CA SER D 179 -33.34 21.20 8.95
C SER D 179 -33.89 20.74 7.60
N ILE D 180 -33.97 21.69 6.68
CA ILE D 180 -34.31 21.41 5.26
C ILE D 180 -33.42 22.29 4.42
N THR D 181 -32.75 21.70 3.41
CA THR D 181 -32.01 22.51 2.44
C THR D 181 -32.41 22.10 1.04
N TYR D 182 -32.35 23.08 0.15
CA TYR D 182 -32.70 22.87 -1.23
C TYR D 182 -31.73 23.52 -2.18
N ASN D 183 -31.23 22.72 -3.14
CA ASN D 183 -30.43 23.19 -4.23
C ASN D 183 -31.36 23.76 -5.30
N LEU D 184 -31.35 25.08 -5.42
CA LEU D 184 -32.12 25.82 -6.41
C LEU D 184 -31.56 25.74 -7.84
N GLY D 185 -30.30 25.31 -7.94
CA GLY D 185 -29.61 25.20 -9.19
C GLY D 185 -28.68 26.38 -9.47
N GLU D 186 -27.77 26.18 -10.42
CA GLU D 186 -26.83 27.20 -10.86
C GLU D 186 -26.01 27.84 -9.72
N GLY D 187 -25.74 27.05 -8.68
CA GLY D 187 -24.97 27.53 -7.52
C GLY D 187 -25.74 28.04 -6.31
N PHE D 188 -27.05 28.19 -6.42
CA PHE D 188 -27.89 28.75 -5.36
C PHE D 188 -28.45 27.66 -4.44
N GLY D 189 -28.41 27.94 -3.15
CA GLY D 189 -28.99 27.06 -2.14
C GLY D 189 -29.79 27.87 -1.13
N ILE D 190 -30.83 27.27 -0.60
CA ILE D 190 -31.67 27.91 0.41
C ILE D 190 -31.93 26.90 1.50
N GLY D 191 -32.01 27.36 2.75
CA GLY D 191 -32.22 26.42 3.84
C GLY D 191 -32.88 27.04 5.05
N THR D 192 -33.48 26.16 5.82
CA THR D 192 -34.07 26.54 7.10
C THR D 192 -33.78 25.50 8.17
N ALA D 193 -33.75 25.95 9.43
CA ALA D 193 -33.62 25.04 10.55
C ALA D 193 -34.31 25.59 11.79
N VAL D 194 -34.81 24.67 12.60
CA VAL D 194 -35.52 24.98 13.83
C VAL D 194 -35.06 24.00 14.91
N SER D 195 -34.89 24.51 16.13
CA SER D 195 -34.62 23.63 17.27
C SER D 195 -35.35 24.12 18.51
N SER D 196 -35.63 23.17 19.38
CA SER D 196 -36.32 23.44 20.65
C SER D 196 -35.82 22.46 21.71
N SER D 197 -35.13 23.02 22.71
CA SER D 197 -34.51 22.26 23.81
C SER D 197 -35.10 22.67 25.15
N LYS D 198 -35.47 21.68 25.95
CA LYS D 198 -35.77 21.95 27.36
C LYS D 198 -34.50 22.50 28.00
N ARG D 199 -34.72 23.46 28.91
CA ARG D 199 -33.64 23.99 29.71
C ARG D 199 -33.70 23.35 31.09
N THR D 200 -32.57 23.32 31.78
CA THR D 200 -32.54 22.64 33.08
C THR D 200 -32.78 23.64 34.21
N SER D 201 -33.13 23.10 35.37
CA SER D 201 -33.42 23.94 36.54
C SER D 201 -32.20 24.78 36.96
N SER D 202 -30.98 24.24 36.89
CA SER D 202 -29.78 25.01 37.25
C SER D 202 -29.55 26.11 36.24
N GLN D 203 -29.84 25.87 34.96
CA GLN D 203 -29.75 26.93 33.96
C GLN D 203 -30.68 28.09 34.31
N ASN D 204 -31.89 27.72 34.72
CA ASN D 204 -32.89 28.70 35.10
C ASN D 204 -32.66 29.36 36.46
N ASP D 205 -31.65 28.92 37.21
CA ASP D 205 -31.23 29.66 38.42
C ASP D 205 -30.25 30.77 38.15
N LEU D 206 -29.66 30.82 36.95
CA LEU D 206 -28.89 31.99 36.54
C LEU D 206 -29.80 33.21 36.30
N THR D 207 -29.21 34.40 36.38
CA THR D 207 -29.98 35.63 36.24
C THR D 207 -30.55 35.88 34.84
N TYR D 208 -29.79 35.54 33.81
CA TYR D 208 -30.09 35.98 32.48
C TYR D 208 -30.70 34.87 31.64
N GLY D 209 -31.88 35.12 31.10
CA GLY D 209 -32.45 34.31 30.04
C GLY D 209 -33.18 33.07 30.50
N ASN D 210 -33.92 33.18 31.59
CA ASN D 210 -34.74 32.06 32.07
C ASN D 210 -35.87 31.73 31.11
N GLY D 211 -36.26 30.46 31.11
CA GLY D 211 -37.36 30.01 30.33
C GLY D 211 -37.40 28.50 30.26
N ASP D 212 -38.58 27.98 29.93
CA ASP D 212 -38.78 26.54 29.83
C ASP D 212 -37.93 25.92 28.72
N ARG D 213 -37.84 26.61 27.59
CA ARG D 213 -37.17 26.10 26.38
C ARG D 213 -36.23 27.12 25.74
N ALA D 214 -35.13 26.58 25.19
CA ALA D 214 -34.25 27.31 24.32
C ALA D 214 -34.70 26.97 22.90
N GLU D 215 -34.97 27.99 22.09
CA GLU D 215 -35.54 27.84 20.74
CA GLU D 215 -35.46 27.74 20.75
C GLU D 215 -34.74 28.60 19.74
N THR D 216 -34.56 28.04 18.52
CA THR D 216 -33.88 28.74 17.46
C THR D 216 -34.64 28.55 16.13
N TYR D 217 -34.61 29.59 15.30
CA TYR D 217 -35.25 29.62 14.00
C TYR D 217 -34.28 30.27 13.04
N THR D 218 -33.88 29.54 11.98
CA THR D 218 -32.84 29.97 11.08
C THR D 218 -33.28 29.89 9.61
N GLY D 219 -32.90 30.91 8.86
CA GLY D 219 -32.94 30.86 7.39
C GLY D 219 -31.61 31.24 6.81
N GLY D 220 -31.27 30.62 5.68
CA GLY D 220 -30.01 30.88 5.01
C GLY D 220 -30.10 30.78 3.51
N LEU D 221 -29.15 31.47 2.88
CA LEU D 221 -29.03 31.54 1.42
C LEU D 221 -27.57 31.49 1.09
N LYS D 222 -27.23 30.80 0.00
CA LYS D 222 -25.86 30.83 -0.48
C LYS D 222 -25.79 30.75 -1.99
N TYR D 223 -24.68 31.28 -2.49
CA TYR D 223 -24.30 31.17 -3.89
C TYR D 223 -22.86 30.66 -3.93
N ASP D 224 -22.63 29.58 -4.68
CA ASP D 224 -21.34 28.87 -4.71
C ASP D 224 -21.11 28.36 -6.13
N ALA D 225 -20.55 29.23 -6.96
CA ALA D 225 -20.24 28.93 -8.37
C ALA D 225 -19.35 30.02 -8.96
N ASN D 226 -18.67 29.68 -10.06
CA ASN D 226 -17.88 30.66 -10.83
C ASN D 226 -16.84 31.38 -9.96
N ASN D 227 -16.23 30.62 -9.05
CA ASN D 227 -15.20 31.11 -8.12
C ASN D 227 -15.66 32.15 -7.08
N ILE D 228 -16.98 32.27 -6.95
CA ILE D 228 -17.58 33.24 -6.04
C ILE D 228 -18.28 32.46 -4.95
N TYR D 229 -18.15 32.93 -3.71
CA TYR D 229 -18.91 32.38 -2.61
C TYR D 229 -19.60 33.51 -1.85
N LEU D 230 -20.92 33.47 -1.79
CA LEU D 230 -21.72 34.43 -1.04
C LEU D 230 -22.66 33.67 -0.15
N ALA D 231 -22.84 34.12 1.09
CA ALA D 231 -23.80 33.45 1.94
C ALA D 231 -24.28 34.39 3.03
N ALA D 232 -25.50 34.12 3.48
CA ALA D 232 -26.09 34.84 4.60
C ALA D 232 -26.95 33.91 5.42
N GLN D 233 -26.96 34.14 6.74
CA GLN D 233 -27.84 33.41 7.61
C GLN D 233 -28.44 34.38 8.60
N TYR D 234 -29.72 34.20 8.88
CA TYR D 234 -30.40 34.95 9.93
C TYR D 234 -31.03 33.97 10.91
N THR D 235 -30.76 34.16 12.21
CA THR D 235 -31.30 33.30 13.26
C THR D 235 -31.92 34.15 14.38
N GLN D 236 -33.14 33.77 14.74
CA GLN D 236 -33.82 34.37 15.88
C GLN D 236 -33.81 33.31 16.98
N THR D 237 -33.39 33.70 18.18
CA THR D 237 -33.29 32.76 19.29
C THR D 237 -34.02 33.27 20.51
N TYR D 238 -34.39 32.29 21.35
CA TYR D 238 -35.10 32.52 22.60
C TYR D 238 -34.43 31.69 23.70
N ASN D 239 -33.88 32.36 24.71
CA ASN D 239 -33.19 31.70 25.83
C ASN D 239 -32.08 30.74 25.39
N ALA D 240 -31.42 31.06 24.29
CA ALA D 240 -30.45 30.13 23.66
C ALA D 240 -29.08 30.72 23.32
N THR D 241 -29.04 32.04 23.13
CA THR D 241 -27.81 32.73 22.79
C THR D 241 -27.11 33.17 24.06
N ARG D 242 -25.88 32.74 24.25
CA ARG D 242 -25.14 33.07 25.47
C ARG D 242 -24.85 34.58 25.56
N VAL D 243 -24.98 35.12 26.77
CA VAL D 243 -24.55 36.50 27.08
C VAL D 243 -23.25 36.38 27.83
N GLY D 244 -22.15 36.44 27.09
CA GLY D 244 -20.84 36.21 27.65
C GLY D 244 -20.86 34.92 28.44
N ASN D 245 -20.42 34.99 29.69
CA ASN D 245 -20.50 33.86 30.61
C ASN D 245 -21.55 34.06 31.72
N LEU D 246 -22.56 34.89 31.47
CA LEU D 246 -23.55 35.25 32.48
C LEU D 246 -24.86 34.44 32.42
N GLY D 247 -25.14 33.81 31.27
CA GLY D 247 -26.44 33.24 31.04
C GLY D 247 -26.78 33.41 29.58
N TRP D 248 -28.06 33.66 29.30
CA TRP D 248 -28.54 33.73 27.91
C TRP D 248 -29.42 34.97 27.71
N ALA D 249 -29.60 35.33 26.44
CA ALA D 249 -30.48 36.42 26.05
C ALA D 249 -31.90 35.92 25.97
N ASN D 250 -32.84 36.65 26.59
CA ASN D 250 -34.24 36.24 26.45
C ASN D 250 -34.64 36.07 24.98
N LYS D 251 -34.20 37.02 24.16
CA LYS D 251 -34.32 36.91 22.70
C LYS D 251 -33.05 37.45 22.10
N ALA D 252 -32.60 36.84 21.00
CA ALA D 252 -31.54 37.45 20.22
C ALA D 252 -31.82 37.31 18.72
N GLN D 253 -31.22 38.21 17.96
CA GLN D 253 -31.31 38.22 16.51
C GLN D 253 -29.91 38.25 15.96
N ASN D 254 -29.55 37.18 15.24
CA ASN D 254 -28.21 36.94 14.76
C ASN D 254 -28.18 37.02 13.25
N PHE D 255 -27.21 37.73 12.71
CA PHE D 255 -27.05 37.90 11.27
C PHE D 255 -25.59 37.77 10.90
N GLU D 256 -25.32 36.91 9.91
CA GLU D 256 -23.96 36.75 9.37
C GLU D 256 -24.07 36.78 7.84
N VAL D 257 -23.12 37.47 7.21
CA VAL D 257 -23.03 37.55 5.76
C VAL D 257 -21.56 37.56 5.37
N VAL D 258 -21.25 36.90 4.25
CA VAL D 258 -19.88 36.77 3.79
C VAL D 258 -19.81 36.76 2.27
N ALA D 259 -18.74 37.32 1.75
CA ALA D 259 -18.42 37.26 0.30
C ALA D 259 -16.97 36.86 0.15
N GLN D 260 -16.71 35.93 -0.76
CA GLN D 260 -15.36 35.46 -1.05
C GLN D 260 -15.19 35.23 -2.54
N TYR D 261 -13.95 35.35 -2.99
CA TYR D 261 -13.58 35.05 -4.38
C TYR D 261 -12.31 34.23 -4.41
N GLN D 262 -12.27 33.21 -5.26
CA GLN D 262 -11.10 32.35 -5.40
C GLN D 262 -10.38 32.66 -6.72
N PHE D 263 -9.24 33.34 -6.61
CA PHE D 263 -8.34 33.51 -7.75
C PHE D 263 -7.68 32.18 -8.12
N ASP D 264 -7.46 31.98 -9.42
CA ASP D 264 -6.85 30.74 -9.91
CA ASP D 264 -6.85 30.74 -9.91
C ASP D 264 -5.46 30.49 -9.33
N PHE D 265 -4.71 31.56 -9.06
CA PHE D 265 -3.35 31.42 -8.50
C PHE D 265 -3.28 31.08 -7.01
N GLY D 266 -4.43 31.02 -6.33
CA GLY D 266 -4.49 30.50 -4.98
C GLY D 266 -5.03 31.41 -3.88
N LEU D 267 -5.10 32.71 -4.17
CA LEU D 267 -5.54 33.68 -3.15
C LEU D 267 -7.08 33.70 -3.10
N ARG D 268 -7.60 33.72 -1.86
CA ARG D 268 -9.06 33.75 -1.62
C ARG D 268 -9.38 34.86 -0.59
N PRO D 269 -9.55 36.10 -1.07
CA PRO D 269 -10.01 37.16 -0.17
C PRO D 269 -11.40 36.91 0.37
N SER D 270 -11.67 37.48 1.55
CA SER D 270 -12.92 37.28 2.25
C SER D 270 -13.34 38.55 3.00
N VAL D 271 -14.60 38.95 2.84
CA VAL D 271 -15.17 40.05 3.62
CA VAL D 271 -15.18 40.07 3.60
C VAL D 271 -16.48 39.57 4.24
N ALA D 272 -16.71 39.90 5.51
CA ALA D 272 -17.87 39.41 6.21
C ALA D 272 -18.33 40.43 7.26
N TYR D 273 -19.58 40.27 7.65
CA TYR D 273 -20.14 41.07 8.74
C TYR D 273 -20.97 40.14 9.62
N LEU D 274 -20.78 40.26 10.94
CA LEU D 274 -21.56 39.50 11.90
C LEU D 274 -22.09 40.40 12.97
N GLN D 275 -23.33 40.15 13.38
CA GLN D 275 -23.89 40.79 14.55
C GLN D 275 -24.84 39.87 15.29
N SER D 276 -24.91 40.08 16.60
CA SER D 276 -25.84 39.40 17.46
C SER D 276 -26.40 40.46 18.41
N LYS D 277 -27.71 40.64 18.35
CA LYS D 277 -28.41 41.67 19.08
C LYS D 277 -29.31 41.01 20.11
N GLY D 278 -29.00 41.23 21.38
CA GLY D 278 -29.76 40.65 22.47
C GLY D 278 -30.83 41.61 22.92
N LYS D 279 -31.95 41.04 23.37
CA LYS D 279 -33.13 41.81 23.73
C LYS D 279 -33.60 41.42 25.11
N ASP D 280 -34.06 42.43 25.86
CA ASP D 280 -34.72 42.21 27.17
C ASP D 280 -33.83 41.54 28.23
N LEU D 281 -32.56 41.91 28.24
CA LEU D 281 -31.64 41.36 29.23
C LEU D 281 -31.98 41.91 30.63
N GLU D 282 -31.77 41.05 31.60
CA GLU D 282 -32.07 41.33 32.99
C GLU D 282 -31.01 42.31 33.53
N ASN D 283 -31.17 42.66 34.81
CA ASN D 283 -30.29 43.59 35.51
C ASN D 283 -30.22 44.97 34.85
N GLY D 284 -31.34 45.40 34.26
CA GLY D 284 -31.44 46.69 33.60
C GLY D 284 -30.68 46.87 32.30
N TYR D 285 -30.07 45.80 31.76
CA TYR D 285 -29.29 45.96 30.56
C TYR D 285 -30.15 46.09 29.29
N GLY D 286 -31.35 45.52 29.30
CA GLY D 286 -32.28 45.69 28.18
C GLY D 286 -31.71 45.17 26.87
N ASP D 287 -31.77 46.00 25.83
CA ASP D 287 -31.27 45.61 24.51
C ASP D 287 -29.76 45.89 24.50
N GLN D 288 -28.97 44.89 24.11
CA GLN D 288 -27.51 45.04 24.00
C GLN D 288 -26.96 44.28 22.80
N ASP D 289 -25.96 44.88 22.18
CA ASP D 289 -25.15 44.16 21.19
C ASP D 289 -24.31 43.11 21.92
N LEU D 290 -24.38 41.87 21.45
CA LEU D 290 -23.54 40.78 22.00
C LEU D 290 -22.31 40.51 21.14
N LEU D 291 -22.41 40.83 19.86
CA LEU D 291 -21.36 40.59 18.88
C LEU D 291 -21.58 41.57 17.75
N LYS D 292 -20.51 42.17 17.24
CA LYS D 292 -20.62 43.09 16.11
C LYS D 292 -19.26 43.37 15.52
N TYR D 293 -18.99 42.80 14.34
CA TYR D 293 -17.73 43.04 13.69
C TYR D 293 -17.76 42.87 12.19
N VAL D 294 -16.86 43.58 11.53
CA VAL D 294 -16.55 43.37 10.12
C VAL D 294 -15.28 42.54 10.13
N ASP D 295 -15.23 41.56 9.23
CA ASP D 295 -14.03 40.75 9.09
C ASP D 295 -13.49 40.85 7.67
N VAL D 296 -12.20 41.16 7.56
CA VAL D 296 -11.53 41.19 6.27
CA VAL D 296 -11.52 41.21 6.27
C VAL D 296 -10.28 40.33 6.37
N GLY D 297 -10.10 39.44 5.40
CA GLY D 297 -8.94 38.54 5.43
C GLY D 297 -8.72 37.90 4.10
N ALA D 298 -7.73 37.02 4.04
CA ALA D 298 -7.46 36.28 2.83
C ALA D 298 -6.67 35.05 3.19
N THR D 299 -6.96 33.96 2.49
CA THR D 299 -6.19 32.72 2.57
C THR D 299 -5.49 32.53 1.22
N TYR D 300 -4.20 32.20 1.29
CA TYR D 300 -3.46 31.76 0.09
C TYR D 300 -3.28 30.25 0.23
N TYR D 301 -3.85 29.53 -0.74
CA TYR D 301 -3.72 28.09 -0.82
C TYR D 301 -2.54 27.73 -1.70
N PHE D 302 -1.48 27.22 -1.07
CA PHE D 302 -0.34 26.69 -1.83
C PHE D 302 -0.80 25.46 -2.64
N ASN D 303 -1.59 24.61 -1.99
CA ASN D 303 -2.25 23.46 -2.59
C ASN D 303 -3.27 22.94 -1.58
N LYS D 304 -3.79 21.72 -1.74
CA LYS D 304 -4.80 21.18 -0.81
C LYS D 304 -4.28 20.79 0.58
N ASN D 305 -2.96 20.80 0.76
CA ASN D 305 -2.32 20.40 1.99
C ASN D 305 -1.60 21.54 2.72
N MET D 306 -1.50 22.72 2.12
CA MET D 306 -0.75 23.80 2.73
C MET D 306 -1.37 25.16 2.39
N SER D 307 -1.53 26.00 3.41
CA SER D 307 -2.12 27.31 3.19
C SER D 307 -1.58 28.28 4.23
N THR D 308 -1.79 29.56 3.97
CA THR D 308 -1.45 30.60 4.93
C THR D 308 -2.51 31.68 4.85
N TYR D 309 -2.70 32.39 5.96
CA TYR D 309 -3.74 33.40 5.98
C TYR D 309 -3.49 34.54 6.91
N VAL D 310 -4.20 35.63 6.60
CA VAL D 310 -4.34 36.76 7.51
C VAL D 310 -5.85 36.99 7.70
N ASP D 311 -6.26 37.28 8.93
CA ASP D 311 -7.66 37.63 9.19
C ASP D 311 -7.69 38.81 10.16
N TYR D 312 -8.56 39.75 9.87
CA TYR D 312 -8.68 40.98 10.64
C TYR D 312 -10.11 41.16 11.13
N LYS D 313 -10.28 41.00 12.44
CA LYS D 313 -11.56 41.22 13.11
C LYS D 313 -11.59 42.68 13.52
N ILE D 314 -12.44 43.46 12.84
CA ILE D 314 -12.62 44.88 13.09
C ILE D 314 -13.84 44.99 13.98
N ASN D 315 -13.59 45.13 15.28
CA ASN D 315 -14.62 44.98 16.29
C ASN D 315 -15.35 46.28 16.45
N LEU D 316 -16.67 46.22 16.26
CA LEU D 316 -17.53 47.39 16.29
C LEU D 316 -18.31 47.55 17.59
N LEU D 317 -18.14 46.62 18.54
CA LEU D 317 -18.72 46.77 19.86
C LEU D 317 -18.07 47.91 20.61
N ASP D 318 -18.89 48.65 21.35
CA ASP D 318 -18.38 49.66 22.27
C ASP D 318 -17.97 49.03 23.59
N ASP D 319 -16.80 49.44 24.09
CA ASP D 319 -16.34 49.06 25.42
C ASP D 319 -17.24 49.83 26.44
N LYS D 320 -17.94 49.10 27.25
CA LYS D 320 -18.79 49.67 28.28
C LYS D 320 -18.98 48.67 29.42
N GLU D 321 -19.59 49.13 30.50
CA GLU D 321 -19.73 48.28 31.67
C GLU D 321 -20.37 46.91 31.34
N PHE D 322 -21.40 46.91 30.50
CA PHE D 322 -22.03 45.64 30.08
C PHE D 322 -21.07 44.61 29.49
N THR D 323 -20.27 45.04 28.51
CA THR D 323 -19.35 44.11 27.85
C THR D 323 -18.28 43.63 28.82
N ARG D 324 -17.79 44.53 29.66
CA ARG D 324 -16.78 44.14 30.64
C ARG D 324 -17.37 43.14 31.65
N ASN D 325 -18.59 43.40 32.12
CA ASN D 325 -19.25 42.51 33.08
C ASN D 325 -19.48 41.12 32.47
N ALA D 326 -19.90 41.08 31.21
CA ALA D 326 -20.19 39.83 30.53
C ALA D 326 -18.94 39.09 30.03
N GLY D 327 -17.81 39.77 29.97
CA GLY D 327 -16.58 39.18 29.46
C GLY D 327 -16.53 39.13 27.94
N ILE D 328 -17.31 40.00 27.29
CA ILE D 328 -17.35 40.07 25.83
C ILE D 328 -16.23 41.00 25.31
N SER D 329 -15.40 40.46 24.43
CA SER D 329 -14.26 41.20 23.91
C SER D 329 -14.69 42.28 22.91
N THR D 330 -14.17 43.49 23.11
CA THR D 330 -14.49 44.62 22.25
C THR D 330 -13.29 45.09 21.42
N ASP D 331 -12.17 44.37 21.48
CA ASP D 331 -10.95 44.76 20.77
C ASP D 331 -10.83 44.09 19.40
N ASP D 332 -10.13 44.76 18.50
CA ASP D 332 -9.78 44.17 17.20
C ASP D 332 -8.81 43.02 17.43
N ILE D 333 -8.77 42.09 16.47
CA ILE D 333 -7.75 41.04 16.46
C ILE D 333 -7.24 40.87 15.03
N VAL D 334 -5.94 40.75 14.86
CA VAL D 334 -5.35 40.27 13.60
C VAL D 334 -4.76 38.89 13.86
N ALA D 335 -5.09 37.95 12.98
CA ALA D 335 -4.54 36.58 13.03
C ALA D 335 -3.66 36.34 11.83
N LEU D 336 -2.53 35.68 12.08
CA LEU D 336 -1.68 35.16 11.02
C LEU D 336 -1.52 33.66 11.24
N GLY D 337 -1.79 32.87 10.20
CA GLY D 337 -1.68 31.43 10.32
C GLY D 337 -0.93 30.80 9.15
N LEU D 338 -0.25 29.71 9.46
CA LEU D 338 0.40 28.85 8.47
C LEU D 338 -0.05 27.43 8.78
N VAL D 339 -0.68 26.77 7.82
CA VAL D 339 -1.42 25.53 8.06
C VAL D 339 -0.95 24.41 7.15
N TYR D 340 -0.48 23.33 7.78
CA TYR D 340 -0.26 22.05 7.08
C TYR D 340 -1.42 21.13 7.43
N GLN D 341 -1.97 20.43 6.44
CA GLN D 341 -3.01 19.46 6.72
C GLN D 341 -2.91 18.26 5.81
N PHE D 342 -3.49 17.16 6.27
CA PHE D 342 -3.45 15.90 5.54
C PHE D 342 -4.75 15.14 5.69
N ALA E 1 -6.49 -1.98 12.42
CA ALA E 1 -6.19 -2.35 10.99
C ALA E 1 -4.69 -2.33 10.79
N GLU E 2 -4.15 -3.32 10.08
CA GLU E 2 -2.73 -3.31 9.73
C GLU E 2 -2.54 -2.22 8.68
N ILE E 3 -1.80 -1.18 9.05
CA ILE E 3 -1.56 -0.04 8.15
C ILE E 3 -0.13 0.02 7.63
N TYR E 4 0.75 -0.85 8.13
CA TYR E 4 2.14 -0.87 7.72
C TYR E 4 2.68 -2.27 7.93
N ASN E 5 3.42 -2.75 6.93
CA ASN E 5 4.04 -4.07 6.99
C ASN E 5 5.13 -4.04 5.93
N LYS E 6 6.37 -3.91 6.40
CA LYS E 6 7.50 -3.66 5.51
C LYS E 6 8.80 -3.97 6.21
N ASP E 7 9.65 -4.73 5.53
CA ASP E 7 11.01 -4.99 6.00
C ASP E 7 11.07 -5.56 7.44
N GLY E 8 10.14 -6.46 7.77
CA GLY E 8 10.11 -7.11 9.09
C GLY E 8 9.40 -6.37 10.22
N ASN E 9 8.78 -5.23 9.89
CA ASN E 9 8.12 -4.39 10.91
C ASN E 9 6.68 -4.22 10.50
N LYS E 10 5.76 -4.43 11.44
CA LYS E 10 4.35 -4.19 11.16
C LYS E 10 3.68 -3.39 12.24
N LEU E 11 2.65 -2.64 11.85
CA LEU E 11 1.94 -1.78 12.78
C LEU E 11 0.44 -1.87 12.50
N ASP E 12 -0.32 -2.16 13.58
CA ASP E 12 -1.77 -2.23 13.54
C ASP E 12 -2.24 -0.99 14.29
N LEU E 13 -2.92 -0.08 13.60
CA LEU E 13 -3.55 1.07 14.26
C LEU E 13 -5.02 0.73 14.35
N TYR E 14 -5.56 0.69 15.56
CA TYR E 14 -6.91 0.22 15.76
C TYR E 14 -7.68 1.19 16.64
N GLY E 15 -8.99 1.06 16.58
CA GLY E 15 -9.84 1.95 17.40
C GLY E 15 -11.30 1.60 17.29
N LYS E 16 -12.10 2.33 18.07
CA LYS E 16 -13.54 2.15 18.04
C LYS E 16 -14.17 3.44 18.45
N VAL E 17 -15.36 3.67 17.91
CA VAL E 17 -16.25 4.73 18.41
C VAL E 17 -17.54 4.02 18.84
N ASP E 18 -17.91 4.18 20.11
CA ASP E 18 -19.13 3.58 20.64
C ASP E 18 -20.12 4.70 20.97
N GLY E 19 -21.11 4.87 20.12
CA GLY E 19 -22.24 5.76 20.37
C GLY E 19 -23.12 5.03 21.34
N LEU E 20 -23.11 5.51 22.61
CA LEU E 20 -23.60 4.70 23.72
C LEU E 20 -24.47 5.57 24.66
N HIS E 21 -25.62 5.01 25.04
CA HIS E 21 -26.54 5.72 25.94
C HIS E 21 -27.03 4.76 27.01
N TYR E 22 -27.02 5.23 28.28
CA TYR E 22 -27.56 4.48 29.39
C TYR E 22 -28.86 5.12 29.86
N PHE E 23 -29.79 4.26 30.26
CA PHE E 23 -31.08 4.65 30.84
C PHE E 23 -31.09 4.06 32.25
N SER E 24 -31.15 4.93 33.27
CA SER E 24 -31.10 4.46 34.65
C SER E 24 -31.71 5.47 35.58
N ASP E 25 -32.31 4.99 36.68
CA ASP E 25 -32.72 5.87 37.78
C ASP E 25 -31.52 6.43 38.54
N ASP E 26 -30.35 5.81 38.40
CA ASP E 26 -29.13 6.33 39.00
C ASP E 26 -28.63 7.44 38.11
N ASP E 27 -28.74 8.68 38.59
CA ASP E 27 -28.33 9.84 37.79
C ASP E 27 -26.82 9.90 37.52
N SER E 28 -26.01 9.18 38.31
CA SER E 28 -24.58 9.09 38.04
C SER E 28 -24.24 8.18 36.86
N GLN E 29 -25.21 7.37 36.44
CA GLN E 29 -25.07 6.46 35.28
C GLN E 29 -25.89 6.88 34.07
N ASP E 30 -27.04 7.50 34.29
CA ASP E 30 -27.99 7.84 33.24
C ASP E 30 -27.37 8.82 32.25
N GLY E 31 -27.73 8.62 30.98
CA GLY E 31 -27.42 9.61 29.96
C GLY E 31 -26.40 9.15 28.94
N ASP E 32 -25.84 10.13 28.26
CA ASP E 32 -24.89 9.83 27.17
C ASP E 32 -23.59 9.31 27.73
N GLN E 33 -23.13 8.19 27.14
CA GLN E 33 -21.93 7.47 27.56
C GLN E 33 -20.96 7.21 26.38
N THR E 34 -21.14 7.97 25.30
CA THR E 34 -20.30 7.81 24.11
C THR E 34 -18.82 7.89 24.45
N TYR E 35 -18.02 6.99 23.87
CA TYR E 35 -16.58 7.05 24.04
C TYR E 35 -15.90 6.47 22.82
N MET E 36 -14.61 6.70 22.76
CA MET E 36 -13.77 6.09 21.73
C MET E 36 -12.52 5.53 22.35
N ARG E 37 -11.92 4.55 21.66
CA ARG E 37 -10.57 4.13 21.98
C ARG E 37 -9.71 4.20 20.72
N LEU E 38 -8.42 4.42 20.94
CA LEU E 38 -7.39 4.37 19.89
C LEU E 38 -6.21 3.58 20.43
N GLY E 39 -5.56 2.78 19.58
CA GLY E 39 -4.39 2.04 20.00
C GLY E 39 -3.51 1.63 18.85
N PHE E 40 -2.33 1.15 19.21
CA PHE E 40 -1.51 0.48 18.22
C PHE E 40 -0.91 -0.77 18.81
N LYS E 41 -0.64 -1.73 17.91
CA LYS E 41 0.11 -2.94 18.23
C LYS E 41 1.17 -3.03 17.15
N GLY E 42 2.43 -2.98 17.55
CA GLY E 42 3.55 -3.07 16.60
C GLY E 42 4.41 -4.27 16.91
N GLU E 43 5.01 -4.84 15.87
CA GLU E 43 5.88 -6.02 16.02
C GLU E 43 7.04 -5.89 15.04
N THR E 44 8.24 -6.26 15.48
CA THR E 44 9.43 -6.17 14.65
C THR E 44 10.18 -7.49 14.76
N GLN E 45 10.50 -8.08 13.61
CA GLN E 45 11.28 -9.30 13.59
C GLN E 45 12.74 -8.93 13.78
N VAL E 46 13.37 -9.43 14.84
CA VAL E 46 14.77 -9.13 15.12
C VAL E 46 15.64 -10.22 14.48
N ASN E 47 15.34 -11.47 14.84
CA ASN E 47 15.99 -12.61 14.22
C ASN E 47 15.07 -13.83 14.28
N ASP E 48 15.58 -15.00 13.89
CA ASP E 48 14.77 -16.23 13.89
C ASP E 48 14.08 -16.59 15.20
N GLN E 49 14.72 -16.27 16.30
CA GLN E 49 14.19 -16.64 17.61
C GLN E 49 13.81 -15.42 18.42
N LEU E 50 13.66 -14.25 17.80
CA LEU E 50 13.37 -13.04 18.60
C LEU E 50 12.53 -12.02 17.83
N THR E 51 11.40 -11.65 18.42
CA THR E 51 10.52 -10.61 17.93
CA THR E 51 10.57 -10.56 17.91
C THR E 51 10.35 -9.54 19.01
N GLY E 52 10.42 -8.28 18.65
CA GLY E 52 10.12 -7.18 19.57
C GLY E 52 8.70 -6.73 19.34
N TYR E 53 8.05 -6.22 20.37
CA TYR E 53 6.71 -5.70 20.22
C TYR E 53 6.40 -4.56 21.18
N GLY E 54 5.39 -3.78 20.82
CA GLY E 54 4.89 -2.73 21.71
C GLY E 54 3.40 -2.55 21.47
N GLN E 55 2.68 -2.20 22.52
CA GLN E 55 1.25 -1.96 22.41
C GLN E 55 0.86 -0.81 23.32
N TRP E 56 -0.10 -0.03 22.80
CA TRP E 56 -0.65 1.11 23.54
C TRP E 56 -2.11 1.21 23.21
N GLU E 57 -2.92 1.53 24.22
CA GLU E 57 -4.36 1.67 24.01
C GLU E 57 -4.84 2.77 24.96
N TYR E 58 -5.65 3.66 24.40
CA TYR E 58 -6.05 4.91 25.06
C TYR E 58 -7.57 5.05 24.91
N GLN E 59 -8.25 5.53 25.97
CA GLN E 59 -9.66 5.84 25.88
C GLN E 59 -9.88 7.34 26.05
N ILE E 60 -10.75 7.89 25.20
CA ILE E 60 -11.14 9.28 25.28
C ILE E 60 -12.65 9.32 25.33
N GLN E 61 -13.20 9.86 26.43
CA GLN E 61 -14.63 9.97 26.53
C GLN E 61 -15.14 10.95 25.48
N GLY E 62 -16.32 10.62 24.93
CA GLY E 62 -16.98 11.41 23.89
C GLY E 62 -18.27 12.04 24.37
N ASN E 63 -18.46 12.02 25.69
CA ASN E 63 -19.72 12.47 26.31
C ASN E 63 -19.55 13.75 27.14
N SER E 64 -18.41 14.42 27.02
CA SER E 64 -18.20 15.71 27.74
C SER E 64 -18.23 16.85 26.77
N GLY E 65 -18.41 18.04 27.30
CA GLY E 65 -18.25 19.25 26.52
C GLY E 65 -16.80 19.60 26.30
N GLU E 66 -16.58 20.65 25.52
CA GLU E 66 -15.23 21.01 25.04
C GLU E 66 -14.37 21.72 26.07
N ASN E 67 -14.96 22.04 27.23
CA ASN E 67 -14.20 22.61 28.33
C ASN E 67 -13.53 21.59 29.25
N GLU E 68 -13.69 20.31 28.92
CA GLU E 68 -13.01 19.29 29.70
CA GLU E 68 -13.24 19.18 29.73
C GLU E 68 -12.67 18.12 28.80
N ASN E 69 -11.76 17.31 29.33
CA ASN E 69 -11.27 16.14 28.62
C ASN E 69 -11.04 15.04 29.66
N ASN E 70 -11.71 13.92 29.45
CA ASN E 70 -11.58 12.76 30.30
C ASN E 70 -11.00 11.63 29.46
N SER E 71 -9.73 11.35 29.69
CA SER E 71 -9.01 10.34 28.87
C SER E 71 -7.98 9.64 29.74
N TRP E 72 -7.59 8.44 29.32
CA TRP E 72 -6.63 7.67 30.08
C TRP E 72 -5.98 6.59 29.23
N THR E 73 -4.81 6.18 29.69
CA THR E 73 -4.08 5.04 29.11
C THR E 73 -4.59 3.74 29.71
N ARG E 74 -5.04 2.83 28.83
CA ARG E 74 -5.43 1.51 29.26
C ARG E 74 -4.19 0.62 29.41
N VAL E 75 -3.42 0.51 28.33
CA VAL E 75 -2.16 -0.24 28.36
C VAL E 75 -1.07 0.53 27.60
N ALA E 76 0.17 0.24 27.97
CA ALA E 76 1.35 0.82 27.35
C ALA E 76 2.54 -0.03 27.76
N PHE E 77 2.95 -0.96 26.87
CA PHE E 77 4.04 -1.85 27.22
C PHE E 77 4.89 -2.23 26.01
N ALA E 78 6.13 -2.63 26.33
CA ALA E 78 7.09 -3.11 25.34
C ALA E 78 7.54 -4.48 25.74
N GLY E 79 7.87 -5.30 24.75
CA GLY E 79 8.29 -6.66 25.05
C GLY E 79 9.12 -7.34 24.00
N LEU E 80 9.57 -8.53 24.37
CA LEU E 80 10.33 -9.42 23.51
C LEU E 80 9.71 -10.81 23.59
N LYS E 81 9.59 -11.45 22.44
CA LYS E 81 9.11 -12.84 22.35
C LYS E 81 10.27 -13.66 21.82
N PHE E 82 10.61 -14.74 22.54
CA PHE E 82 11.83 -15.51 22.23
C PHE E 82 11.37 -16.87 21.72
N GLY E 83 10.57 -16.88 20.65
CA GLY E 83 10.02 -18.09 20.10
C GLY E 83 9.39 -18.99 21.16
N ASP E 84 9.79 -20.26 21.21
CA ASP E 84 9.20 -21.19 22.19
C ASP E 84 9.59 -20.99 23.66
N ALA E 85 10.62 -20.19 23.94
CA ALA E 85 11.08 -19.92 25.30
C ALA E 85 10.24 -18.89 26.03
N GLY E 86 9.28 -18.29 25.34
CA GLY E 86 8.27 -17.44 25.95
C GLY E 86 8.41 -15.97 25.59
N SER E 87 7.66 -15.12 26.30
CA SER E 87 7.74 -13.67 26.11
C SER E 87 7.95 -12.96 27.45
N PHE E 88 8.50 -11.76 27.35
CA PHE E 88 8.63 -10.86 28.51
C PHE E 88 8.17 -9.48 28.06
N ASP E 89 7.32 -8.85 28.87
CA ASP E 89 7.00 -7.44 28.62
C ASP E 89 6.91 -6.66 29.91
N TYR E 90 7.05 -5.34 29.78
CA TYR E 90 7.00 -4.44 30.91
C TYR E 90 6.26 -3.17 30.53
N GLY E 91 5.38 -2.72 31.44
CA GLY E 91 4.70 -1.42 31.31
C GLY E 91 3.36 -1.47 32.00
N ARG E 92 2.43 -0.61 31.53
CA ARG E 92 1.06 -0.71 31.99
C ARG E 92 0.39 -1.85 31.22
N ASN E 93 -0.13 -2.82 31.94
CA ASN E 93 -0.67 -4.03 31.30
C ASN E 93 -1.73 -4.63 32.19
N TYR E 94 -2.25 -5.81 31.81
CA TYR E 94 -3.19 -6.55 32.63
C TYR E 94 -2.49 -7.46 33.61
N GLY E 95 -2.97 -7.46 34.84
CA GLY E 95 -2.54 -8.42 35.82
C GLY E 95 -2.92 -9.83 35.38
N VAL E 96 -2.12 -10.79 35.81
CA VAL E 96 -2.33 -12.18 35.32
C VAL E 96 -3.57 -12.85 35.89
N VAL E 97 -4.16 -12.27 36.94
CA VAL E 97 -5.46 -12.75 37.42
C VAL E 97 -6.48 -12.72 36.27
N TYR E 98 -6.41 -11.67 35.44
CA TYR E 98 -7.32 -11.47 34.34
C TYR E 98 -7.13 -12.52 33.24
N ASP E 99 -6.00 -13.23 33.23
CA ASP E 99 -5.84 -14.41 32.37
C ASP E 99 -7.00 -15.38 32.53
N VAL E 100 -7.56 -15.46 33.73
CA VAL E 100 -8.69 -16.33 34.01
C VAL E 100 -10.00 -15.56 34.17
N THR E 101 -10.01 -14.44 34.89
CA THR E 101 -11.26 -13.76 35.08
C THR E 101 -11.79 -13.15 33.79
N SER E 102 -10.92 -12.93 32.79
CA SER E 102 -11.37 -12.40 31.50
C SER E 102 -12.37 -13.35 30.81
N TRP E 103 -12.38 -14.62 31.18
CA TRP E 103 -13.30 -15.58 30.56
C TRP E 103 -14.79 -15.22 30.73
N THR E 104 -15.13 -14.48 31.78
CA THR E 104 -16.49 -14.04 31.96
C THR E 104 -16.71 -12.57 31.58
N ASP E 105 -15.64 -11.87 31.19
CA ASP E 105 -15.74 -10.43 30.87
C ASP E 105 -16.09 -10.29 29.38
N VAL E 106 -17.28 -10.76 29.02
CA VAL E 106 -17.69 -10.88 27.63
C VAL E 106 -19.10 -10.35 27.36
N LEU E 107 -19.65 -9.56 28.30
CA LEU E 107 -21.01 -9.09 28.15
C LEU E 107 -21.08 -7.95 27.13
N PRO E 108 -22.28 -7.67 26.61
CA PRO E 108 -22.38 -6.64 25.57
C PRO E 108 -21.88 -5.27 26.03
N GLU E 109 -22.19 -4.89 27.28
CA GLU E 109 -21.74 -3.62 27.88
C GLU E 109 -21.25 -3.72 29.31
N PHE E 110 -21.98 -4.44 30.15
CA PHE E 110 -21.67 -4.52 31.57
C PHE E 110 -20.69 -5.66 31.83
N GLY E 111 -20.67 -6.22 33.03
CA GLY E 111 -19.77 -7.29 33.37
C GLY E 111 -18.37 -6.85 33.75
N GLY E 112 -17.56 -7.83 34.13
CA GLY E 112 -16.15 -7.60 34.40
C GLY E 112 -15.88 -6.72 35.60
N ASP E 113 -16.85 -6.62 36.53
CA ASP E 113 -16.82 -5.55 37.55
C ASP E 113 -16.91 -6.10 39.00
N THR E 114 -16.50 -7.35 39.22
CA THR E 114 -16.18 -7.78 40.61
C THR E 114 -14.80 -7.27 41.06
N TYR E 115 -14.09 -6.60 40.16
CA TYR E 115 -12.77 -6.01 40.38
C TYR E 115 -12.72 -4.79 39.47
N GLY E 116 -11.67 -4.01 39.58
CA GLY E 116 -11.52 -2.84 38.71
C GLY E 116 -10.10 -2.66 38.24
N SER E 117 -9.86 -1.49 37.65
CA SER E 117 -8.52 -1.12 37.21
CA SER E 117 -8.51 -1.13 37.22
C SER E 117 -7.70 -0.57 38.39
N ASP E 118 -6.39 -0.66 38.27
CA ASP E 118 -5.45 -0.24 39.34
C ASP E 118 -5.85 -0.85 40.66
N ASN E 119 -6.17 -2.13 40.66
CA ASN E 119 -6.77 -2.86 41.76
C ASN E 119 -5.87 -4.05 42.07
N PHE E 120 -4.71 -3.75 42.61
CA PHE E 120 -3.62 -4.74 42.78
C PHE E 120 -3.40 -5.46 41.44
N MET E 121 -3.24 -6.76 41.44
CA MET E 121 -2.89 -7.47 40.21
C MET E 121 -4.10 -8.04 39.48
N GLN E 122 -5.29 -7.49 39.69
CA GLN E 122 -6.52 -8.07 39.17
C GLN E 122 -6.85 -7.71 37.73
N GLN E 123 -6.45 -6.52 37.28
CA GLN E 123 -6.80 -6.09 35.93
C GLN E 123 -5.70 -5.11 35.46
N ARG E 124 -6.04 -4.01 34.80
CA ARG E 124 -4.99 -3.14 34.31
C ARG E 124 -4.30 -2.44 35.49
N GLY E 125 -3.02 -2.20 35.34
CA GLY E 125 -2.22 -1.58 36.38
C GLY E 125 -0.84 -1.19 35.90
N ASN E 126 -0.15 -0.36 36.67
CA ASN E 126 1.15 0.13 36.27
C ASN E 126 2.28 -0.80 36.72
N GLY E 127 3.33 -0.87 35.90
CA GLY E 127 4.60 -1.42 36.35
C GLY E 127 4.64 -2.94 36.45
N PHE E 128 3.88 -3.62 35.57
CA PHE E 128 3.91 -5.10 35.50
C PHE E 128 5.08 -5.56 34.63
N ALA E 129 5.88 -6.46 35.20
CA ALA E 129 6.88 -7.23 34.48
C ALA E 129 6.30 -8.63 34.32
N THR E 130 6.04 -9.03 33.09
CA THR E 130 5.26 -10.27 32.85
C THR E 130 5.98 -11.24 31.93
N TYR E 131 6.22 -12.45 32.47
CA TYR E 131 6.75 -13.57 31.67
C TYR E 131 5.60 -14.50 31.30
N ARG E 132 5.53 -14.89 30.02
CA ARG E 132 4.50 -15.81 29.54
C ARG E 132 5.09 -16.93 28.70
N ASN E 133 4.45 -18.07 28.80
CA ASN E 133 4.84 -19.22 27.98
C ASN E 133 3.59 -20.01 27.56
N SER E 134 3.48 -20.17 26.22
CA SER E 134 2.31 -20.77 25.55
C SER E 134 2.75 -22.14 25.02
N ASP E 135 1.93 -23.17 25.24
CA ASP E 135 2.17 -24.55 24.78
C ASP E 135 3.37 -25.18 25.48
N PHE E 136 3.62 -24.71 26.70
CA PHE E 136 4.70 -25.14 27.58
C PHE E 136 6.02 -25.48 26.88
N PHE E 137 6.71 -24.44 26.40
CA PHE E 137 7.98 -24.55 25.68
C PHE E 137 7.89 -25.34 24.36
N GLY E 138 6.69 -25.36 23.79
CA GLY E 138 6.39 -26.21 22.64
C GLY E 138 6.29 -27.70 22.91
N LEU E 139 6.28 -28.09 24.18
CA LEU E 139 6.20 -29.49 24.62
C LEU E 139 4.78 -29.95 24.92
N VAL E 140 3.85 -29.04 25.25
CA VAL E 140 2.51 -29.49 25.66
C VAL E 140 1.47 -28.56 25.10
N ASP E 141 0.84 -28.98 24.01
CA ASP E 141 -0.11 -28.11 23.33
C ASP E 141 -1.31 -27.79 24.26
N GLY E 142 -1.62 -26.50 24.34
CA GLY E 142 -2.74 -26.05 25.14
C GLY E 142 -2.47 -25.73 26.61
N LEU E 143 -1.23 -25.85 27.07
CA LEU E 143 -0.91 -25.54 28.48
C LEU E 143 -0.09 -24.26 28.47
N ASN E 144 -0.68 -23.20 29.03
CA ASN E 144 -0.06 -21.87 29.09
C ASN E 144 0.16 -21.47 30.54
N PHE E 145 1.22 -20.72 30.81
CA PHE E 145 1.38 -20.12 32.12
C PHE E 145 2.02 -18.75 32.04
N ALA E 146 1.90 -18.04 33.16
CA ALA E 146 2.48 -16.73 33.30
C ALA E 146 2.94 -16.52 34.73
N VAL E 147 4.03 -15.75 34.86
CA VAL E 147 4.54 -15.30 36.15
C VAL E 147 4.75 -13.79 36.01
N GLN E 148 4.33 -13.05 37.04
CA GLN E 148 4.28 -11.59 36.95
C GLN E 148 4.70 -10.95 38.25
N TYR E 149 5.39 -9.83 38.10
CA TYR E 149 5.79 -8.99 39.22
C TYR E 149 5.24 -7.58 38.99
N GLN E 150 4.80 -6.92 40.06
CA GLN E 150 4.39 -5.53 39.99
C GLN E 150 5.14 -4.74 41.04
N GLY E 151 5.87 -3.71 40.61
CA GLY E 151 6.51 -2.82 41.56
C GLY E 151 5.53 -1.90 42.27
N LYS E 152 5.90 -1.49 43.48
CA LYS E 152 5.16 -0.48 44.24
C LYS E 152 4.76 0.72 43.38
N ASN E 153 3.48 1.06 43.45
CA ASN E 153 2.95 2.35 42.97
C ASN E 153 2.29 2.97 44.19
N GLY E 154 3.00 3.94 44.77
CA GLY E 154 2.69 4.46 46.08
C GLY E 154 1.98 5.79 46.07
N SER E 155 2.25 6.58 47.10
CA SER E 155 1.60 7.87 47.31
C SER E 155 2.33 9.01 46.62
N ALA E 156 1.65 10.16 46.52
CA ALA E 156 2.26 11.36 45.93
C ALA E 156 3.35 11.96 46.79
N SER E 157 3.26 11.77 48.11
CA SER E 157 4.27 12.29 49.03
C SER E 157 4.27 11.47 50.30
N GLY E 158 5.24 11.75 51.17
CA GLY E 158 5.32 11.08 52.46
C GLY E 158 5.89 9.67 52.38
N GLU E 159 5.47 8.86 53.35
CA GLU E 159 6.12 7.58 53.65
C GLU E 159 6.06 6.59 52.47
N ASP E 160 4.93 6.57 51.76
CA ASP E 160 4.75 5.61 50.65
C ASP E 160 5.14 6.15 49.28
N GLN E 161 5.85 7.28 49.22
CA GLN E 161 6.02 7.97 47.96
C GLN E 161 6.75 7.14 46.88
N THR E 162 6.19 7.19 45.68
CA THR E 162 6.92 6.83 44.45
C THR E 162 6.73 7.98 43.45
N ASN E 163 7.48 7.93 42.34
CA ASN E 163 7.43 9.06 41.39
C ASN E 163 6.03 9.27 40.83
N ASN E 164 5.27 8.17 40.73
CA ASN E 164 3.98 8.12 40.08
C ASN E 164 2.85 7.90 41.07
N GLY E 165 2.91 8.65 42.15
CA GLY E 165 2.00 8.48 43.26
C GLY E 165 0.54 8.72 42.92
N ARG E 166 -0.33 8.06 43.67
CA ARG E 166 -1.77 8.15 43.46
C ARG E 166 -2.53 7.86 44.73
N THR E 167 -3.84 8.10 44.65
CA THR E 167 -4.74 7.88 45.76
C THR E 167 -4.75 6.41 46.23
N GLU E 168 -5.08 6.22 47.50
CA GLU E 168 -4.92 4.93 48.17
C GLU E 168 -5.63 3.78 47.47
N LEU E 169 -6.82 4.03 46.94
CA LEU E 169 -7.59 2.96 46.29
C LEU E 169 -6.94 2.43 45.01
N ARG E 170 -5.98 3.17 44.48
CA ARG E 170 -5.23 2.77 43.27
C ARG E 170 -3.74 2.52 43.50
N GLN E 171 -3.33 2.45 44.77
CA GLN E 171 -1.95 2.11 45.14
C GLN E 171 -1.73 0.59 45.19
N ASN E 172 -0.45 0.22 45.23
CA ASN E 172 -0.08 -1.16 45.54
C ASN E 172 1.37 -1.15 46.04
N GLY E 173 1.72 -2.16 46.85
CA GLY E 173 3.12 -2.46 47.11
C GLY E 173 3.63 -3.47 46.12
N ASP E 174 4.86 -3.94 46.35
CA ASP E 174 5.45 -4.95 45.48
C ASP E 174 4.58 -6.21 45.50
N GLY E 175 4.35 -6.79 44.31
CA GLY E 175 3.43 -7.92 44.15
C GLY E 175 3.96 -8.97 43.22
N VAL E 176 3.48 -10.20 43.43
CA VAL E 176 3.83 -11.34 42.60
C VAL E 176 2.58 -12.14 42.33
N GLY E 177 2.47 -12.66 41.12
CA GLY E 177 1.32 -13.47 40.75
C GLY E 177 1.65 -14.46 39.64
N GLY E 178 0.74 -15.38 39.43
CA GLY E 178 0.89 -16.40 38.38
C GLY E 178 -0.44 -16.92 37.92
N SER E 179 -0.44 -17.44 36.69
CA SER E 179 -1.63 -18.07 36.12
C SER E 179 -1.24 -19.31 35.33
N ILE E 180 -2.17 -20.25 35.26
CA ILE E 180 -2.05 -21.44 34.42
C ILE E 180 -3.39 -21.65 33.73
N THR E 181 -3.39 -21.92 32.42
CA THR E 181 -4.62 -22.29 31.72
C THR E 181 -4.34 -23.53 30.89
N TYR E 182 -5.36 -24.34 30.71
CA TYR E 182 -5.20 -25.61 29.99
C TYR E 182 -6.41 -25.94 29.18
N ASN E 183 -6.15 -26.29 27.91
CA ASN E 183 -7.18 -26.72 26.99
C ASN E 183 -7.42 -28.22 27.24
N LEU E 184 -8.60 -28.51 27.79
CA LEU E 184 -8.99 -29.87 28.10
C LEU E 184 -9.44 -30.56 26.82
N GLY E 185 -9.84 -29.77 25.82
CA GLY E 185 -10.25 -30.28 24.52
C GLY E 185 -11.76 -30.27 24.35
N GLU E 186 -12.19 -30.46 23.10
CA GLU E 186 -13.59 -30.46 22.71
C GLU E 186 -14.34 -29.22 23.17
N GLY E 187 -13.63 -28.09 23.18
CA GLY E 187 -14.19 -26.80 23.57
C GLY E 187 -13.98 -26.39 25.02
N PHE E 188 -13.49 -27.29 25.88
CA PHE E 188 -13.39 -27.00 27.33
C PHE E 188 -12.02 -26.46 27.72
N GLY E 189 -12.02 -25.42 28.58
CA GLY E 189 -10.78 -24.89 29.14
C GLY E 189 -10.93 -24.73 30.65
N ILE E 190 -9.81 -24.87 31.35
CA ILE E 190 -9.75 -24.70 32.80
C ILE E 190 -8.55 -23.80 33.13
N GLY E 191 -8.70 -23.00 34.17
CA GLY E 191 -7.66 -22.05 34.53
C GLY E 191 -7.63 -21.74 36.01
N THR E 192 -6.46 -21.32 36.47
CA THR E 192 -6.29 -20.83 37.83
C THR E 192 -5.29 -19.69 37.85
N ALA E 193 -5.45 -18.80 38.84
CA ALA E 193 -4.50 -17.72 39.03
C ALA E 193 -4.44 -17.33 40.50
N VAL E 194 -3.26 -16.90 40.92
CA VAL E 194 -3.02 -16.47 42.30
C VAL E 194 -2.20 -15.18 42.25
N SER E 195 -2.51 -14.24 43.14
CA SER E 195 -1.68 -13.05 43.32
C SER E 195 -1.55 -12.68 44.77
N SER E 196 -0.44 -12.00 45.06
CA SER E 196 -0.17 -11.53 46.42
C SER E 196 0.64 -10.25 46.34
N SER E 197 0.01 -9.16 46.80
CA SER E 197 0.61 -7.83 46.79
C SER E 197 0.78 -7.28 48.20
N LYS E 198 1.96 -6.73 48.46
CA LYS E 198 2.10 -5.86 49.64
C LYS E 198 1.13 -4.69 49.52
N ARG E 199 0.54 -4.33 50.66
CA ARG E 199 -0.28 -3.12 50.77
C ARG E 199 0.60 -2.01 51.37
N THR E 200 0.24 -0.76 51.07
CA THR E 200 1.01 0.36 51.59
C THR E 200 0.46 0.90 52.91
N SER E 201 1.29 1.67 53.61
CA SER E 201 0.91 2.19 54.90
C SER E 201 -0.30 3.12 54.80
N SER E 202 -0.36 3.96 53.77
CA SER E 202 -1.51 4.82 53.58
C SER E 202 -2.77 4.00 53.28
N GLN E 203 -2.65 2.90 52.53
CA GLN E 203 -3.81 2.01 52.34
C GLN E 203 -4.35 1.50 53.68
N ASN E 204 -3.41 1.16 54.57
CA ASN E 204 -3.75 0.60 55.88
C ASN E 204 -4.18 1.63 56.92
N ASP E 205 -4.18 2.90 56.53
CA ASP E 205 -4.79 3.95 57.37
C ASP E 205 -6.27 4.16 57.07
N LEU E 206 -6.79 3.61 55.97
CA LEU E 206 -8.23 3.62 55.70
CA LEU E 206 -8.23 3.64 55.72
C LEU E 206 -8.95 2.69 56.69
N THR E 207 -10.24 2.92 56.90
CA THR E 207 -10.99 2.14 57.87
C THR E 207 -11.19 0.67 57.48
N TYR E 208 -11.38 0.44 56.19
CA TYR E 208 -11.85 -0.86 55.74
C TYR E 208 -10.75 -1.69 55.08
N GLY E 209 -10.55 -2.90 55.58
CA GLY E 209 -9.73 -3.88 54.86
C GLY E 209 -8.24 -3.79 55.08
N ASN E 210 -7.82 -3.42 56.30
CA ASN E 210 -6.40 -3.35 56.62
C ASN E 210 -5.75 -4.74 56.55
N GLY E 211 -4.48 -4.77 56.19
CA GLY E 211 -3.71 -6.00 56.21
C GLY E 211 -2.37 -5.86 55.53
N ASP E 212 -1.47 -6.80 55.79
CA ASP E 212 -0.13 -6.75 55.22
C ASP E 212 -0.17 -6.90 53.70
N ARG E 213 -0.99 -7.84 53.23
CA ARG E 213 -1.06 -8.18 51.81
C ARG E 213 -2.50 -8.25 51.30
N ALA E 214 -2.64 -7.90 50.02
CA ALA E 214 -3.80 -8.13 49.24
C ALA E 214 -3.56 -9.42 48.45
N GLU E 215 -4.47 -10.39 48.58
CA GLU E 215 -4.27 -11.71 47.96
C GLU E 215 -5.52 -12.14 47.23
N THR E 216 -5.33 -12.83 46.10
CA THR E 216 -6.45 -13.35 45.30
C THR E 216 -6.16 -14.79 44.84
N TYR E 217 -7.24 -15.56 44.79
CA TYR E 217 -7.18 -16.98 44.36
C TYR E 217 -8.37 -17.21 43.43
N THR E 218 -8.08 -17.65 42.19
CA THR E 218 -9.09 -17.72 41.14
C THR E 218 -9.10 -19.09 40.49
N GLY E 219 -10.31 -19.60 40.23
CA GLY E 219 -10.49 -20.74 39.30
C GLY E 219 -11.49 -20.34 38.23
N GLY E 220 -11.32 -20.88 37.02
CA GLY E 220 -12.22 -20.63 35.91
C GLY E 220 -12.42 -21.87 35.04
N LEU E 221 -13.59 -21.90 34.40
CA LEU E 221 -13.95 -22.96 33.44
C LEU E 221 -14.71 -22.35 32.28
N LYS E 222 -14.48 -22.84 31.06
CA LYS E 222 -15.26 -22.39 29.96
C LYS E 222 -15.47 -23.46 28.92
N TYR E 223 -16.52 -23.25 28.17
CA TYR E 223 -16.85 -24.10 27.01
C TYR E 223 -17.04 -23.11 25.84
N ASP E 224 -16.30 -23.35 24.76
CA ASP E 224 -16.23 -22.43 23.64
C ASP E 224 -16.16 -23.28 22.35
N ALA E 225 -17.34 -23.66 21.84
CA ALA E 225 -17.48 -24.53 20.66
C ALA E 225 -18.92 -24.57 20.21
N ASN E 226 -19.15 -24.95 18.95
CA ASN E 226 -20.53 -25.14 18.44
C ASN E 226 -21.44 -23.91 18.58
N ASN E 227 -20.85 -22.72 18.41
CA ASN E 227 -21.55 -21.43 18.53
C ASN E 227 -22.08 -21.09 19.93
N ILE E 228 -21.59 -21.82 20.91
CA ILE E 228 -22.02 -21.67 22.31
C ILE E 228 -20.81 -21.21 23.10
N TYR E 229 -21.02 -20.26 24.00
CA TYR E 229 -19.99 -19.86 24.94
C TYR E 229 -20.55 -19.89 26.35
N LEU E 230 -19.92 -20.68 27.21
CA LEU E 230 -20.28 -20.75 28.64
C LEU E 230 -19.02 -20.57 29.43
N ALA E 231 -19.07 -19.76 30.49
CA ALA E 231 -17.92 -19.59 31.34
C ALA E 231 -18.29 -19.21 32.76
N ALA E 232 -17.44 -19.60 33.69
CA ALA E 232 -17.60 -19.22 35.10
C ALA E 232 -16.24 -18.95 35.70
N GLN E 233 -16.20 -17.98 36.62
CA GLN E 233 -14.99 -17.74 37.39
C GLN E 233 -15.40 -17.53 38.83
N TYR E 234 -14.60 -18.08 39.71
CA TYR E 234 -14.73 -17.85 41.15
C TYR E 234 -13.40 -17.32 41.65
N THR E 235 -13.46 -16.20 42.40
CA THR E 235 -12.27 -15.61 43.00
C THR E 235 -12.54 -15.32 44.47
N GLN E 236 -11.60 -15.76 45.31
CA GLN E 236 -11.60 -15.45 46.75
C GLN E 236 -10.48 -14.46 46.98
N THR E 237 -10.81 -13.36 47.68
CA THR E 237 -9.84 -12.31 47.92
C THR E 237 -9.72 -11.95 49.41
N TYR E 238 -8.57 -11.38 49.72
CA TYR E 238 -8.27 -10.88 51.07
C TYR E 238 -7.64 -9.51 50.92
N ASN E 239 -8.27 -8.50 51.55
CA ASN E 239 -7.80 -7.13 51.52
C ASN E 239 -7.56 -6.59 50.12
N ALA E 240 -8.34 -7.06 49.15
CA ALA E 240 -8.10 -6.74 47.72
C ALA E 240 -9.31 -6.27 46.90
N THR E 241 -10.52 -6.59 47.35
CA THR E 241 -11.75 -6.19 46.68
C THR E 241 -12.23 -4.86 47.28
N ARG E 242 -12.39 -3.85 46.44
CA ARG E 242 -12.80 -2.52 46.91
C ARG E 242 -14.23 -2.58 47.47
N VAL E 243 -14.43 -1.81 48.54
CA VAL E 243 -15.77 -1.60 49.09
C VAL E 243 -16.13 -0.19 48.68
N GLY E 244 -16.77 -0.10 47.53
CA GLY E 244 -17.05 1.19 46.92
C GLY E 244 -15.79 2.01 46.89
N ASN E 245 -15.88 3.22 47.47
CA ASN E 245 -14.72 4.09 47.59
C ASN E 245 -14.24 4.26 49.04
N LEU E 246 -14.54 3.28 49.90
CA LEU E 246 -14.21 3.32 51.31
C LEU E 246 -12.95 2.57 51.76
N GLY E 247 -12.45 1.68 50.91
CA GLY E 247 -11.36 0.82 51.29
C GLY E 247 -11.60 -0.54 50.67
N TRP E 248 -11.30 -1.60 51.41
CA TRP E 248 -11.38 -2.96 50.88
C TRP E 248 -12.09 -3.90 51.86
N ALA E 249 -12.56 -5.04 51.34
CA ALA E 249 -13.16 -6.07 52.15
C ALA E 249 -12.07 -6.95 52.76
N ASN E 250 -12.15 -7.19 54.05
CA ASN E 250 -11.19 -8.13 54.66
C ASN E 250 -11.16 -9.47 53.93
N LYS E 251 -12.34 -9.95 53.58
CA LYS E 251 -12.41 -11.13 52.68
C LYS E 251 -13.56 -10.87 51.72
N ALA E 252 -13.43 -11.32 50.48
CA ALA E 252 -14.56 -11.32 49.59
C ALA E 252 -14.58 -12.59 48.75
N GLN E 253 -15.77 -12.90 48.25
CA GLN E 253 -15.98 -14.05 47.36
C GLN E 253 -16.75 -13.56 46.16
N ASN E 254 -16.14 -13.70 44.98
CA ASN E 254 -16.68 -13.19 43.74
C ASN E 254 -17.00 -14.34 42.79
N PHE E 255 -18.16 -14.26 42.19
CA PHE E 255 -18.61 -15.29 41.25
C PHE E 255 -19.24 -14.62 40.04
N GLU E 256 -18.85 -15.08 38.84
CA GLU E 256 -19.41 -14.63 37.59
C GLU E 256 -19.69 -15.84 36.72
N VAL E 257 -20.83 -15.82 36.04
CA VAL E 257 -21.15 -16.90 35.11
C VAL E 257 -21.89 -16.30 33.93
N VAL E 258 -21.62 -16.82 32.73
CA VAL E 258 -22.22 -16.27 31.52
C VAL E 258 -22.53 -17.38 30.50
N ALA E 259 -23.60 -17.19 29.75
CA ALA E 259 -23.93 -18.08 28.64
C ALA E 259 -24.33 -17.25 27.43
N GLN E 260 -23.79 -17.61 26.26
CA GLN E 260 -24.05 -16.90 25.03
C GLN E 260 -24.20 -17.86 23.89
N TYR E 261 -24.95 -17.44 22.89
CA TYR E 261 -25.09 -18.22 21.65
C TYR E 261 -24.93 -17.29 20.48
N GLN E 262 -24.24 -17.76 19.43
CA GLN E 262 -24.01 -16.96 18.21
C GLN E 262 -24.82 -17.53 17.08
N PHE E 263 -25.88 -16.83 16.71
CA PHE E 263 -26.66 -17.21 15.53
C PHE E 263 -25.83 -16.83 14.29
N ASP E 264 -26.00 -17.62 13.23
CA ASP E 264 -25.28 -17.38 11.96
C ASP E 264 -25.54 -16.01 11.34
N PHE E 265 -26.75 -15.50 11.52
CA PHE E 265 -27.14 -14.22 10.91
C PHE E 265 -26.59 -13.00 11.65
N GLY E 266 -25.94 -13.21 12.80
CA GLY E 266 -25.16 -12.17 13.47
C GLY E 266 -25.54 -11.81 14.89
N LEU E 267 -26.68 -12.30 15.37
CA LEU E 267 -27.15 -12.01 16.73
C LEU E 267 -26.50 -12.92 17.76
N ARG E 268 -26.04 -12.31 18.86
CA ARG E 268 -25.42 -13.02 19.96
C ARG E 268 -26.09 -12.65 21.28
N PRO E 269 -27.17 -13.38 21.64
CA PRO E 269 -27.77 -13.13 22.97
C PRO E 269 -26.84 -13.57 24.08
N SER E 270 -27.01 -12.96 25.25
CA SER E 270 -26.15 -13.18 26.39
C SER E 270 -26.95 -13.11 27.68
N VAL E 271 -26.72 -14.07 28.57
CA VAL E 271 -27.30 -14.05 29.92
CA VAL E 271 -27.29 -14.03 29.91
C VAL E 271 -26.19 -14.32 30.92
N ALA E 272 -26.16 -13.57 32.03
CA ALA E 272 -25.10 -13.70 33.00
C ALA E 272 -25.57 -13.38 34.42
N TYR E 273 -24.78 -13.81 35.38
CA TYR E 273 -25.00 -13.48 36.79
C TYR E 273 -23.65 -13.16 37.42
N LEU E 274 -23.61 -12.06 38.19
CA LEU E 274 -22.41 -11.67 38.92
C LEU E 274 -22.74 -11.33 40.37
N GLN E 275 -21.87 -11.75 41.26
CA GLN E 275 -21.97 -11.25 42.65
C GLN E 275 -20.62 -11.15 43.28
N SER E 276 -20.55 -10.23 44.25
CA SER E 276 -19.37 -10.08 45.08
C SER E 276 -19.89 -9.96 46.50
N LYS E 277 -19.42 -10.84 47.35
CA LYS E 277 -19.86 -10.94 48.74
C LYS E 277 -18.70 -10.58 49.65
N GLY E 278 -18.83 -9.45 50.35
CA GLY E 278 -17.80 -9.04 51.30
C GLY E 278 -18.08 -9.55 52.71
N LYS E 279 -17.01 -9.87 53.43
CA LYS E 279 -17.08 -10.47 54.76
C LYS E 279 -16.26 -9.65 55.75
N ASP E 280 -16.79 -9.57 56.97
CA ASP E 280 -16.10 -8.98 58.11
C ASP E 280 -15.78 -7.51 57.91
N LEU E 281 -16.70 -6.79 57.27
CA LEU E 281 -16.52 -5.36 57.09
C LEU E 281 -16.62 -4.63 58.46
N GLU E 282 -15.83 -3.57 58.57
CA GLU E 282 -15.72 -2.76 59.77
C GLU E 282 -16.97 -1.90 59.93
N ASN E 283 -16.98 -1.16 61.03
CA ASN E 283 -18.08 -0.26 61.39
C ASN E 283 -19.42 -0.99 61.52
N GLY E 284 -19.35 -2.24 61.99
CA GLY E 284 -20.56 -3.03 62.20
C GLY E 284 -21.24 -3.56 60.95
N TYR E 285 -20.65 -3.35 59.77
CA TYR E 285 -21.30 -3.80 58.54
C TYR E 285 -21.26 -5.30 58.33
N GLY E 286 -20.22 -5.98 58.83
CA GLY E 286 -20.17 -7.44 58.76
C GLY E 286 -20.18 -7.94 57.32
N ASP E 287 -21.04 -8.92 57.06
CA ASP E 287 -21.20 -9.44 55.70
C ASP E 287 -22.11 -8.50 54.90
N GLN E 288 -21.68 -8.12 53.69
CA GLN E 288 -22.47 -7.27 52.80
C GLN E 288 -22.29 -7.69 51.36
N ASP E 289 -23.37 -7.63 50.59
CA ASP E 289 -23.26 -7.77 49.16
C ASP E 289 -22.64 -6.48 48.59
N LEU E 290 -21.58 -6.65 47.80
CA LEU E 290 -20.91 -5.52 47.13
C LEU E 290 -21.37 -5.34 45.69
N LEU E 291 -21.83 -6.43 45.08
CA LEU E 291 -22.28 -6.45 43.69
C LEU E 291 -23.24 -7.60 43.59
N LYS E 292 -24.34 -7.42 42.87
CA LYS E 292 -25.30 -8.52 42.67
C LYS E 292 -26.25 -8.19 41.55
N TYR E 293 -26.06 -8.81 40.38
CA TYR E 293 -26.96 -8.56 39.29
C TYR E 293 -27.06 -9.69 38.27
N VAL E 294 -28.20 -9.73 37.61
CA VAL E 294 -28.42 -10.55 36.44
C VAL E 294 -28.25 -9.60 35.25
N ASP E 295 -27.60 -10.10 34.21
CA ASP E 295 -27.45 -9.33 32.98
C ASP E 295 -28.05 -10.08 31.80
N VAL E 296 -28.92 -9.42 31.05
CA VAL E 296 -29.47 -9.97 29.83
CA VAL E 296 -29.54 -9.94 29.84
C VAL E 296 -29.29 -8.94 28.71
N GLY E 297 -28.79 -9.40 27.57
CA GLY E 297 -28.58 -8.49 26.46
C GLY E 297 -28.29 -9.26 25.19
N ALA E 298 -27.97 -8.51 24.15
CA ALA E 298 -27.60 -9.11 22.87
C ALA E 298 -26.81 -8.10 22.05
N THR E 299 -25.87 -8.64 21.26
CA THR E 299 -25.13 -7.87 20.29
C THR E 299 -25.50 -8.41 18.91
N TYR E 300 -25.75 -7.50 17.98
CA TYR E 300 -25.91 -7.86 16.57
C TYR E 300 -24.65 -7.37 15.85
N TYR E 301 -23.92 -8.31 15.23
CA TYR E 301 -22.71 -8.00 14.51
C TYR E 301 -23.09 -7.85 13.05
N PHE E 302 -23.00 -6.63 12.53
CA PHE E 302 -23.22 -6.41 11.08
C PHE E 302 -22.08 -7.06 10.30
N ASN E 303 -20.87 -6.87 10.81
CA ASN E 303 -19.67 -7.54 10.29
C ASN E 303 -18.58 -7.30 11.36
N LYS E 304 -17.31 -7.50 11.04
CA LYS E 304 -16.22 -7.36 12.00
C LYS E 304 -15.89 -5.91 12.38
N ASN E 305 -16.48 -4.95 11.65
CA ASN E 305 -16.22 -3.53 11.87
C ASN E 305 -17.43 -2.76 12.43
N MET E 306 -18.60 -3.38 12.50
CA MET E 306 -19.81 -2.67 12.92
C MET E 306 -20.72 -3.57 13.72
N SER E 307 -21.22 -3.04 14.83
CA SER E 307 -22.14 -3.79 15.66
C SER E 307 -23.07 -2.85 16.41
N THR E 308 -24.13 -3.43 16.96
CA THR E 308 -25.04 -2.71 17.83
C THR E 308 -25.50 -3.63 18.95
N TYR E 309 -25.83 -3.04 20.10
CA TYR E 309 -26.23 -3.89 21.20
C TYR E 309 -27.20 -3.24 22.18
N VAL E 310 -27.87 -4.10 22.94
CA VAL E 310 -28.66 -3.73 24.11
C VAL E 310 -28.14 -4.56 25.26
N ASP E 311 -28.02 -3.94 26.44
CA ASP E 311 -27.66 -4.70 27.62
C ASP E 311 -28.49 -4.18 28.77
N TYR E 312 -28.92 -5.11 29.60
CA TYR E 312 -29.84 -4.81 30.69
C TYR E 312 -29.26 -5.38 31.99
N LYS E 313 -28.80 -4.49 32.85
CA LYS E 313 -28.32 -4.82 34.18
C LYS E 313 -29.51 -4.78 35.12
N ILE E 314 -29.91 -5.96 35.59
CA ILE E 314 -31.01 -6.13 36.53
C ILE E 314 -30.37 -6.25 37.90
N ASN E 315 -30.38 -5.13 38.61
CA ASN E 315 -29.60 -4.97 39.82
C ASN E 315 -30.41 -5.51 40.98
N LEU E 316 -29.81 -6.48 41.67
CA LEU E 316 -30.45 -7.18 42.78
C LEU E 316 -30.02 -6.67 44.16
N LEU E 317 -29.12 -5.68 44.21
CA LEU E 317 -28.74 -5.07 45.48
C LEU E 317 -29.87 -4.26 46.04
N ASP E 318 -29.98 -4.25 47.37
CA ASP E 318 -30.95 -3.42 48.04
C ASP E 318 -30.35 -2.05 48.33
N ASP E 319 -31.16 -1.02 48.10
CA ASP E 319 -30.83 0.35 48.51
C ASP E 319 -30.91 0.40 50.03
N LYS E 320 -29.76 0.60 50.68
CA LYS E 320 -29.68 0.71 52.11
C LYS E 320 -28.53 1.60 52.53
N GLU E 321 -28.44 1.86 53.83
CA GLU E 321 -27.43 2.79 54.29
C GLU E 321 -26.01 2.38 53.84
N PHE E 322 -25.69 1.09 53.93
CA PHE E 322 -24.37 0.62 53.51
C PHE E 322 -24.05 0.98 52.04
N THR E 323 -24.97 0.68 51.12
CA THR E 323 -24.69 0.92 49.69
C THR E 323 -24.61 2.42 49.40
N ARG E 324 -25.41 3.23 50.10
CA ARG E 324 -25.34 4.67 49.91
C ARG E 324 -24.03 5.21 50.46
N ASN E 325 -23.63 4.74 51.64
CA ASN E 325 -22.36 5.18 52.23
C ASN E 325 -21.18 4.81 51.33
N ALA E 326 -21.17 3.59 50.81
CA ALA E 326 -20.07 3.14 49.98
C ALA E 326 -20.09 3.68 48.55
N GLY E 327 -21.21 4.23 48.11
CA GLY E 327 -21.34 4.74 46.75
C GLY E 327 -21.61 3.65 45.72
N ILE E 328 -22.21 2.55 46.18
CA ILE E 328 -22.46 1.41 45.29
C ILE E 328 -23.87 1.56 44.69
N SER E 329 -23.93 1.54 43.36
CA SER E 329 -25.19 1.71 42.65
C SER E 329 -26.10 0.46 42.80
N THR E 330 -27.36 0.70 43.14
CA THR E 330 -28.35 -0.35 43.33
C THR E 330 -29.46 -0.33 42.27
N ASP E 331 -29.35 0.56 41.28
CA ASP E 331 -30.38 0.71 40.23
C ASP E 331 -30.09 -0.13 38.99
N ASP E 332 -31.15 -0.51 38.30
CA ASP E 332 -31.02 -1.13 36.97
C ASP E 332 -30.41 -0.15 35.97
N ILE E 333 -29.77 -0.69 34.91
CA ILE E 333 -29.35 0.14 33.78
C ILE E 333 -29.69 -0.61 32.48
N VAL E 334 -30.23 0.13 31.52
CA VAL E 334 -30.30 -0.32 30.14
C VAL E 334 -29.29 0.47 29.30
N ALA E 335 -28.45 -0.23 28.54
CA ALA E 335 -27.48 0.40 27.63
C ALA E 335 -27.88 0.08 26.18
N LEU E 336 -27.81 1.08 25.33
CA LEU E 336 -27.94 0.90 23.88
C LEU E 336 -26.67 1.44 23.26
N GLY E 337 -26.00 0.62 22.44
CA GLY E 337 -24.79 1.08 21.78
C GLY E 337 -24.77 0.78 20.29
N LEU E 338 -24.06 1.62 19.55
CA LEU E 338 -23.75 1.42 18.14
C LEU E 338 -22.26 1.65 17.97
N VAL E 339 -21.54 0.64 17.44
CA VAL E 339 -20.09 0.63 17.49
C VAL E 339 -19.49 0.46 16.11
N TYR E 340 -18.69 1.43 15.70
CA TYR E 340 -17.78 1.29 14.56
C TYR E 340 -16.40 0.97 15.09
N GLN E 341 -15.70 -0.01 14.50
CA GLN E 341 -14.34 -0.29 14.91
C GLN E 341 -13.48 -0.64 13.71
N PHE E 342 -12.18 -0.44 13.86
CA PHE E 342 -11.21 -0.73 12.82
C PHE E 342 -9.94 -1.35 13.40
N ALA F 1 6.90 5.70 10.97
CA ALA F 1 6.78 4.90 9.72
C ALA F 1 6.03 5.67 8.66
N GLU F 2 6.53 5.63 7.42
CA GLU F 2 5.80 6.29 6.34
C GLU F 2 4.58 5.45 6.02
N ILE F 3 3.41 6.03 6.24
CA ILE F 3 2.15 5.33 6.01
C ILE F 3 1.35 5.86 4.83
N TYR F 4 1.86 6.91 4.18
CA TYR F 4 1.17 7.54 3.07
C TYR F 4 2.22 8.25 2.24
N ASN F 5 2.19 8.02 0.93
CA ASN F 5 3.05 8.67 -0.05
C ASN F 5 2.33 8.57 -1.38
N LYS F 6 1.78 9.70 -1.82
CA LYS F 6 0.91 9.68 -2.98
C LYS F 6 0.79 11.07 -3.51
N ASP F 7 1.01 11.23 -4.81
CA ASP F 7 0.77 12.52 -5.49
C ASP F 7 1.47 13.71 -4.82
N GLY F 8 2.72 13.50 -4.39
CA GLY F 8 3.55 14.55 -3.82
C GLY F 8 3.32 14.85 -2.33
N ASN F 9 2.51 14.04 -1.66
CA ASN F 9 2.14 14.23 -0.23
C ASN F 9 2.57 12.98 0.51
N LYS F 10 3.30 13.17 1.61
CA LYS F 10 3.80 12.06 2.42
C LYS F 10 3.44 12.28 3.89
N LEU F 11 3.20 11.19 4.62
CA LEU F 11 2.92 11.27 6.06
C LEU F 11 3.65 10.14 6.76
N ASP F 12 4.44 10.51 7.76
CA ASP F 12 5.10 9.58 8.65
C ASP F 12 4.41 9.63 9.98
N LEU F 13 3.80 8.53 10.41
CA LEU F 13 3.21 8.41 11.71
C LEU F 13 4.17 7.61 12.53
N TYR F 14 4.67 8.17 13.61
CA TYR F 14 5.72 7.52 14.36
C TYR F 14 5.38 7.52 15.84
N GLY F 15 6.10 6.70 16.59
CA GLY F 15 5.87 6.64 18.03
C GLY F 15 6.81 5.69 18.71
N LYS F 16 6.69 5.62 20.02
CA LYS F 16 7.47 4.73 20.83
C LYS F 16 6.76 4.39 22.09
N VAL F 17 7.00 3.18 22.60
CA VAL F 17 6.60 2.82 23.95
C VAL F 17 7.88 2.44 24.66
N ASP F 18 8.14 3.13 25.77
CA ASP F 18 9.32 2.89 26.59
C ASP F 18 8.86 2.31 27.92
N GLY F 19 9.01 1.01 28.10
CA GLY F 19 8.81 0.34 29.36
C GLY F 19 10.03 0.62 30.20
N LEU F 20 9.86 1.48 31.21
CA LEU F 20 10.98 2.14 31.87
C LEU F 20 10.76 2.10 33.39
N HIS F 21 11.81 1.73 34.11
CA HIS F 21 11.78 1.71 35.58
C HIS F 21 13.03 2.39 36.12
N TYR F 22 12.84 3.28 37.11
CA TYR F 22 13.95 3.93 37.84
C TYR F 22 14.11 3.30 39.24
N PHE F 23 15.36 3.15 39.65
CA PHE F 23 15.70 2.72 41.01
C PHE F 23 16.46 3.87 41.63
N SER F 24 15.92 4.44 42.71
CA SER F 24 16.53 5.57 43.38
C SER F 24 16.10 5.68 44.82
N ASP F 25 17.01 6.16 45.66
CA ASP F 25 16.65 6.59 47.01
C ASP F 25 15.73 7.83 47.01
N ASP F 26 15.73 8.60 45.93
CA ASP F 26 14.84 9.75 45.80
C ASP F 26 13.48 9.22 45.40
N ASP F 27 12.54 9.25 46.35
CA ASP F 27 11.19 8.71 46.12
C ASP F 27 10.40 9.47 45.05
N SER F 28 10.83 10.69 44.68
CA SER F 28 10.18 11.42 43.61
C SER F 28 10.64 10.95 42.22
N GLN F 29 11.69 10.14 42.18
CA GLN F 29 12.19 9.54 40.94
C GLN F 29 11.95 8.02 40.88
N ASP F 30 12.00 7.35 42.02
CA ASP F 30 11.95 5.89 42.08
C ASP F 30 10.64 5.37 41.53
N GLY F 31 10.72 4.24 40.82
CA GLY F 31 9.54 3.50 40.45
C GLY F 31 9.28 3.45 38.96
N ASP F 32 8.04 3.14 38.60
CA ASP F 32 7.66 2.97 37.19
C ASP F 32 7.66 4.33 36.47
N GLN F 33 8.32 4.39 35.33
CA GLN F 33 8.46 5.60 34.53
C GLN F 33 8.02 5.37 33.08
N THR F 34 7.26 4.30 32.85
CA THR F 34 6.76 3.97 31.52
C THR F 34 6.08 5.15 30.83
N TYR F 35 6.39 5.37 29.56
CA TYR F 35 5.73 6.42 28.78
C TYR F 35 5.69 6.04 27.32
N MET F 36 4.88 6.76 26.57
CA MET F 36 4.82 6.62 25.12
C MET F 36 4.88 7.98 24.47
N ARG F 37 5.32 8.02 23.22
CA ARG F 37 5.14 9.22 22.38
C ARG F 37 4.47 8.81 21.08
N LEU F 38 3.73 9.75 20.52
CA LEU F 38 3.11 9.57 19.20
C LEU F 38 3.36 10.86 18.44
N GLY F 39 3.56 10.80 17.14
CA GLY F 39 3.79 12.01 16.36
C GLY F 39 3.53 11.78 14.89
N PHE F 40 3.47 12.87 14.14
CA PHE F 40 3.53 12.78 12.70
C PHE F 40 4.44 13.82 12.12
N LYS F 41 5.00 13.51 10.94
CA LYS F 41 5.71 14.46 10.13
C LYS F 41 5.12 14.33 8.76
N GLY F 42 4.56 15.41 8.24
CA GLY F 42 3.94 15.40 6.94
C GLY F 42 4.64 16.39 6.04
N GLU F 43 4.66 16.09 4.74
CA GLU F 43 5.20 17.02 3.77
C GLU F 43 4.36 17.00 2.50
N THR F 44 4.29 18.16 1.85
CA THR F 44 3.56 18.30 0.61
C THR F 44 4.40 19.11 -0.39
N GLN F 45 4.62 18.54 -1.57
CA GLN F 45 5.30 19.25 -2.65
C GLN F 45 4.36 20.31 -3.22
N VAL F 46 4.77 21.58 -3.15
CA VAL F 46 3.97 22.67 -3.72
C VAL F 46 4.43 22.96 -5.14
N ASN F 47 5.74 23.16 -5.30
CA ASN F 47 6.32 23.35 -6.61
C ASN F 47 7.80 22.94 -6.57
N ASP F 48 8.53 23.19 -7.66
CA ASP F 48 9.93 22.76 -7.77
C ASP F 48 10.85 23.26 -6.67
N GLN F 49 10.55 24.42 -6.11
CA GLN F 49 11.42 25.01 -5.11
C GLN F 49 10.69 25.24 -3.80
N LEU F 50 9.57 24.54 -3.56
CA LEU F 50 8.76 24.77 -2.35
C LEU F 50 8.04 23.50 -1.87
N THR F 51 8.30 23.14 -0.62
CA THR F 51 7.63 22.06 0.08
C THR F 51 6.99 22.60 1.35
N GLY F 52 5.75 22.26 1.59
CA GLY F 52 5.11 22.55 2.87
C GLY F 52 5.28 21.40 3.83
N TYR F 53 5.36 21.70 5.13
CA TYR F 53 5.47 20.63 6.11
C TYR F 53 4.79 20.98 7.43
N GLY F 54 4.53 19.92 8.18
CA GLY F 54 3.97 20.03 9.52
C GLY F 54 4.44 18.90 10.37
N GLN F 55 4.75 19.18 11.64
CA GLN F 55 5.20 18.14 12.55
CA GLN F 55 5.14 18.10 12.56
C GLN F 55 4.50 18.31 13.90
N TRP F 56 4.13 17.20 14.52
CA TRP F 56 3.51 17.19 15.85
C TRP F 56 4.06 16.01 16.59
N GLU F 57 4.33 16.18 17.89
CA GLU F 57 4.81 15.10 18.71
C GLU F 57 4.24 15.28 20.10
N TYR F 58 3.75 14.20 20.68
CA TYR F 58 2.93 14.24 21.89
C TYR F 58 3.47 13.16 22.82
N GLN F 59 3.54 13.43 24.12
CA GLN F 59 3.94 12.42 25.11
C GLN F 59 2.76 12.09 25.99
N ILE F 60 2.53 10.81 26.26
CA ILE F 60 1.49 10.38 27.21
C ILE F 60 2.14 9.46 28.20
N GLN F 61 2.15 9.85 29.46
CA GLN F 61 2.70 8.99 30.47
C GLN F 61 1.91 7.69 30.57
N GLY F 62 2.66 6.61 30.79
CA GLY F 62 2.11 5.26 30.91
C GLY F 62 2.24 4.71 32.31
N ASN F 63 2.57 5.57 33.28
CA ASN F 63 2.85 5.17 34.64
C ASN F 63 1.82 5.68 35.64
N SER F 64 0.70 6.19 35.14
CA SER F 64 -0.40 6.60 36.03
C SER F 64 -1.56 5.64 35.97
N GLY F 65 -2.42 5.74 36.96
CA GLY F 65 -3.69 5.06 36.96
C GLY F 65 -4.69 5.72 36.06
N GLU F 66 -5.83 5.08 35.88
CA GLU F 66 -6.82 5.53 34.89
C GLU F 66 -7.68 6.71 35.35
N ASN F 67 -7.52 7.11 36.61
CA ASN F 67 -8.18 8.29 37.16
C ASN F 67 -7.47 9.59 36.83
N GLU F 68 -6.36 9.52 36.14
CA GLU F 68 -5.68 10.72 35.69
C GLU F 68 -4.98 10.51 34.39
N ASN F 69 -4.57 11.61 33.78
CA ASN F 69 -3.87 11.58 32.51
C ASN F 69 -2.82 12.68 32.54
N ASN F 70 -1.57 12.30 32.33
CA ASN F 70 -0.46 13.22 32.25
C ASN F 70 0.12 13.16 30.85
N SER F 71 -0.23 14.14 30.04
CA SER F 71 0.21 14.20 28.66
C SER F 71 0.51 15.63 28.24
N TRP F 72 1.28 15.79 27.18
CA TRP F 72 1.66 17.13 26.71
C TRP F 72 2.18 17.10 25.32
N THR F 73 2.06 18.23 24.64
CA THR F 73 2.63 18.46 23.33
C THR F 73 4.10 18.82 23.45
N ARG F 74 4.96 18.05 22.77
CA ARG F 74 6.36 18.37 22.68
C ARG F 74 6.60 19.42 21.61
N VAL F 75 6.17 19.12 20.38
CA VAL F 75 6.27 20.09 19.28
C VAL F 75 4.96 20.09 18.47
N ALA F 76 4.71 21.23 17.81
CA ALA F 76 3.56 21.38 16.93
C ALA F 76 3.83 22.59 16.06
N PHE F 77 4.29 22.37 14.84
CA PHE F 77 4.66 23.47 13.97
C PHE F 77 4.37 23.21 12.51
N ALA F 78 4.23 24.29 11.77
CA ALA F 78 4.02 24.22 10.32
C ALA F 78 5.09 25.07 9.68
N GLY F 79 5.51 24.68 8.48
CA GLY F 79 6.56 25.40 7.80
C GLY F 79 6.63 25.25 6.30
N LEU F 80 7.57 26.00 5.73
CA LEU F 80 7.87 25.97 4.30
C LEU F 80 9.37 25.74 4.13
N LYS F 81 9.71 24.80 3.24
CA LYS F 81 11.09 24.43 2.88
C LYS F 81 11.34 24.95 1.47
N PHE F 82 12.39 25.73 1.32
CA PHE F 82 12.69 26.38 0.05
C PHE F 82 13.77 25.59 -0.68
N GLY F 83 13.37 24.47 -1.28
CA GLY F 83 14.33 23.58 -1.97
C GLY F 83 15.44 23.16 -1.03
N ASP F 84 16.69 23.31 -1.48
CA ASP F 84 17.88 23.03 -0.67
C ASP F 84 18.40 24.25 0.10
N ALA F 85 17.66 25.36 0.08
CA ALA F 85 18.16 26.64 0.57
C ALA F 85 17.88 26.94 2.04
N GLY F 86 16.91 26.24 2.63
CA GLY F 86 16.55 26.53 4.02
C GLY F 86 15.06 26.43 4.25
N SER F 87 14.60 27.04 5.34
CA SER F 87 13.22 26.87 5.80
C SER F 87 12.72 27.98 6.74
N PHE F 88 11.40 28.05 6.86
CA PHE F 88 10.76 28.87 7.89
C PHE F 88 9.65 28.06 8.52
N ASP F 89 9.57 28.04 9.84
CA ASP F 89 8.43 27.42 10.52
C ASP F 89 8.01 28.22 11.75
N TYR F 90 6.77 27.99 12.16
CA TYR F 90 6.22 28.61 13.34
C TYR F 90 5.38 27.62 14.14
N GLY F 91 5.53 27.67 15.46
CA GLY F 91 4.66 26.95 16.40
C GLY F 91 5.43 26.58 17.65
N ARG F 92 5.06 25.45 18.26
CA ARG F 92 5.82 24.91 19.40
C ARG F 92 6.99 24.15 18.80
N ASN F 93 8.20 24.54 19.15
CA ASN F 93 9.39 23.95 18.53
C ASN F 93 10.57 24.05 19.49
N TYR F 94 11.75 23.68 19.03
CA TYR F 94 12.97 23.79 19.81
C TYR F 94 13.64 25.15 19.59
N GLY F 95 14.08 25.75 20.69
CA GLY F 95 14.87 26.95 20.63
C GLY F 95 16.18 26.71 19.92
N VAL F 96 16.71 27.74 19.25
CA VAL F 96 17.93 27.58 18.45
C VAL F 96 19.15 27.29 19.30
N VAL F 97 19.12 27.58 20.61
CA VAL F 97 20.23 27.19 21.47
C VAL F 97 20.48 25.66 21.37
N TYR F 98 19.39 24.91 21.23
CA TYR F 98 19.44 23.46 21.17
C TYR F 98 20.08 22.97 19.87
N ASP F 99 20.19 23.83 18.86
CA ASP F 99 20.96 23.47 17.66
C ASP F 99 22.39 23.06 18.02
N VAL F 100 22.93 23.60 19.11
CA VAL F 100 24.27 23.23 19.57
C VAL F 100 24.22 22.37 20.84
N THR F 101 23.38 22.72 21.82
CA THR F 101 23.40 21.94 23.05
C THR F 101 22.86 20.52 22.85
N SER F 102 22.08 20.29 21.79
CA SER F 102 21.62 18.93 21.46
C SER F 102 22.77 17.95 21.21
N TRP F 103 23.95 18.46 20.86
CA TRP F 103 25.08 17.58 20.56
C TRP F 103 25.47 16.67 21.72
N THR F 104 25.20 17.11 22.95
CA THR F 104 25.46 16.29 24.11
C THR F 104 24.23 15.61 24.68
N ASP F 105 23.05 15.86 24.11
CA ASP F 105 21.79 15.29 24.61
C ASP F 105 21.54 13.94 23.95
N VAL F 106 22.43 12.98 24.23
CA VAL F 106 22.48 11.71 23.52
C VAL F 106 22.61 10.51 24.46
N LEU F 107 22.35 10.71 25.75
CA LEU F 107 22.57 9.63 26.71
C LEU F 107 21.44 8.60 26.64
N PRO F 108 21.67 7.40 27.20
CA PRO F 108 20.65 6.39 27.06
C PRO F 108 19.30 6.79 27.69
N GLU F 109 19.32 7.48 28.82
CA GLU F 109 18.10 7.95 29.50
C GLU F 109 18.21 9.35 30.09
N PHE F 110 19.32 9.62 30.75
CA PHE F 110 19.52 10.90 31.44
C PHE F 110 20.12 11.92 30.51
N GLY F 111 20.79 12.95 31.03
CA GLY F 111 21.39 13.97 30.20
C GLY F 111 20.43 15.05 29.74
N GLY F 112 21.00 16.04 29.06
CA GLY F 112 20.20 17.11 28.48
C GLY F 112 19.50 17.99 29.50
N ASP F 113 20.01 18.05 30.72
CA ASP F 113 19.27 18.60 31.84
C ASP F 113 19.99 19.73 32.59
N THR F 114 20.94 20.39 31.92
CA THR F 114 21.41 21.71 32.42
C THR F 114 20.43 22.84 32.07
N TYR F 115 19.36 22.49 31.35
CA TYR F 115 18.27 23.38 30.95
C TYR F 115 17.04 22.46 30.89
N GLY F 116 15.88 23.03 30.63
CA GLY F 116 14.66 22.23 30.47
C GLY F 116 13.73 22.79 29.44
N SER F 117 12.48 22.30 29.45
CA SER F 117 11.47 22.77 28.51
C SER F 117 10.84 24.06 29.02
N ASP F 118 10.28 24.82 28.09
CA ASP F 118 9.66 26.12 28.39
C ASP F 118 10.61 26.96 29.23
N ASN F 119 11.86 27.02 28.81
CA ASN F 119 12.96 27.57 29.58
C ASN F 119 13.64 28.59 28.67
N PHE F 120 12.95 29.71 28.47
CA PHE F 120 13.32 30.71 27.46
C PHE F 120 13.64 30.01 26.13
N MET F 121 14.70 30.38 25.44
CA MET F 121 14.93 29.81 24.09
C MET F 121 15.88 28.61 24.12
N GLN F 122 15.94 27.88 25.23
CA GLN F 122 16.94 26.82 25.39
C GLN F 122 16.54 25.46 24.84
N GLN F 123 15.25 25.16 24.85
CA GLN F 123 14.79 23.86 24.37
C GLN F 123 13.35 24.02 23.87
N ARG F 124 12.43 23.10 24.14
CA ARG F 124 11.11 23.22 23.56
C ARG F 124 10.37 24.42 24.20
N GLY F 125 9.53 25.06 23.41
CA GLY F 125 8.81 26.26 23.90
C GLY F 125 7.78 26.70 22.89
N ASN F 126 6.86 27.56 23.33
CA ASN F 126 5.78 28.03 22.47
C ASN F 126 6.14 29.25 21.64
N GLY F 127 5.60 29.31 20.43
CA GLY F 127 5.59 30.58 19.69
C GLY F 127 6.89 30.96 19.03
N PHE F 128 7.70 29.95 18.65
CA PHE F 128 8.95 30.20 17.90
C PHE F 128 8.67 30.37 16.42
N ALA F 129 9.17 31.49 15.88
CA ALA F 129 9.32 31.73 14.45
C ALA F 129 10.78 31.50 14.11
N THR F 130 11.06 30.50 13.28
CA THR F 130 12.44 30.05 13.05
C THR F 130 12.81 30.01 11.57
N TYR F 131 13.81 30.81 11.22
CA TYR F 131 14.39 30.83 9.88
C TYR F 131 15.71 30.07 9.91
N ARG F 132 15.88 29.15 8.95
CA ARG F 132 17.11 28.38 8.83
C ARG F 132 17.66 28.50 7.42
N ASN F 133 18.98 28.67 7.34
CA ASN F 133 19.69 28.90 6.09
C ASN F 133 20.77 27.84 5.93
N SER F 134 20.75 27.15 4.79
CA SER F 134 21.67 26.07 4.48
C SER F 134 22.87 26.59 3.72
N ASP F 135 24.06 26.22 4.18
CA ASP F 135 25.28 26.47 3.40
C ASP F 135 25.51 27.96 3.02
N PHE F 136 25.12 28.86 3.92
CA PHE F 136 25.28 30.28 3.77
C PHE F 136 24.82 30.80 2.40
N PHE F 137 23.52 30.71 2.15
CA PHE F 137 22.92 31.12 0.87
C PHE F 137 23.42 30.27 -0.31
N GLY F 138 23.81 29.04 -0.01
CA GLY F 138 24.41 28.15 -1.01
C GLY F 138 25.84 28.52 -1.38
N LEU F 139 26.47 29.43 -0.65
CA LEU F 139 27.79 29.94 -1.00
C LEU F 139 28.95 29.33 -0.22
N VAL F 140 28.68 28.75 0.95
CA VAL F 140 29.74 28.18 1.79
C VAL F 140 29.28 26.82 2.30
N ASP F 141 29.77 25.75 1.67
CA ASP F 141 29.35 24.40 2.02
C ASP F 141 29.64 24.11 3.49
N GLY F 142 28.63 23.63 4.20
CA GLY F 142 28.77 23.24 5.60
C GLY F 142 28.60 24.32 6.66
N LEU F 143 28.37 25.57 6.23
CA LEU F 143 28.08 26.67 7.14
C LEU F 143 26.59 26.92 7.19
N ASN F 144 25.97 26.57 8.31
CA ASN F 144 24.53 26.68 8.47
C ASN F 144 24.27 27.71 9.55
N PHE F 145 23.21 28.48 9.39
CA PHE F 145 22.78 29.37 10.45
C PHE F 145 21.27 29.45 10.60
N ALA F 146 20.84 29.91 11.78
CA ALA F 146 19.43 30.08 12.08
C ALA F 146 19.22 31.36 12.86
N VAL F 147 18.08 31.98 12.62
CA VAL F 147 17.65 33.14 13.38
C VAL F 147 16.24 32.86 13.85
N GLN F 148 15.98 33.19 15.10
CA GLN F 148 14.73 32.82 15.73
C GLN F 148 14.16 33.91 16.59
N TYR F 149 12.85 34.02 16.55
CA TYR F 149 12.08 34.94 17.40
C TYR F 149 11.08 34.14 18.21
N GLN F 150 10.88 34.55 19.48
CA GLN F 150 9.86 33.96 20.33
C GLN F 150 8.99 35.07 20.92
N GLY F 151 7.69 35.02 20.66
CA GLY F 151 6.78 35.99 21.26
C GLY F 151 6.57 35.71 22.73
N LYS F 152 6.29 36.76 23.50
CA LYS F 152 5.89 36.65 24.91
C LYS F 152 4.88 35.53 25.15
N ASN F 153 5.16 34.70 26.15
CA ASN F 153 4.19 33.75 26.71
C ASN F 153 4.13 34.07 28.18
N GLY F 154 3.07 34.78 28.56
CA GLY F 154 2.99 35.45 29.86
C GLY F 154 2.16 34.74 30.89
N SER F 155 1.53 35.55 31.75
CA SER F 155 0.73 35.03 32.85
C SER F 155 -0.71 34.76 32.44
N ALA F 156 -1.42 34.02 33.29
CA ALA F 156 -2.85 33.73 33.07
C ALA F 156 -3.72 34.97 33.21
N SER F 157 -3.29 35.89 34.08
CA SER F 157 -4.05 37.10 34.31
C SER F 157 -3.10 38.21 34.72
N GLY F 158 -3.64 39.41 34.79
CA GLY F 158 -2.90 40.54 35.33
C GLY F 158 -1.94 41.14 34.34
N GLU F 159 -0.90 41.78 34.87
CA GLU F 159 -0.03 42.63 34.08
C GLU F 159 0.67 41.93 32.92
N ASP F 160 1.06 40.66 33.12
CA ASP F 160 1.82 39.93 32.09
C ASP F 160 0.94 39.09 31.19
N GLN F 161 -0.38 39.30 31.21
CA GLN F 161 -1.28 38.32 30.60
C GLN F 161 -1.08 38.17 29.09
N THR F 162 -1.04 36.91 28.66
CA THR F 162 -1.25 36.54 27.26
C THR F 162 -2.37 35.47 27.23
N ASN F 163 -2.85 35.12 26.04
CA ASN F 163 -3.97 34.20 25.95
C ASN F 163 -3.62 32.84 26.58
N ASN F 164 -2.35 32.47 26.42
CA ASN F 164 -1.81 31.16 26.77
C ASN F 164 -0.93 31.18 28.01
N GLY F 165 -1.42 31.90 29.01
CA GLY F 165 -0.66 32.14 30.21
C GLY F 165 -0.28 30.92 31.02
N ARG F 166 0.83 31.05 31.75
CA ARG F 166 1.36 29.96 32.56
C ARG F 166 2.18 30.49 33.73
N THR F 167 2.57 29.56 34.58
CA THR F 167 3.36 29.85 35.76
C THR F 167 4.73 30.46 35.40
N GLU F 168 5.27 31.23 36.33
CA GLU F 168 6.46 32.07 36.09
C GLU F 168 7.67 31.30 35.56
N LEU F 169 7.90 30.09 36.07
CA LEU F 169 9.06 29.31 35.63
C LEU F 169 8.99 28.85 34.17
N ARG F 170 7.81 28.97 33.56
CA ARG F 170 7.61 28.62 32.13
C ARG F 170 7.21 29.80 31.25
N GLN F 171 7.31 31.02 31.79
CA GLN F 171 7.02 32.23 31.02
C GLN F 171 8.23 32.72 30.23
N ASN F 172 7.97 33.63 29.30
CA ASN F 172 9.03 34.37 28.65
C ASN F 172 8.43 35.65 28.08
N GLY F 173 9.27 36.67 27.99
CA GLY F 173 8.99 37.82 27.15
C GLY F 173 9.45 37.60 25.71
N ASP F 174 9.31 38.63 24.90
CA ASP F 174 9.80 38.60 23.52
C ASP F 174 11.28 38.30 23.50
N GLY F 175 11.70 37.38 22.64
CA GLY F 175 13.08 36.94 22.58
C GLY F 175 13.61 36.78 21.17
N VAL F 176 14.92 36.89 21.05
CA VAL F 176 15.62 36.64 19.79
C VAL F 176 16.87 35.81 20.03
N GLY F 177 17.17 34.93 19.08
CA GLY F 177 18.35 34.10 19.18
C GLY F 177 18.84 33.66 17.82
N GLY F 178 20.03 33.08 17.82
CA GLY F 178 20.59 32.55 16.59
C GLY F 178 21.61 31.47 16.86
N SER F 179 21.90 30.73 15.80
CA SER F 179 22.95 29.69 15.85
C SER F 179 23.72 29.68 14.55
N ILE F 180 24.97 29.22 14.65
CA ILE F 180 25.85 29.00 13.52
C ILE F 180 26.57 27.68 13.77
N THR F 181 26.53 26.77 12.79
CA THR F 181 27.34 25.55 12.87
C THR F 181 28.18 25.43 11.63
N TYR F 182 29.32 24.77 11.78
CA TYR F 182 30.23 24.55 10.66
C TYR F 182 30.79 23.14 10.70
N ASN F 183 30.75 22.50 9.53
CA ASN F 183 31.34 21.19 9.33
C ASN F 183 32.82 21.38 9.03
N LEU F 184 33.69 21.00 9.97
CA LEU F 184 35.14 21.14 9.79
C LEU F 184 35.72 20.04 8.94
N GLY F 185 34.93 18.99 8.68
CA GLY F 185 35.37 17.85 7.89
C GLY F 185 35.86 16.71 8.76
N GLU F 186 35.95 15.52 8.15
CA GLU F 186 36.49 14.32 8.78
C GLU F 186 35.74 13.94 10.06
N GLY F 187 34.46 14.28 10.15
CA GLY F 187 33.64 14.00 11.32
C GLY F 187 33.52 15.09 12.36
N PHE F 188 34.30 16.17 12.23
CA PHE F 188 34.33 17.26 13.21
C PHE F 188 33.32 18.37 12.91
N GLY F 189 32.62 18.80 13.95
CA GLY F 189 31.71 19.95 13.86
C GLY F 189 31.97 20.94 14.99
N ILE F 190 31.71 22.21 14.70
CA ILE F 190 31.82 23.30 15.68
C ILE F 190 30.57 24.17 15.59
N GLY F 191 30.10 24.67 16.72
CA GLY F 191 28.89 25.48 16.72
C GLY F 191 28.85 26.49 17.84
N THR F 192 28.02 27.52 17.62
CA THR F 192 27.74 28.53 18.63
C THR F 192 26.28 28.94 18.54
N ALA F 193 25.74 29.37 19.66
CA ALA F 193 24.37 29.88 19.69
C ALA F 193 24.26 30.94 20.77
N VAL F 194 23.39 31.92 20.51
CA VAL F 194 23.15 32.99 21.49
C VAL F 194 21.64 33.19 21.54
N SER F 195 21.11 33.46 22.73
CA SER F 195 19.72 33.88 22.87
C SER F 195 19.59 34.98 23.90
N SER F 196 18.56 35.80 23.70
CA SER F 196 18.28 36.94 24.57
C SER F 196 16.77 37.15 24.61
N SER F 197 16.20 36.90 25.79
CA SER F 197 14.75 36.98 26.03
C SER F 197 14.43 38.01 27.08
N LYS F 198 13.43 38.87 26.79
CA LYS F 198 12.85 39.67 27.86
C LYS F 198 12.27 38.74 28.92
N ARG F 199 12.42 39.14 30.18
CA ARG F 199 11.77 38.50 31.30
C ARG F 199 10.52 39.27 31.66
N THR F 200 9.55 38.61 32.26
CA THR F 200 8.31 39.26 32.62
C THR F 200 8.34 39.81 34.05
N SER F 201 7.42 40.73 34.33
CA SER F 201 7.38 41.35 35.65
C SER F 201 7.11 40.31 36.76
N SER F 202 6.26 39.31 36.50
CA SER F 202 5.99 38.27 37.49
C SER F 202 7.22 37.38 37.71
N GLN F 203 7.99 37.12 36.66
CA GLN F 203 9.25 36.40 36.84
C GLN F 203 10.19 37.15 37.78
N ASN F 204 10.22 38.47 37.62
CA ASN F 204 11.08 39.30 38.44
C ASN F 204 10.58 39.57 39.84
N ASP F 205 9.37 39.10 40.17
CA ASP F 205 8.86 39.16 41.56
C ASP F 205 9.30 37.94 42.37
N LEU F 206 9.79 36.88 41.70
CA LEU F 206 10.41 35.77 42.42
CA LEU F 206 10.42 35.77 42.40
C LEU F 206 11.74 36.26 43.00
N THR F 207 12.19 35.58 44.06
CA THR F 207 13.40 36.01 44.77
C THR F 207 14.68 35.81 43.94
N TYR F 208 14.76 34.73 43.19
CA TYR F 208 16.01 34.30 42.58
C TYR F 208 16.10 34.65 41.11
N GLY F 209 17.15 35.38 40.75
CA GLY F 209 17.54 35.57 39.35
C GLY F 209 16.83 36.67 38.63
N ASN F 210 16.66 37.81 39.28
CA ASN F 210 16.01 38.96 38.62
C ASN F 210 16.88 39.57 37.55
N GLY F 211 16.21 40.18 36.59
CA GLY F 211 16.88 40.94 35.57
C GLY F 211 15.96 41.20 34.39
N ASP F 212 16.36 42.19 33.58
CA ASP F 212 15.59 42.56 32.41
C ASP F 212 15.48 41.43 31.39
N ARG F 213 16.58 40.68 31.24
CA ARG F 213 16.71 39.68 30.17
C ARG F 213 17.33 38.39 30.69
N ALA F 214 16.86 37.29 30.10
CA ALA F 214 17.48 35.99 30.20
C ALA F 214 18.37 35.83 28.96
N GLU F 215 19.64 35.49 29.17
CA GLU F 215 20.61 35.40 28.07
C GLU F 215 21.40 34.14 28.18
N THR F 216 21.72 33.56 27.02
CA THR F 216 22.55 32.35 26.96
C THR F 216 23.58 32.52 25.86
N TYR F 217 24.79 32.00 26.12
CA TYR F 217 25.89 31.98 25.15
C TYR F 217 26.52 30.59 25.16
N THR F 218 26.57 29.95 23.99
CA THR F 218 26.93 28.54 23.89
C THR F 218 28.02 28.32 22.85
N GLY F 219 28.98 27.47 23.19
CA GLY F 219 29.90 26.88 22.21
C GLY F 219 29.85 25.38 22.29
N GLY F 220 29.99 24.71 21.14
CA GLY F 220 29.98 23.26 21.11
C GLY F 220 30.96 22.69 20.09
N LEU F 221 31.39 21.46 20.36
CA LEU F 221 32.27 20.69 19.47
C LEU F 221 31.76 19.26 19.42
N LYS F 222 31.86 18.64 18.25
CA LYS F 222 31.59 17.24 18.16
C LYS F 222 32.48 16.53 17.15
N TYR F 223 32.60 15.23 17.37
CA TYR F 223 33.26 14.29 16.48
C TYR F 223 32.31 13.11 16.31
N ASP F 224 31.97 12.81 15.06
CA ASP F 224 30.96 11.81 14.74
C ASP F 224 31.41 11.04 13.49
N ALA F 225 32.24 10.03 13.70
CA ALA F 225 32.74 9.17 12.60
C ALA F 225 33.36 7.92 13.17
N ASN F 226 33.53 6.90 12.30
CA ASN F 226 34.21 5.66 12.67
C ASN F 226 33.65 4.99 13.91
N ASN F 227 32.31 5.02 14.05
CA ASN F 227 31.59 4.43 15.17
C ASN F 227 31.87 5.08 16.54
N ILE F 228 32.51 6.26 16.53
CA ILE F 228 32.84 7.02 17.73
C ILE F 228 31.96 8.29 17.74
N TYR F 229 31.43 8.65 18.90
CA TYR F 229 30.73 9.91 19.06
C TYR F 229 31.28 10.60 20.29
N LEU F 230 31.87 11.79 20.08
CA LEU F 230 32.33 12.66 21.17
C LEU F 230 31.69 14.01 21.03
N ALA F 231 31.26 14.60 22.12
CA ALA F 231 30.74 15.97 22.06
C ALA F 231 30.91 16.69 23.38
N ALA F 232 31.00 18.02 23.30
CA ALA F 232 31.02 18.86 24.48
C ALA F 232 30.28 20.13 24.14
N GLN F 233 29.62 20.68 25.16
CA GLN F 233 29.01 21.99 25.05
C GLN F 233 29.23 22.78 26.35
N TYR F 234 29.56 24.06 26.18
CA TYR F 234 29.66 24.99 27.28
C TYR F 234 28.66 26.09 27.02
N THR F 235 27.86 26.40 28.05
CA THR F 235 26.86 27.47 27.96
C THR F 235 26.96 28.31 29.22
N GLN F 236 27.08 29.62 29.03
CA GLN F 236 27.03 30.57 30.13
C GLN F 236 25.69 31.28 30.04
N THR F 237 25.00 31.34 31.17
CA THR F 237 23.66 31.91 31.20
C THR F 237 23.52 33.02 32.24
N TYR F 238 22.54 33.85 31.98
CA TYR F 238 22.20 34.98 32.84
C TYR F 238 20.68 35.02 33.05
N ASN F 239 20.25 34.86 34.31
CA ASN F 239 18.83 34.89 34.69
C ASN F 239 18.00 33.90 33.85
N ALA F 240 18.61 32.77 33.49
CA ALA F 240 17.98 31.83 32.55
C ALA F 240 17.97 30.37 32.97
N THR F 241 18.90 29.98 33.84
CA THR F 241 18.99 28.60 34.34
C THR F 241 18.15 28.48 35.61
N ARG F 242 17.19 27.56 35.60
CA ARG F 242 16.32 27.41 36.75
C ARG F 242 17.08 26.87 37.97
N VAL F 243 16.70 27.36 39.15
CA VAL F 243 17.25 26.88 40.41
C VAL F 243 16.11 26.10 41.04
N GLY F 244 16.10 24.80 40.78
CA GLY F 244 14.99 23.96 41.21
C GLY F 244 13.70 24.62 40.78
N ASN F 245 12.79 24.83 41.72
CA ASN F 245 11.51 25.48 41.43
C ASN F 245 11.43 26.87 42.13
N LEU F 246 12.59 27.45 42.43
CA LEU F 246 12.65 28.70 43.18
C LEU F 246 12.75 29.96 42.32
N GLY F 247 13.15 29.79 41.06
CA GLY F 247 13.52 30.95 40.24
C GLY F 247 14.69 30.58 39.38
N TRP F 248 15.62 31.52 39.17
CA TRP F 248 16.75 31.30 38.26
C TRP F 248 18.06 31.72 38.91
N ALA F 249 19.15 31.23 38.35
CA ALA F 249 20.50 31.62 38.80
C ALA F 249 20.86 32.92 38.12
N ASN F 250 21.33 33.90 38.88
CA ASN F 250 21.78 35.15 38.26
C ASN F 250 22.78 34.89 37.13
N LYS F 251 23.73 34.00 37.40
CA LYS F 251 24.63 33.51 36.36
C LYS F 251 24.78 32.02 36.57
N ALA F 252 24.91 31.29 35.46
CA ALA F 252 25.31 29.88 35.54
C ALA F 252 26.29 29.52 34.45
N GLN F 253 27.14 28.55 34.78
CA GLN F 253 28.13 28.04 33.83
C GLN F 253 27.84 26.54 33.69
N ASN F 254 27.41 26.16 32.51
CA ASN F 254 26.99 24.78 32.23
C ASN F 254 27.95 24.08 31.31
N PHE F 255 28.26 22.84 31.64
CA PHE F 255 29.20 22.07 30.85
C PHE F 255 28.70 20.63 30.75
N GLU F 256 28.70 20.10 29.52
CA GLU F 256 28.33 18.70 29.28
C GLU F 256 29.34 18.10 28.31
N VAL F 257 29.75 16.87 28.59
CA VAL F 257 30.67 16.17 27.71
C VAL F 257 30.29 14.69 27.69
N VAL F 258 30.41 14.09 26.52
CA VAL F 258 29.99 12.71 26.32
C VAL F 258 30.91 12.00 25.36
N ALA F 259 31.08 10.71 25.60
CA ALA F 259 31.81 9.83 24.71
C ALA F 259 31.03 8.53 24.56
N GLN F 260 30.89 8.07 23.32
CA GLN F 260 30.16 6.84 23.02
C GLN F 260 30.87 6.07 21.92
N TYR F 261 30.65 4.77 21.92
CA TYR F 261 31.16 3.90 20.86
C TYR F 261 30.08 2.92 20.44
N GLN F 262 29.92 2.71 19.14
CA GLN F 262 28.94 1.77 18.61
C GLN F 262 29.64 0.51 18.13
N PHE F 263 29.41 -0.60 18.84
CA PHE F 263 29.83 -1.93 18.37
C PHE F 263 28.92 -2.43 17.25
N ASP F 264 29.51 -3.15 16.29
CA ASP F 264 28.72 -3.68 15.17
C ASP F 264 27.59 -4.60 15.61
N PHE F 265 27.79 -5.34 16.71
CA PHE F 265 26.76 -6.28 17.18
C PHE F 265 25.55 -5.60 17.87
N GLY F 266 25.64 -4.28 18.10
CA GLY F 266 24.48 -3.49 18.52
C GLY F 266 24.64 -2.69 19.82
N LEU F 267 25.69 -2.98 20.59
CA LEU F 267 25.90 -2.34 21.89
C LEU F 267 26.55 -0.96 21.73
N ARG F 268 25.99 0.01 22.44
CA ARG F 268 26.49 1.39 22.43
C ARG F 268 26.72 1.89 23.86
N PRO F 269 27.91 1.61 24.42
CA PRO F 269 28.26 2.22 25.72
C PRO F 269 28.43 3.73 25.65
N SER F 270 28.19 4.39 26.80
CA SER F 270 28.17 5.84 26.89
C SER F 270 28.71 6.26 28.25
N VAL F 271 29.60 7.26 28.24
CA VAL F 271 30.11 7.85 29.46
CA VAL F 271 30.07 7.86 29.47
C VAL F 271 29.97 9.36 29.29
N ALA F 272 29.52 10.05 30.35
CA ALA F 272 29.30 11.48 30.26
C ALA F 272 29.52 12.15 31.59
N TYR F 273 29.74 13.45 31.53
CA TYR F 273 29.83 14.29 32.72
C TYR F 273 29.05 15.56 32.47
N LEU F 274 28.23 15.96 33.46
CA LEU F 274 27.46 17.20 33.39
C LEU F 274 27.60 17.98 34.67
N GLN F 275 27.76 19.30 34.51
CA GLN F 275 27.67 20.18 35.65
C GLN F 275 27.01 21.51 35.31
N SER F 276 26.34 22.08 36.30
CA SER F 276 25.78 23.43 36.20
C SER F 276 26.16 24.15 37.48
N LYS F 277 26.96 25.20 37.32
CA LYS F 277 27.50 25.99 38.43
C LYS F 277 26.76 27.32 38.51
N GLY F 278 25.96 27.50 39.56
CA GLY F 278 25.20 28.74 39.76
C GLY F 278 26.01 29.74 40.55
N LYS F 279 25.88 31.01 40.16
CA LYS F 279 26.64 32.10 40.80
C LYS F 279 25.73 33.17 41.31
N ASP F 280 26.09 33.75 42.46
CA ASP F 280 25.44 34.95 43.01
C ASP F 280 23.97 34.72 43.37
N LEU F 281 23.63 33.52 43.85
CA LEU F 281 22.25 33.24 44.27
C LEU F 281 21.88 34.10 45.50
N GLU F 282 20.61 34.50 45.50
CA GLU F 282 20.01 35.28 46.59
C GLU F 282 19.89 34.48 47.87
N ASN F 283 19.42 35.16 48.93
CA ASN F 283 19.19 34.54 50.26
C ASN F 283 20.45 33.91 50.85
N GLY F 284 21.60 34.52 50.54
CA GLY F 284 22.88 34.11 51.11
C GLY F 284 23.46 32.82 50.53
N TYR F 285 22.87 32.31 49.46
CA TYR F 285 23.35 31.04 48.94
C TYR F 285 24.60 31.19 48.08
N GLY F 286 24.76 32.34 47.42
CA GLY F 286 25.98 32.64 46.69
C GLY F 286 26.22 31.65 45.57
N ASP F 287 27.43 31.10 45.49
CA ASP F 287 27.75 30.10 44.49
C ASP F 287 27.27 28.73 44.95
N GLN F 288 26.58 27.99 44.06
CA GLN F 288 26.07 26.65 44.35
C GLN F 288 26.11 25.78 43.10
N ASP F 289 26.46 24.52 43.27
CA ASP F 289 26.27 23.55 42.21
C ASP F 289 24.76 23.30 42.08
N LEU F 290 24.26 23.41 40.86
CA LEU F 290 22.86 23.10 40.57
C LEU F 290 22.66 21.68 40.00
N LEU F 291 23.72 21.16 39.40
CA LEU F 291 23.72 19.86 38.76
C LEU F 291 25.16 19.38 38.71
N LYS F 292 25.40 18.11 39.03
CA LYS F 292 26.75 17.57 38.93
C LYS F 292 26.66 16.06 38.98
N TYR F 293 26.90 15.41 37.84
CA TYR F 293 26.88 13.96 37.81
C TYR F 293 27.73 13.35 36.70
N VAL F 294 28.18 12.13 36.97
CA VAL F 294 28.76 11.27 35.96
C VAL F 294 27.66 10.33 35.53
N ASP F 295 27.58 10.07 34.22
CA ASP F 295 26.62 9.12 33.70
C ASP F 295 27.31 8.01 32.96
N VAL F 296 26.97 6.78 33.32
CA VAL F 296 27.53 5.61 32.64
CA VAL F 296 27.52 5.61 32.63
C VAL F 296 26.35 4.71 32.28
N GLY F 297 26.30 4.27 31.03
CA GLY F 297 25.19 3.47 30.58
C GLY F 297 25.50 2.79 29.27
N ALA F 298 24.51 2.08 28.75
CA ALA F 298 24.64 1.47 27.44
C ALA F 298 23.28 1.15 26.87
N THR F 299 23.16 1.30 25.56
CA THR F 299 21.99 0.89 24.82
C THR F 299 22.39 -0.27 23.93
N TYR F 300 21.54 -1.30 23.92
CA TYR F 300 21.66 -2.36 22.94
C TYR F 300 20.51 -2.20 21.95
N TYR F 301 20.85 -1.98 20.67
CA TYR F 301 19.90 -1.89 19.60
C TYR F 301 19.72 -3.26 18.98
N PHE F 302 18.53 -3.84 19.17
CA PHE F 302 18.19 -5.08 18.48
C PHE F 302 18.09 -4.84 16.98
N ASN F 303 17.48 -3.71 16.62
CA ASN F 303 17.37 -3.23 15.23
C ASN F 303 16.84 -1.79 15.31
N LYS F 304 16.40 -1.18 14.21
CA LYS F 304 15.92 0.22 14.26
C LYS F 304 14.57 0.42 15.00
N ASN F 305 13.88 -0.69 15.32
CA ASN F 305 12.58 -0.62 15.97
C ASN F 305 12.57 -1.10 17.42
N MET F 306 13.67 -1.65 17.92
CA MET F 306 13.67 -2.22 19.26
C MET F 306 15.03 -2.06 19.90
N SER F 307 15.02 -1.63 21.15
CA SER F 307 16.25 -1.45 21.91
C SER F 307 16.00 -1.64 23.39
N THR F 308 17.09 -1.79 24.13
CA THR F 308 17.01 -1.85 25.58
C THR F 308 18.21 -1.12 26.16
N TYR F 309 18.07 -0.56 27.36
CA TYR F 309 19.18 0.15 27.93
C TYR F 309 19.24 0.14 29.43
N VAL F 310 20.44 0.40 29.94
CA VAL F 310 20.66 0.71 31.34
C VAL F 310 21.37 2.05 31.37
N ASP F 311 21.02 2.88 32.34
CA ASP F 311 21.70 4.15 32.51
C ASP F 311 21.86 4.41 33.99
N TYR F 312 23.03 4.88 34.37
CA TYR F 312 23.38 5.07 35.79
C TYR F 312 23.84 6.50 36.00
N LYS F 313 22.99 7.28 36.66
CA LYS F 313 23.31 8.63 37.07
C LYS F 313 24.00 8.57 38.42
N ILE F 314 25.29 8.90 38.44
CA ILE F 314 26.12 8.88 39.62
C ILE F 314 26.18 10.31 40.08
N ASN F 315 25.32 10.63 41.05
CA ASN F 315 25.09 12.01 41.44
C ASN F 315 26.17 12.48 42.40
N LEU F 316 26.88 13.55 42.01
CA LEU F 316 27.98 14.08 42.80
C LEU F 316 27.58 15.31 43.64
N LEU F 317 26.32 15.74 43.53
CA LEU F 317 25.84 16.78 44.44
C LEU F 317 25.79 16.32 45.87
N ASP F 318 26.11 17.24 46.79
CA ASP F 318 25.96 16.98 48.21
C ASP F 318 24.55 17.31 48.67
N ASP F 319 24.00 16.43 49.50
CA ASP F 319 22.72 16.67 50.14
C ASP F 319 22.97 17.77 51.22
N LYS F 320 22.27 18.90 51.02
CA LYS F 320 22.40 20.01 51.97
C LYS F 320 21.16 20.87 51.95
N GLU F 321 21.09 21.82 52.88
CA GLU F 321 19.87 22.63 52.99
C GLU F 321 19.50 23.30 51.66
N PHE F 322 20.49 23.83 50.94
CA PHE F 322 20.23 24.46 49.64
C PHE F 322 19.48 23.53 48.64
N THR F 323 20.00 22.31 48.46
CA THR F 323 19.41 21.42 47.48
C THR F 323 18.03 20.94 47.94
N ARG F 324 17.88 20.71 49.25
CA ARG F 324 16.56 20.35 49.78
C ARG F 324 15.54 21.47 49.59
N ASN F 325 15.96 22.71 49.89
CA ASN F 325 15.09 23.86 49.71
C ASN F 325 14.67 24.05 48.25
N ALA F 326 15.64 23.91 47.35
CA ALA F 326 15.38 24.07 45.91
C ALA F 326 14.63 22.90 45.26
N GLY F 327 14.60 21.76 45.93
CA GLY F 327 14.03 20.54 45.36
C GLY F 327 14.93 19.90 44.32
N ILE F 328 16.24 20.12 44.44
CA ILE F 328 17.22 19.51 43.51
C ILE F 328 17.61 18.13 44.03
N SER F 329 17.46 17.12 43.17
CA SER F 329 17.79 15.74 43.57
C SER F 329 19.28 15.52 43.68
N THR F 330 19.70 14.89 44.78
CA THR F 330 21.10 14.61 45.03
C THR F 330 21.39 13.09 45.06
N ASP F 331 20.39 12.26 44.77
CA ASP F 331 20.55 10.81 44.80
C ASP F 331 20.91 10.22 43.44
N ASP F 332 21.59 9.08 43.48
CA ASP F 332 21.87 8.32 42.27
C ASP F 332 20.56 7.77 41.70
N ILE F 333 20.54 7.51 40.39
CA ILE F 333 19.42 6.79 39.76
C ILE F 333 19.99 5.74 38.81
N VAL F 334 19.40 4.55 38.84
CA VAL F 334 19.59 3.56 37.77
C VAL F 334 18.28 3.41 37.00
N ALA F 335 18.35 3.51 35.68
CA ALA F 335 17.22 3.32 34.78
C ALA F 335 17.41 2.06 33.95
N LEU F 336 16.34 1.30 33.81
CA LEU F 336 16.28 0.17 32.89
C LEU F 336 15.10 0.42 31.97
N GLY F 337 15.36 0.34 30.66
CA GLY F 337 14.33 0.57 29.65
C GLY F 337 14.31 -0.48 28.56
N LEU F 338 13.09 -0.72 28.06
CA LEU F 338 12.84 -1.58 26.88
C LEU F 338 11.91 -0.79 25.96
N VAL F 339 12.37 -0.55 24.74
CA VAL F 339 11.75 0.41 23.84
C VAL F 339 11.40 -0.20 22.50
N TYR F 340 10.12 -0.14 22.18
CA TYR F 340 9.60 -0.46 20.85
C TYR F 340 9.30 0.87 20.18
N GLN F 341 9.74 1.06 18.94
CA GLN F 341 9.43 2.28 18.21
C GLN F 341 9.13 1.99 16.75
N PHE F 342 8.38 2.87 16.11
CA PHE F 342 8.04 2.75 14.72
C PHE F 342 8.05 4.09 14.02
#